data_3IRA
# 
_entry.id   3IRA 
# 
_audit_conform.dict_name       mmcif_pdbx.dic 
_audit_conform.dict_version    5.399 
_audit_conform.dict_location   http://mmcif.pdb.org/dictionaries/ascii/mmcif_pdbx.dic 
# 
loop_
_database_2.database_id 
_database_2.database_code 
_database_2.pdbx_database_accession 
_database_2.pdbx_DOI 
PDB   3IRA         pdb_00003ira 10.2210/pdb3ira/pdb 
RCSB  RCSB054766   ?            ?                   
WWPDB D_1000054766 ?            ?                   
# 
loop_
_pdbx_audit_revision_history.ordinal 
_pdbx_audit_revision_history.data_content_type 
_pdbx_audit_revision_history.major_revision 
_pdbx_audit_revision_history.minor_revision 
_pdbx_audit_revision_history.revision_date 
1 'Structure model' 1 0 2009-10-20 
2 'Structure model' 1 1 2011-07-13 
3 'Structure model' 1 2 2024-11-27 
# 
_pdbx_audit_revision_details.ordinal             1 
_pdbx_audit_revision_details.revision_ordinal    1 
_pdbx_audit_revision_details.data_content_type   'Structure model' 
_pdbx_audit_revision_details.provider            repository 
_pdbx_audit_revision_details.type                'Initial release' 
_pdbx_audit_revision_details.description         ? 
_pdbx_audit_revision_details.details             ? 
# 
loop_
_pdbx_audit_revision_group.ordinal 
_pdbx_audit_revision_group.revision_ordinal 
_pdbx_audit_revision_group.data_content_type 
_pdbx_audit_revision_group.group 
1 2 'Structure model' Advisory                    
2 2 'Structure model' 'Source and taxonomy'       
3 2 'Structure model' 'Version format compliance' 
4 3 'Structure model' 'Data collection'           
5 3 'Structure model' 'Database references'       
6 3 'Structure model' 'Structure summary'         
# 
loop_
_pdbx_audit_revision_category.ordinal 
_pdbx_audit_revision_category.revision_ordinal 
_pdbx_audit_revision_category.data_content_type 
_pdbx_audit_revision_category.category 
1 3 'Structure model' chem_comp_atom            
2 3 'Structure model' chem_comp_bond            
3 3 'Structure model' database_2                
4 3 'Structure model' pdbx_entry_details        
5 3 'Structure model' pdbx_modification_feature 
# 
loop_
_pdbx_audit_revision_item.ordinal 
_pdbx_audit_revision_item.revision_ordinal 
_pdbx_audit_revision_item.data_content_type 
_pdbx_audit_revision_item.item 
1 3 'Structure model' '_database_2.pdbx_DOI'                
2 3 'Structure model' '_database_2.pdbx_database_accession' 
# 
_pdbx_database_status.status_code                     REL 
_pdbx_database_status.entry_id                        3IRA 
_pdbx_database_status.recvd_initial_deposition_date   2009-08-21 
_pdbx_database_status.deposit_site                    RCSB 
_pdbx_database_status.process_site                    RCSB 
_pdbx_database_status.status_code_sf                  REL 
_pdbx_database_status.status_code_mr                  ? 
_pdbx_database_status.SG_entry                        Y 
_pdbx_database_status.pdb_format_compatible           Y 
_pdbx_database_status.status_code_cs                  ? 
_pdbx_database_status.status_code_nmr_data            ? 
_pdbx_database_status.methods_development_category    ? 
# 
_pdbx_database_related.db_name        TargetDB 
_pdbx_database_related.db_id          APC61675.3 
_pdbx_database_related.details        . 
_pdbx_database_related.content_type   unspecified 
# 
loop_
_audit_author.name 
_audit_author.pdbx_ordinal 
'Zhang, R.'                                     1 
'Wu, R.'                                        2 
'Keigher, L.'                                   3 
'Joachimiak, A.'                                4 
'Midwest Center for Structural Genomics (MCSG)' 5 
# 
_citation.id                        primary 
_citation.title                     'The crystal structure of one domain of the conserved protein from Methanosarcina mazei Go1' 
_citation.journal_abbrev            'To be Published' 
_citation.journal_volume            ? 
_citation.page_first                ? 
_citation.page_last                 ? 
_citation.year                      ? 
_citation.journal_id_ASTM           ? 
_citation.country                   ? 
_citation.journal_id_ISSN           ? 
_citation.journal_id_CSD            0353 
_citation.book_publisher            ? 
_citation.pdbx_database_id_PubMed   ? 
_citation.pdbx_database_id_DOI      ? 
# 
loop_
_citation_author.citation_id 
_citation_author.name 
_citation_author.ordinal 
_citation_author.identifier_ORCID 
primary 'Zhang, R.'      1 ? 
primary 'Wu, R.'         2 ? 
primary 'Keigher, L.'    3 ? 
primary 'Joachimiak, A.' 4 ? 
# 
loop_
_entity.id 
_entity.type 
_entity.src_method 
_entity.pdbx_description 
_entity.formula_weight 
_entity.pdbx_number_of_molecules 
_entity.pdbx_ec 
_entity.pdbx_mutation 
_entity.pdbx_fragment 
_entity.details 
1 polymer man 'Conserved protein' 20115.955 1  ? ? ? ? 
2 water   nat water               18.015    73 ? ? ? ? 
# 
_entity_poly.entity_id                      1 
_entity_poly.type                           'polypeptide(L)' 
_entity_poly.nstd_linkage                   no 
_entity_poly.nstd_monomer                   no 
_entity_poly.pdbx_seq_one_letter_code       
;AEPNRLIKEKSPYLLQHAYNPVDWYPWGEEAFEKARKENKPVFLSIGYSTCHWCHMMAHESFEDEEVAGLMNEAFVSIKV
DREERPDIDNIYMTVCQIILGRGGWPLNIIMTPGKKPFFAGTYIPKNTRFNQIGMLELVPRIKEIWEQQHEEVLDSAEKI
TSTIQEMIKESSG
;
_entity_poly.pdbx_seq_one_letter_code_can   
;AEPNRLIKEKSPYLLQHAYNPVDWYPWGEEAFEKARKENKPVFLSIGYSTCHWCHMMAHESFEDEEVAGLMNEAFVSIKV
DREERPDIDNIYMTVCQIILGRGGWPLNIIMTPGKKPFFAGTYIPKNTRFNQIGMLELVPRIKEIWEQQHEEVLDSAEKI
TSTIQEMIKESSG
;
_entity_poly.pdbx_strand_id                 A 
_entity_poly.pdbx_target_identifier         APC61675.3 
# 
_pdbx_entity_nonpoly.entity_id   2 
_pdbx_entity_nonpoly.name        water 
_pdbx_entity_nonpoly.comp_id     HOH 
# 
loop_
_entity_poly_seq.entity_id 
_entity_poly_seq.num 
_entity_poly_seq.mon_id 
_entity_poly_seq.hetero 
1 1   ALA n 
1 2   GLU n 
1 3   PRO n 
1 4   ASN n 
1 5   ARG n 
1 6   LEU n 
1 7   ILE n 
1 8   LYS n 
1 9   GLU n 
1 10  LYS n 
1 11  SER n 
1 12  PRO n 
1 13  TYR n 
1 14  LEU n 
1 15  LEU n 
1 16  GLN n 
1 17  HIS n 
1 18  ALA n 
1 19  TYR n 
1 20  ASN n 
1 21  PRO n 
1 22  VAL n 
1 23  ASP n 
1 24  TRP n 
1 25  TYR n 
1 26  PRO n 
1 27  TRP n 
1 28  GLY n 
1 29  GLU n 
1 30  GLU n 
1 31  ALA n 
1 32  PHE n 
1 33  GLU n 
1 34  LYS n 
1 35  ALA n 
1 36  ARG n 
1 37  LYS n 
1 38  GLU n 
1 39  ASN n 
1 40  LYS n 
1 41  PRO n 
1 42  VAL n 
1 43  PHE n 
1 44  LEU n 
1 45  SER n 
1 46  ILE n 
1 47  GLY n 
1 48  TYR n 
1 49  SER n 
1 50  THR n 
1 51  CYS n 
1 52  HIS n 
1 53  TRP n 
1 54  CYS n 
1 55  HIS n 
1 56  MET n 
1 57  MET n 
1 58  ALA n 
1 59  HIS n 
1 60  GLU n 
1 61  SER n 
1 62  PHE n 
1 63  GLU n 
1 64  ASP n 
1 65  GLU n 
1 66  GLU n 
1 67  VAL n 
1 68  ALA n 
1 69  GLY n 
1 70  LEU n 
1 71  MET n 
1 72  ASN n 
1 73  GLU n 
1 74  ALA n 
1 75  PHE n 
1 76  VAL n 
1 77  SER n 
1 78  ILE n 
1 79  LYS n 
1 80  VAL n 
1 81  ASP n 
1 82  ARG n 
1 83  GLU n 
1 84  GLU n 
1 85  ARG n 
1 86  PRO n 
1 87  ASP n 
1 88  ILE n 
1 89  ASP n 
1 90  ASN n 
1 91  ILE n 
1 92  TYR n 
1 93  MET n 
1 94  THR n 
1 95  VAL n 
1 96  CYS n 
1 97  GLN n 
1 98  ILE n 
1 99  ILE n 
1 100 LEU n 
1 101 GLY n 
1 102 ARG n 
1 103 GLY n 
1 104 GLY n 
1 105 TRP n 
1 106 PRO n 
1 107 LEU n 
1 108 ASN n 
1 109 ILE n 
1 110 ILE n 
1 111 MET n 
1 112 THR n 
1 113 PRO n 
1 114 GLY n 
1 115 LYS n 
1 116 LYS n 
1 117 PRO n 
1 118 PHE n 
1 119 PHE n 
1 120 ALA n 
1 121 GLY n 
1 122 THR n 
1 123 TYR n 
1 124 ILE n 
1 125 PRO n 
1 126 LYS n 
1 127 ASN n 
1 128 THR n 
1 129 ARG n 
1 130 PHE n 
1 131 ASN n 
1 132 GLN n 
1 133 ILE n 
1 134 GLY n 
1 135 MET n 
1 136 LEU n 
1 137 GLU n 
1 138 LEU n 
1 139 VAL n 
1 140 PRO n 
1 141 ARG n 
1 142 ILE n 
1 143 LYS n 
1 144 GLU n 
1 145 ILE n 
1 146 TRP n 
1 147 GLU n 
1 148 GLN n 
1 149 GLN n 
1 150 HIS n 
1 151 GLU n 
1 152 GLU n 
1 153 VAL n 
1 154 LEU n 
1 155 ASP n 
1 156 SER n 
1 157 ALA n 
1 158 GLU n 
1 159 LYS n 
1 160 ILE n 
1 161 THR n 
1 162 SER n 
1 163 THR n 
1 164 ILE n 
1 165 GLN n 
1 166 GLU n 
1 167 MET n 
1 168 ILE n 
1 169 LYS n 
1 170 GLU n 
1 171 SER n 
1 172 SER n 
1 173 GLY n 
# 
_entity_src_gen.entity_id                          1 
_entity_src_gen.pdbx_src_id                        1 
_entity_src_gen.pdbx_alt_source_flag               sample 
_entity_src_gen.pdbx_seq_type                      ? 
_entity_src_gen.pdbx_beg_seq_num                   ? 
_entity_src_gen.pdbx_end_seq_num                   ? 
_entity_src_gen.gene_src_common_name               'Methanosarcina frisia' 
_entity_src_gen.gene_src_genus                     ? 
_entity_src_gen.pdbx_gene_src_gene                 'GI:20905010, MM_0619' 
_entity_src_gen.gene_src_species                   ? 
_entity_src_gen.gene_src_strain                    Go1 
_entity_src_gen.gene_src_tissue                    ? 
_entity_src_gen.gene_src_tissue_fraction           ? 
_entity_src_gen.gene_src_details                   ? 
_entity_src_gen.pdbx_gene_src_fragment             ? 
_entity_src_gen.pdbx_gene_src_scientific_name      'Methanosarcina mazei' 
_entity_src_gen.pdbx_gene_src_ncbi_taxonomy_id     192952 
_entity_src_gen.pdbx_gene_src_variant              ? 
_entity_src_gen.pdbx_gene_src_cell_line            ? 
_entity_src_gen.pdbx_gene_src_atcc                 ? 
_entity_src_gen.pdbx_gene_src_organ                ? 
_entity_src_gen.pdbx_gene_src_organelle            ? 
_entity_src_gen.pdbx_gene_src_cell                 ? 
_entity_src_gen.pdbx_gene_src_cellular_location    ? 
_entity_src_gen.host_org_common_name               ? 
_entity_src_gen.pdbx_host_org_scientific_name      'Escherichia coli BL21' 
_entity_src_gen.pdbx_host_org_ncbi_taxonomy_id     511693 
_entity_src_gen.host_org_genus                     ? 
_entity_src_gen.pdbx_host_org_gene                 ? 
_entity_src_gen.pdbx_host_org_organ                ? 
_entity_src_gen.host_org_species                   ? 
_entity_src_gen.pdbx_host_org_tissue               ? 
_entity_src_gen.pdbx_host_org_tissue_fraction      ? 
_entity_src_gen.pdbx_host_org_strain               BL21 
_entity_src_gen.pdbx_host_org_variant              ? 
_entity_src_gen.pdbx_host_org_cell_line            ? 
_entity_src_gen.pdbx_host_org_atcc                 ? 
_entity_src_gen.pdbx_host_org_culture_collection   ? 
_entity_src_gen.pdbx_host_org_cell                 ? 
_entity_src_gen.pdbx_host_org_organelle            ? 
_entity_src_gen.pdbx_host_org_cellular_location    ? 
_entity_src_gen.pdbx_host_org_vector_type          plasmid 
_entity_src_gen.pdbx_host_org_vector               ? 
_entity_src_gen.host_org_details                   ? 
_entity_src_gen.expression_system_id               ? 
_entity_src_gen.plasmid_name                       pMCSG19 
_entity_src_gen.plasmid_details                    ? 
_entity_src_gen.pdbx_description                   ? 
# 
loop_
_chem_comp.id 
_chem_comp.type 
_chem_comp.mon_nstd_flag 
_chem_comp.name 
_chem_comp.pdbx_synonyms 
_chem_comp.formula 
_chem_comp.formula_weight 
ALA 'L-peptide linking' y ALANINE         ? 'C3 H7 N O2'     89.093  
ARG 'L-peptide linking' y ARGININE        ? 'C6 H15 N4 O2 1' 175.209 
ASN 'L-peptide linking' y ASPARAGINE      ? 'C4 H8 N2 O3'    132.118 
ASP 'L-peptide linking' y 'ASPARTIC ACID' ? 'C4 H7 N O4'     133.103 
CYS 'L-peptide linking' y CYSTEINE        ? 'C3 H7 N O2 S'   121.158 
GLN 'L-peptide linking' y GLUTAMINE       ? 'C5 H10 N2 O3'   146.144 
GLU 'L-peptide linking' y 'GLUTAMIC ACID' ? 'C5 H9 N O4'     147.129 
GLY 'peptide linking'   y GLYCINE         ? 'C2 H5 N O2'     75.067  
HIS 'L-peptide linking' y HISTIDINE       ? 'C6 H10 N3 O2 1' 156.162 
HOH non-polymer         . WATER           ? 'H2 O'           18.015  
ILE 'L-peptide linking' y ISOLEUCINE      ? 'C6 H13 N O2'    131.173 
LEU 'L-peptide linking' y LEUCINE         ? 'C6 H13 N O2'    131.173 
LYS 'L-peptide linking' y LYSINE          ? 'C6 H15 N2 O2 1' 147.195 
MET 'L-peptide linking' y METHIONINE      ? 'C5 H11 N O2 S'  149.211 
PHE 'L-peptide linking' y PHENYLALANINE   ? 'C9 H11 N O2'    165.189 
PRO 'L-peptide linking' y PROLINE         ? 'C5 H9 N O2'     115.130 
SER 'L-peptide linking' y SERINE          ? 'C3 H7 N O3'     105.093 
THR 'L-peptide linking' y THREONINE       ? 'C4 H9 N O3'     119.119 
TRP 'L-peptide linking' y TRYPTOPHAN      ? 'C11 H12 N2 O2'  204.225 
TYR 'L-peptide linking' y TYROSINE        ? 'C9 H11 N O3'    181.189 
VAL 'L-peptide linking' y VALINE          ? 'C5 H11 N O2'    117.146 
# 
loop_
_pdbx_poly_seq_scheme.asym_id 
_pdbx_poly_seq_scheme.entity_id 
_pdbx_poly_seq_scheme.seq_id 
_pdbx_poly_seq_scheme.mon_id 
_pdbx_poly_seq_scheme.ndb_seq_num 
_pdbx_poly_seq_scheme.pdb_seq_num 
_pdbx_poly_seq_scheme.auth_seq_num 
_pdbx_poly_seq_scheme.pdb_mon_id 
_pdbx_poly_seq_scheme.auth_mon_id 
_pdbx_poly_seq_scheme.pdb_strand_id 
_pdbx_poly_seq_scheme.pdb_ins_code 
_pdbx_poly_seq_scheme.hetero 
A 1 1   ALA 1   0   0   ALA ALA A . n 
A 1 2   GLU 2   1   1   GLU GLU A . n 
A 1 3   PRO 3   2   2   PRO PRO A . n 
A 1 4   ASN 4   3   3   ASN ASN A . n 
A 1 5   ARG 5   4   4   ARG ARG A . n 
A 1 6   LEU 6   5   5   LEU LEU A . n 
A 1 7   ILE 7   6   6   ILE ILE A . n 
A 1 8   LYS 8   7   7   LYS LYS A . n 
A 1 9   GLU 9   8   8   GLU GLU A . n 
A 1 10  LYS 10  9   9   LYS LYS A . n 
A 1 11  SER 11  10  10  SER SER A . n 
A 1 12  PRO 12  11  11  PRO PRO A . n 
A 1 13  TYR 13  12  12  TYR TYR A . n 
A 1 14  LEU 14  13  13  LEU LEU A . n 
A 1 15  LEU 15  14  14  LEU LEU A . n 
A 1 16  GLN 16  15  15  GLN GLN A . n 
A 1 17  HIS 17  16  16  HIS HIS A . n 
A 1 18  ALA 18  17  17  ALA ALA A . n 
A 1 19  TYR 19  18  18  TYR TYR A . n 
A 1 20  ASN 20  19  19  ASN ASN A . n 
A 1 21  PRO 21  20  20  PRO PRO A . n 
A 1 22  VAL 22  21  21  VAL VAL A . n 
A 1 23  ASP 23  22  22  ASP ASP A . n 
A 1 24  TRP 24  23  23  TRP TRP A . n 
A 1 25  TYR 25  24  24  TYR TYR A . n 
A 1 26  PRO 26  25  25  PRO PRO A . n 
A 1 27  TRP 27  26  26  TRP TRP A . n 
A 1 28  GLY 28  27  27  GLY GLY A . n 
A 1 29  GLU 29  28  28  GLU GLU A . n 
A 1 30  GLU 30  29  29  GLU GLU A . n 
A 1 31  ALA 31  30  30  ALA ALA A . n 
A 1 32  PHE 32  31  31  PHE PHE A . n 
A 1 33  GLU 33  32  32  GLU GLU A . n 
A 1 34  LYS 34  33  33  LYS LYS A . n 
A 1 35  ALA 35  34  34  ALA ALA A . n 
A 1 36  ARG 36  35  35  ARG ARG A . n 
A 1 37  LYS 37  36  36  LYS LYS A . n 
A 1 38  GLU 38  37  37  GLU GLU A . n 
A 1 39  ASN 39  38  38  ASN ASN A . n 
A 1 40  LYS 40  39  39  LYS LYS A . n 
A 1 41  PRO 41  40  40  PRO PRO A . n 
A 1 42  VAL 42  41  41  VAL VAL A . n 
A 1 43  PHE 43  42  42  PHE PHE A . n 
A 1 44  LEU 44  43  43  LEU LEU A . n 
A 1 45  SER 45  44  44  SER SER A . n 
A 1 46  ILE 46  45  45  ILE ILE A . n 
A 1 47  GLY 47  46  46  GLY GLY A . n 
A 1 48  TYR 48  47  47  TYR TYR A . n 
A 1 49  SER 49  48  48  SER SER A . n 
A 1 50  THR 50  49  49  THR THR A . n 
A 1 51  CYS 51  50  50  CYS CYS A . n 
A 1 52  HIS 52  51  51  HIS HIS A . n 
A 1 53  TRP 53  52  52  TRP TRP A . n 
A 1 54  CYS 54  53  53  CYS CYS A . n 
A 1 55  HIS 55  54  54  HIS HIS A . n 
A 1 56  MET 56  55  55  MET MET A . n 
A 1 57  MET 57  56  56  MET MET A . n 
A 1 58  ALA 58  57  57  ALA ALA A . n 
A 1 59  HIS 59  58  58  HIS HIS A . n 
A 1 60  GLU 60  59  59  GLU GLU A . n 
A 1 61  SER 61  60  60  SER SER A . n 
A 1 62  PHE 62  61  61  PHE PHE A . n 
A 1 63  GLU 63  62  62  GLU GLU A . n 
A 1 64  ASP 64  63  63  ASP ASP A . n 
A 1 65  GLU 65  64  64  GLU GLU A . n 
A 1 66  GLU 66  65  65  GLU GLU A . n 
A 1 67  VAL 67  66  66  VAL VAL A . n 
A 1 68  ALA 68  67  67  ALA ALA A . n 
A 1 69  GLY 69  68  68  GLY ALA A . n 
A 1 70  LEU 70  69  69  LEU LEU A . n 
A 1 71  MET 71  70  70  MET MET A . n 
A 1 72  ASN 72  71  71  ASN ASN A . n 
A 1 73  GLU 73  72  72  GLU GLU A . n 
A 1 74  ALA 74  73  73  ALA ALA A . n 
A 1 75  PHE 75  74  74  PHE PHE A . n 
A 1 76  VAL 76  75  75  VAL VAL A . n 
A 1 77  SER 77  76  76  SER SER A . n 
A 1 78  ILE 78  77  77  ILE ILE A . n 
A 1 79  LYS 79  78  78  LYS LYS A . n 
A 1 80  VAL 80  79  79  VAL VAL A . n 
A 1 81  ASP 81  80  80  ASP ASP A . n 
A 1 82  ARG 82  81  81  ARG ARG A . n 
A 1 83  GLU 83  82  82  GLU GLU A . n 
A 1 84  GLU 84  83  83  GLU GLU A . n 
A 1 85  ARG 85  84  84  ARG ARG A . n 
A 1 86  PRO 86  85  85  PRO PRO A . n 
A 1 87  ASP 87  86  86  ASP ASP A . n 
A 1 88  ILE 88  87  87  ILE ILE A . n 
A 1 89  ASP 89  88  88  ASP ASP A . n 
A 1 90  ASN 90  89  89  ASN ASN A . n 
A 1 91  ILE 91  90  90  ILE ILE A . n 
A 1 92  TYR 92  91  91  TYR TYR A . n 
A 1 93  MET 93  92  92  MET MET A . n 
A 1 94  THR 94  93  93  THR THR A . n 
A 1 95  VAL 95  94  94  VAL VAL A . n 
A 1 96  CYS 96  95  95  CYS CYS A . n 
A 1 97  GLN 97  96  96  GLN GLN A . n 
A 1 98  ILE 98  97  97  ILE ILE A . n 
A 1 99  ILE 99  98  98  ILE ILE A . n 
A 1 100 LEU 100 99  99  LEU LEU A . n 
A 1 101 GLY 101 100 100 GLY GLY A . n 
A 1 102 ARG 102 101 101 ARG ARG A . n 
A 1 103 GLY 103 102 102 GLY GLY A . n 
A 1 104 GLY 104 103 103 GLY GLY A . n 
A 1 105 TRP 105 104 104 TRP TRP A . n 
A 1 106 PRO 106 105 105 PRO PRO A . n 
A 1 107 LEU 107 106 106 LEU LEU A . n 
A 1 108 ASN 108 107 107 ASN ASN A . n 
A 1 109 ILE 109 108 108 ILE ILE A . n 
A 1 110 ILE 110 109 109 ILE ILE A . n 
A 1 111 MET 111 110 110 MET MET A . n 
A 1 112 THR 112 111 111 THR THR A . n 
A 1 113 PRO 113 112 112 PRO PRO A . n 
A 1 114 GLY 114 113 113 GLY GLY A . n 
A 1 115 LYS 115 114 114 LYS LYS A . n 
A 1 116 LYS 116 115 115 LYS LYS A . n 
A 1 117 PRO 117 116 116 PRO PRO A . n 
A 1 118 PHE 118 117 117 PHE PHE A . n 
A 1 119 PHE 119 118 118 PHE PHE A . n 
A 1 120 ALA 120 119 119 ALA ALA A . n 
A 1 121 GLY 121 120 120 GLY GLY A . n 
A 1 122 THR 122 121 121 THR THR A . n 
A 1 123 TYR 123 122 122 TYR TYR A . n 
A 1 124 ILE 124 123 123 ILE ILE A . n 
A 1 125 PRO 125 124 124 PRO PRO A . n 
A 1 126 LYS 126 125 125 LYS LYS A . n 
A 1 127 ASN 127 126 126 ASN ASN A . n 
A 1 128 THR 128 127 127 THR THR A . n 
A 1 129 ARG 129 128 128 ARG ARG A . n 
A 1 130 PHE 130 129 129 PHE PHE A . n 
A 1 131 ASN 131 130 130 ASN ASN A . n 
A 1 132 GLN 132 131 131 GLN GLN A . n 
A 1 133 ILE 133 132 132 ILE ILE A . n 
A 1 134 GLY 134 133 133 GLY GLY A . n 
A 1 135 MET 135 134 134 MET MET A . n 
A 1 136 LEU 136 135 135 LEU LEU A . n 
A 1 137 GLU 137 136 136 GLU GLU A . n 
A 1 138 LEU 138 137 137 LEU LEU A . n 
A 1 139 VAL 139 138 138 VAL VAL A . n 
A 1 140 PRO 140 139 139 PRO PRO A . n 
A 1 141 ARG 141 140 140 ARG ARG A . n 
A 1 142 ILE 142 141 141 ILE ILE A . n 
A 1 143 LYS 143 142 142 LYS LYS A . n 
A 1 144 GLU 144 143 143 GLU GLU A . n 
A 1 145 ILE 145 144 144 ILE ILE A . n 
A 1 146 TRP 146 145 145 TRP TRP A . n 
A 1 147 GLU 147 146 146 GLU GLU A . n 
A 1 148 GLN 148 147 147 GLN GLN A . n 
A 1 149 GLN 149 148 148 GLN GLN A . n 
A 1 150 HIS 150 149 149 HIS HIS A . n 
A 1 151 GLU 151 150 150 GLU GLU A . n 
A 1 152 GLU 152 151 151 GLU GLU A . n 
A 1 153 VAL 153 152 152 VAL VAL A . n 
A 1 154 LEU 154 153 153 LEU LEU A . n 
A 1 155 ASP 155 154 154 ASP ASP A . n 
A 1 156 SER 156 155 155 SER SER A . n 
A 1 157 ALA 157 156 156 ALA ALA A . n 
A 1 158 GLU 158 157 157 GLU GLU A . n 
A 1 159 LYS 159 158 158 LYS LYS A . n 
A 1 160 ILE 160 159 159 ILE ILE A . n 
A 1 161 THR 161 160 160 THR THR A . n 
A 1 162 SER 162 161 161 SER SER A . n 
A 1 163 THR 163 162 162 THR THR A . n 
A 1 164 ILE 164 163 163 ILE ILE A . n 
A 1 165 GLN 165 164 164 GLN GLN A . n 
A 1 166 GLU 166 165 165 GLU GLU A . n 
A 1 167 MET 167 166 166 MET MET A . n 
A 1 168 ILE 168 167 167 ILE ILE A . n 
A 1 169 LYS 169 168 168 LYS LYS A . n 
A 1 170 GLU 170 169 169 GLU GLU A . n 
A 1 171 SER 171 170 170 SER SER A . n 
A 1 172 SER 172 171 171 SER SER A . n 
A 1 173 GLY 173 172 ?   ?   ?   A . n 
# 
loop_
_pdbx_nonpoly_scheme.asym_id 
_pdbx_nonpoly_scheme.entity_id 
_pdbx_nonpoly_scheme.mon_id 
_pdbx_nonpoly_scheme.ndb_seq_num 
_pdbx_nonpoly_scheme.pdb_seq_num 
_pdbx_nonpoly_scheme.auth_seq_num 
_pdbx_nonpoly_scheme.pdb_mon_id 
_pdbx_nonpoly_scheme.auth_mon_id 
_pdbx_nonpoly_scheme.pdb_strand_id 
_pdbx_nonpoly_scheme.pdb_ins_code 
B 2 HOH 1  173 1  HOH HOH A . 
B 2 HOH 2  174 2  HOH HOH A . 
B 2 HOH 3  175 3  HOH HOH A . 
B 2 HOH 4  176 4  HOH HOH A . 
B 2 HOH 5  177 5  HOH HOH A . 
B 2 HOH 6  178 6  HOH HOH A . 
B 2 HOH 7  179 7  HOH HOH A . 
B 2 HOH 8  180 8  HOH HOH A . 
B 2 HOH 9  181 9  HOH HOH A . 
B 2 HOH 10 182 10 HOH HOH A . 
B 2 HOH 11 183 11 HOH HOH A . 
B 2 HOH 12 184 12 HOH HOH A . 
B 2 HOH 13 185 13 HOH HOH A . 
B 2 HOH 14 186 14 HOH HOH A . 
B 2 HOH 15 187 15 HOH HOH A . 
B 2 HOH 16 188 16 HOH HOH A . 
B 2 HOH 17 189 17 HOH HOH A . 
B 2 HOH 18 190 18 HOH HOH A . 
B 2 HOH 19 191 19 HOH HOH A . 
B 2 HOH 20 192 20 HOH HOH A . 
B 2 HOH 21 193 21 HOH HOH A . 
B 2 HOH 22 194 22 HOH HOH A . 
B 2 HOH 23 195 23 HOH HOH A . 
B 2 HOH 24 196 24 HOH HOH A . 
B 2 HOH 25 197 25 HOH HOH A . 
B 2 HOH 26 198 26 HOH HOH A . 
B 2 HOH 27 199 27 HOH HOH A . 
B 2 HOH 28 200 28 HOH HOH A . 
B 2 HOH 29 201 29 HOH HOH A . 
B 2 HOH 30 202 30 HOH HOH A . 
B 2 HOH 31 203 31 HOH HOH A . 
B 2 HOH 32 204 32 HOH HOH A . 
B 2 HOH 33 205 33 HOH HOH A . 
B 2 HOH 34 206 34 HOH HOH A . 
B 2 HOH 35 207 35 HOH HOH A . 
B 2 HOH 36 208 36 HOH HOH A . 
B 2 HOH 37 209 37 HOH HOH A . 
B 2 HOH 38 210 38 HOH HOH A . 
B 2 HOH 39 211 39 HOH HOH A . 
B 2 HOH 40 212 40 HOH HOH A . 
B 2 HOH 41 213 41 HOH HOH A . 
B 2 HOH 42 214 42 HOH HOH A . 
B 2 HOH 43 215 43 HOH HOH A . 
B 2 HOH 44 216 44 HOH HOH A . 
B 2 HOH 45 217 45 HOH HOH A . 
B 2 HOH 46 218 47 HOH HOH A . 
B 2 HOH 47 219 48 HOH HOH A . 
B 2 HOH 48 220 49 HOH HOH A . 
B 2 HOH 49 221 50 HOH HOH A . 
B 2 HOH 50 222 51 HOH HOH A . 
B 2 HOH 51 223 52 HOH HOH A . 
B 2 HOH 52 224 53 HOH HOH A . 
B 2 HOH 53 225 54 HOH HOH A . 
B 2 HOH 54 226 55 HOH HOH A . 
B 2 HOH 55 227 56 HOH HOH A . 
B 2 HOH 56 228 57 HOH HOH A . 
B 2 HOH 57 229 58 HOH HOH A . 
B 2 HOH 58 230 59 HOH HOH A . 
B 2 HOH 59 231 60 HOH HOH A . 
B 2 HOH 60 232 61 HOH HOH A . 
B 2 HOH 61 233 62 HOH HOH A . 
B 2 HOH 62 234 63 HOH HOH A . 
B 2 HOH 63 235 64 HOH HOH A . 
B 2 HOH 64 236 65 HOH HOH A . 
B 2 HOH 65 237 66 HOH HOH A . 
B 2 HOH 66 238 67 HOH HOH A . 
B 2 HOH 67 239 68 HOH HOH A . 
B 2 HOH 68 240 69 HOH HOH A . 
B 2 HOH 69 241 70 HOH HOH A . 
B 2 HOH 70 242 71 HOH HOH A . 
B 2 HOH 71 243 72 HOH HOH A . 
B 2 HOH 72 244 73 HOH HOH A . 
B 2 HOH 73 245 74 HOH HOH A . 
# 
loop_
_software.name 
_software.classification 
_software.version 
_software.citation_id 
_software.pdbx_ordinal 
SBC-Collect 'data collection' .        ? 1 
HKL-3000    phasing           .        ? 2 
REFMAC      refinement        5.5.0054 ? 3 
HKL-3000    'data reduction'  .        ? 4 
HKL-3000    'data scaling'    .        ? 5 
# 
_cell.entry_id           3IRA 
_cell.length_a           63.843 
_cell.length_b           63.843 
_cell.length_c           95.859 
_cell.angle_alpha        90.00 
_cell.angle_beta         90.00 
_cell.angle_gamma        90.00 
_cell.Z_PDB              8 
_cell.pdbx_unique_axis   ? 
_cell.length_a_esd       ? 
_cell.length_b_esd       ? 
_cell.length_c_esd       ? 
_cell.angle_alpha_esd    ? 
_cell.angle_beta_esd     ? 
_cell.angle_gamma_esd    ? 
# 
_symmetry.entry_id                         3IRA 
_symmetry.space_group_name_H-M             'P 43 21 2' 
_symmetry.pdbx_full_space_group_name_H-M   ? 
_symmetry.cell_setting                     ? 
_symmetry.Int_Tables_number                96 
_symmetry.space_group_name_Hall            ? 
# 
_exptl.entry_id          3IRA 
_exptl.method            'X-RAY DIFFRACTION' 
_exptl.crystals_number   1 
# 
_exptl_crystal.id                    1 
_exptl_crystal.density_meas          ? 
_exptl_crystal.density_Matthews      2.43 
_exptl_crystal.density_percent_sol   49.34 
_exptl_crystal.description           ? 
_exptl_crystal.F_000                 ? 
_exptl_crystal.preparation           ? 
# 
_exptl_crystal_grow.crystal_id      1 
_exptl_crystal_grow.method          'VAPOR DIFFUSION, SITTING DROP' 
_exptl_crystal_grow.temp            289 
_exptl_crystal_grow.temp_details    ? 
_exptl_crystal_grow.pH              7.5 
_exptl_crystal_grow.pdbx_details    
'0.2M ammonium acetate, 0.1M HEPES, 25% PEG3350, pH 7.5, VAPOR DIFFUSION, SITTING DROP, temperature 289K' 
_exptl_crystal_grow.pdbx_pH_range   ? 
# 
_diffrn.id                     1 
_diffrn.ambient_temp           100 
_diffrn.ambient_temp_details   ? 
_diffrn.crystal_id             1 
# 
_diffrn_detector.diffrn_id              1 
_diffrn_detector.detector               CCD 
_diffrn_detector.type                   'ADSC QUANTUM 315r' 
_diffrn_detector.pdbx_collection_date   2009-03-09 
_diffrn_detector.details                mirrors 
# 
_diffrn_radiation.diffrn_id                        1 
_diffrn_radiation.wavelength_id                    1 
_diffrn_radiation.pdbx_monochromatic_or_laue_m_l   M 
_diffrn_radiation.monochromator                    'Si 111' 
_diffrn_radiation.pdbx_diffrn_protocol             MAD 
_diffrn_radiation.pdbx_scattering_type             x-ray 
# 
loop_
_diffrn_radiation_wavelength.id 
_diffrn_radiation_wavelength.wavelength 
_diffrn_radiation_wavelength.wt 
1 0.9794 1.0 
2 0.9796 1.0 
# 
_diffrn_source.diffrn_id                   1 
_diffrn_source.source                      SYNCHROTRON 
_diffrn_source.type                        'APS BEAMLINE 19-ID' 
_diffrn_source.pdbx_synchrotron_site       APS 
_diffrn_source.pdbx_synchrotron_beamline   19-ID 
_diffrn_source.pdbx_wavelength             ? 
_diffrn_source.pdbx_wavelength_list        '0.9794, 0.9796' 
# 
_reflns.entry_id                     3IRA 
_reflns.observed_criterion_sigma_I   2.0 
_reflns.observed_criterion_sigma_F   2.0 
_reflns.d_resolution_low             53.15 
_reflns.d_resolution_high            2.1 
_reflns.number_obs                   11532 
_reflns.number_all                   11549 
_reflns.percent_possible_obs         99.85 
_reflns.pdbx_Rmerge_I_obs            0.112 
_reflns.pdbx_Rsym_value              ? 
_reflns.pdbx_netI_over_sigmaI        35.92 
_reflns.B_iso_Wilson_estimate        ? 
_reflns.pdbx_redundancy              17.8 
_reflns.R_free_details               ? 
_reflns.limit_h_max                  ? 
_reflns.limit_h_min                  ? 
_reflns.limit_k_max                  ? 
_reflns.limit_k_min                  ? 
_reflns.limit_l_max                  ? 
_reflns.limit_l_min                  ? 
_reflns.observed_criterion_F_max     ? 
_reflns.observed_criterion_F_min     ? 
_reflns.pdbx_chi_squared             ? 
_reflns.pdbx_scaling_rejects         ? 
_reflns.pdbx_ordinal                 1 
_reflns.pdbx_diffrn_id               1 
# 
_reflns_shell.d_res_high             2.1 
_reflns_shell.d_res_low              2.154 
_reflns_shell.percent_possible_all   100 
_reflns_shell.Rmerge_I_obs           0.63 
_reflns_shell.pdbx_Rsym_value        ? 
_reflns_shell.meanI_over_sigI_obs    1.93 
_reflns_shell.pdbx_redundancy        10.9 
_reflns_shell.percent_possible_obs   ? 
_reflns_shell.number_unique_all      867 
_reflns_shell.number_measured_all    ? 
_reflns_shell.number_measured_obs    ? 
_reflns_shell.number_unique_obs      ? 
_reflns_shell.pdbx_chi_squared       ? 
_reflns_shell.pdbx_ordinal           1 
_reflns_shell.pdbx_diffrn_id         1 
# 
_refine.entry_id                                 3IRA 
_refine.ls_number_reflns_obs                     11532 
_refine.ls_number_reflns_all                     11594 
_refine.pdbx_ls_sigma_I                          1.93 
_refine.pdbx_ls_sigma_F                          . 
_refine.pdbx_data_cutoff_high_absF               ? 
_refine.pdbx_data_cutoff_low_absF                ? 
_refine.pdbx_data_cutoff_high_rms_absF           ? 
_refine.ls_d_res_low                             53.15 
_refine.ls_d_res_high                            2.10 
_refine.ls_percent_reflns_obs                    99.85 
_refine.ls_R_factor_obs                          0.18849 
_refine.ls_R_factor_all                          ? 
_refine.ls_R_factor_R_work                       0.18696 
_refine.ls_R_factor_R_free                       0.21783 
_refine.ls_R_factor_R_free_error                 ? 
_refine.ls_R_factor_R_free_error_details         ? 
_refine.ls_percent_reflns_R_free                 4.8 
_refine.ls_number_reflns_R_free                  580 
_refine.ls_number_parameters                     ? 
_refine.ls_number_restraints                     ? 
_refine.occupancy_min                            ? 
_refine.occupancy_max                            ? 
_refine.correlation_coeff_Fo_to_Fc               0.957 
_refine.correlation_coeff_Fo_to_Fc_free          0.952 
_refine.B_iso_mean                               26.189 
_refine.aniso_B[1][1]                            1.09 
_refine.aniso_B[2][2]                            1.09 
_refine.aniso_B[3][3]                            -2.18 
_refine.aniso_B[1][2]                            0.00 
_refine.aniso_B[1][3]                            0.00 
_refine.aniso_B[2][3]                            0.00 
_refine.solvent_model_details                    MASK 
_refine.solvent_model_param_ksol                 ? 
_refine.solvent_model_param_bsol                 ? 
_refine.pdbx_solvent_vdw_probe_radii             1.20 
_refine.pdbx_solvent_ion_probe_radii             0.80 
_refine.pdbx_solvent_shrinkage_radii             0.80 
_refine.pdbx_ls_cross_valid_method               THROUGHOUT 
_refine.details                                  'HYDROGENS HAVE BEEN ADDED IN THE RIDING POSITIONS' 
_refine.pdbx_starting_model                      ? 
_refine.pdbx_method_to_determine_struct          MAD 
_refine.pdbx_isotropic_thermal_model             ? 
_refine.pdbx_stereochemistry_target_values       'MAXIMUM LIKELIHOOD WITH PHASES' 
_refine.pdbx_stereochem_target_val_spec_case     ? 
_refine.pdbx_R_Free_selection_details            RANDOM 
_refine.pdbx_overall_ESU_R                       0.205 
_refine.pdbx_overall_ESU_R_Free                  0.167 
_refine.overall_SU_ML                            0.117 
_refine.overall_SU_B                             9.830 
_refine.ls_redundancy_reflns_obs                 ? 
_refine.B_iso_min                                ? 
_refine.B_iso_max                                ? 
_refine.overall_SU_R_Cruickshank_DPI             ? 
_refine.overall_SU_R_free                        ? 
_refine.ls_wR_factor_R_free                      ? 
_refine.ls_wR_factor_R_work                      ? 
_refine.overall_FOM_free_R_set                   ? 
_refine.overall_FOM_work_R_set                   ? 
_refine.pdbx_overall_phase_error                 ? 
_refine.pdbx_refine_id                           'X-RAY DIFFRACTION' 
_refine.pdbx_TLS_residual_ADP_flag               'LIKELY RESIDUAL' 
_refine.pdbx_diffrn_id                           1 
_refine.pdbx_overall_SU_R_free_Cruickshank_DPI   ? 
_refine.pdbx_overall_SU_R_Blow_DPI               ? 
_refine.pdbx_overall_SU_R_free_Blow_DPI          ? 
# 
_refine_hist.pdbx_refine_id                   'X-RAY DIFFRACTION' 
_refine_hist.cycle_id                         LAST 
_refine_hist.pdbx_number_atoms_protein        1408 
_refine_hist.pdbx_number_atoms_nucleic_acid   0 
_refine_hist.pdbx_number_atoms_ligand         0 
_refine_hist.number_atoms_solvent             73 
_refine_hist.number_atoms_total               1481 
_refine_hist.d_res_high                       2.10 
_refine_hist.d_res_low                        53.15 
# 
loop_
_refine_ls_restr.type 
_refine_ls_restr.dev_ideal 
_refine_ls_restr.dev_ideal_target 
_refine_ls_restr.weight 
_refine_ls_restr.number 
_refine_ls_restr.pdbx_refine_id 
_refine_ls_restr.pdbx_restraint_function 
r_bond_refined_d             0.021  0.022  ? 1447 'X-RAY DIFFRACTION' ? 
r_bond_other_d               0.001  0.020  ? 1007 'X-RAY DIFFRACTION' ? 
r_angle_refined_deg          1.800  1.949  ? 1959 'X-RAY DIFFRACTION' ? 
r_angle_other_deg            1.006  3.002  ? 2455 'X-RAY DIFFRACTION' ? 
r_dihedral_angle_1_deg       5.757  5.000  ? 171  'X-RAY DIFFRACTION' ? 
r_dihedral_angle_2_deg       36.745 24.789 ? 71   'X-RAY DIFFRACTION' ? 
r_dihedral_angle_3_deg       17.161 15.000 ? 260  'X-RAY DIFFRACTION' ? 
r_dihedral_angle_4_deg       14.725 15.000 ? 7    'X-RAY DIFFRACTION' ? 
r_chiral_restr               0.127  0.200  ? 204  'X-RAY DIFFRACTION' ? 
r_gen_planes_refined         0.009  0.021  ? 1584 'X-RAY DIFFRACTION' ? 
r_gen_planes_other           0.001  0.020  ? 282  'X-RAY DIFFRACTION' ? 
r_nbd_refined                ?      ?      ? ?    'X-RAY DIFFRACTION' ? 
r_nbd_other                  ?      ?      ? ?    'X-RAY DIFFRACTION' ? 
r_nbtor_refined              ?      ?      ? ?    'X-RAY DIFFRACTION' ? 
r_nbtor_other                ?      ?      ? ?    'X-RAY DIFFRACTION' ? 
r_xyhbond_nbd_refined        ?      ?      ? ?    'X-RAY DIFFRACTION' ? 
r_xyhbond_nbd_other          ?      ?      ? ?    'X-RAY DIFFRACTION' ? 
r_metal_ion_refined          ?      ?      ? ?    'X-RAY DIFFRACTION' ? 
r_metal_ion_other            ?      ?      ? ?    'X-RAY DIFFRACTION' ? 
r_symmetry_vdw_refined       ?      ?      ? ?    'X-RAY DIFFRACTION' ? 
r_symmetry_vdw_other         ?      ?      ? ?    'X-RAY DIFFRACTION' ? 
r_symmetry_hbond_refined     ?      ?      ? ?    'X-RAY DIFFRACTION' ? 
r_symmetry_hbond_other       ?      ?      ? ?    'X-RAY DIFFRACTION' ? 
r_symmetry_metal_ion_refined ?      ?      ? ?    'X-RAY DIFFRACTION' ? 
r_symmetry_metal_ion_other   ?      ?      ? ?    'X-RAY DIFFRACTION' ? 
r_mcbond_it                  0.906  1.500  ? 861  'X-RAY DIFFRACTION' ? 
r_mcbond_other               0.240  1.500  ? 340  'X-RAY DIFFRACTION' ? 
r_mcangle_it                 1.806  2.000  ? 1401 'X-RAY DIFFRACTION' ? 
r_scbond_it                  3.093  3.000  ? 586  'X-RAY DIFFRACTION' ? 
r_scangle_it                 5.151  4.500  ? 558  'X-RAY DIFFRACTION' ? 
r_rigid_bond_restr           ?      ?      ? ?    'X-RAY DIFFRACTION' ? 
r_sphericity_free            ?      ?      ? ?    'X-RAY DIFFRACTION' ? 
r_sphericity_bonded          ?      ?      ? ?    'X-RAY DIFFRACTION' ? 
# 
_refine_ls_shell.pdbx_total_number_of_bins_used   20 
_refine_ls_shell.d_res_high                       2.100 
_refine_ls_shell.d_res_low                        2.154 
_refine_ls_shell.number_reflns_R_work             828 
_refine_ls_shell.R_factor_R_work                  0.201 
_refine_ls_shell.percent_reflns_obs               100.00 
_refine_ls_shell.R_factor_R_free                  0.250 
_refine_ls_shell.R_factor_R_free_error            ? 
_refine_ls_shell.percent_reflns_R_free            ? 
_refine_ls_shell.number_reflns_R_free             39 
_refine_ls_shell.number_reflns_all                ? 
_refine_ls_shell.R_factor_all                     ? 
_refine_ls_shell.number_reflns_obs                ? 
_refine_ls_shell.redundancy_reflns_obs            ? 
_refine_ls_shell.pdbx_refine_id                   'X-RAY DIFFRACTION' 
# 
_struct.entry_id                  3IRA 
_struct.title                     'The crystal structure of one domain of the conserved protein from Methanosarcina mazei Go1' 
_struct.pdbx_model_details        ? 
_struct.pdbx_CASP_flag            ? 
_struct.pdbx_model_type_details   ? 
# 
_struct_keywords.entry_id        3IRA 
_struct_keywords.pdbx_keywords   'structural genomics, unknown function' 
_struct_keywords.text            
;conserved protein, Methanosarcina mazei, structural genomics, PSI, MCSG, Protein Structure Initiative, Midwest Center for Structural Genomics, unknown function
;
# 
loop_
_struct_asym.id 
_struct_asym.pdbx_blank_PDB_chainid_flag 
_struct_asym.pdbx_modified 
_struct_asym.entity_id 
_struct_asym.details 
A N N 1 ? 
B N N 2 ? 
# 
_struct_ref.id                         1 
_struct_ref.db_name                    UNP 
_struct_ref.db_code                    Q8PZ75_METMA 
_struct_ref.pdbx_db_accession          Q8PZ75 
_struct_ref.entity_id                  1 
_struct_ref.pdbx_seq_one_letter_code   
;EPNRLIKEKSPYLLQHAYNPVDWYPWGEEAFEKARKENKPVFLSIGYSTCHWCHMMAHESFEDEEVAGLMNEAFVSIKVD
REERPDIDNIYMTVCQIILGRGGWPLNIIMTPGKKPFFAGTYIPKNTRFNQIGMLELVPRIKEIWEQQHEEVLDSAEKIT
STIQEMIKESSG
;
_struct_ref.pdbx_align_begin           10 
_struct_ref.pdbx_db_isoform            ? 
# 
_struct_ref_seq.align_id                      1 
_struct_ref_seq.ref_id                        1 
_struct_ref_seq.pdbx_PDB_id_code              3IRA 
_struct_ref_seq.pdbx_strand_id                A 
_struct_ref_seq.seq_align_beg                 2 
_struct_ref_seq.pdbx_seq_align_beg_ins_code   ? 
_struct_ref_seq.seq_align_end                 173 
_struct_ref_seq.pdbx_seq_align_end_ins_code   ? 
_struct_ref_seq.pdbx_db_accession             Q8PZ75 
_struct_ref_seq.db_align_beg                  10 
_struct_ref_seq.pdbx_db_align_beg_ins_code    ? 
_struct_ref_seq.db_align_end                  181 
_struct_ref_seq.pdbx_db_align_end_ins_code    ? 
_struct_ref_seq.pdbx_auth_seq_align_beg       1 
_struct_ref_seq.pdbx_auth_seq_align_end       172 
# 
_struct_ref_seq_dif.align_id                     1 
_struct_ref_seq_dif.pdbx_pdb_id_code             3IRA 
_struct_ref_seq_dif.mon_id                       ALA 
_struct_ref_seq_dif.pdbx_pdb_strand_id           A 
_struct_ref_seq_dif.seq_num                      1 
_struct_ref_seq_dif.pdbx_pdb_ins_code            ? 
_struct_ref_seq_dif.pdbx_seq_db_name             UNP 
_struct_ref_seq_dif.pdbx_seq_db_accession_code   Q8PZ75 
_struct_ref_seq_dif.db_mon_id                    ? 
_struct_ref_seq_dif.pdbx_seq_db_seq_num          ? 
_struct_ref_seq_dif.details                      'expression tag' 
_struct_ref_seq_dif.pdbx_auth_seq_num            0 
_struct_ref_seq_dif.pdbx_ordinal                 1 
# 
_pdbx_struct_assembly.id                   1 
_pdbx_struct_assembly.details              author_and_software_defined_assembly 
_pdbx_struct_assembly.method_details       PISA 
_pdbx_struct_assembly.oligomeric_details   monomeric 
_pdbx_struct_assembly.oligomeric_count     1 
# 
_pdbx_struct_assembly_gen.assembly_id       1 
_pdbx_struct_assembly_gen.oper_expression   1 
_pdbx_struct_assembly_gen.asym_id_list      A,B 
# 
_pdbx_struct_oper_list.id                   1 
_pdbx_struct_oper_list.type                 'identity operation' 
_pdbx_struct_oper_list.name                 1_555 
_pdbx_struct_oper_list.symmetry_operation   x,y,z 
_pdbx_struct_oper_list.matrix[1][1]         1.0000000000 
_pdbx_struct_oper_list.matrix[1][2]         0.0000000000 
_pdbx_struct_oper_list.matrix[1][3]         0.0000000000 
_pdbx_struct_oper_list.vector[1]            0.0000000000 
_pdbx_struct_oper_list.matrix[2][1]         0.0000000000 
_pdbx_struct_oper_list.matrix[2][2]         1.0000000000 
_pdbx_struct_oper_list.matrix[2][3]         0.0000000000 
_pdbx_struct_oper_list.vector[2]            0.0000000000 
_pdbx_struct_oper_list.matrix[3][1]         0.0000000000 
_pdbx_struct_oper_list.matrix[3][2]         0.0000000000 
_pdbx_struct_oper_list.matrix[3][3]         1.0000000000 
_pdbx_struct_oper_list.vector[3]            0.0000000000 
# 
_struct_biol.id   1 
# 
loop_
_struct_conf.conf_type_id 
_struct_conf.id 
_struct_conf.pdbx_PDB_helix_id 
_struct_conf.beg_label_comp_id 
_struct_conf.beg_label_asym_id 
_struct_conf.beg_label_seq_id 
_struct_conf.pdbx_beg_PDB_ins_code 
_struct_conf.end_label_comp_id 
_struct_conf.end_label_asym_id 
_struct_conf.end_label_seq_id 
_struct_conf.pdbx_end_PDB_ins_code 
_struct_conf.beg_auth_comp_id 
_struct_conf.beg_auth_asym_id 
_struct_conf.beg_auth_seq_id 
_struct_conf.end_auth_comp_id 
_struct_conf.end_auth_asym_id 
_struct_conf.end_auth_seq_id 
_struct_conf.pdbx_PDB_helix_class 
_struct_conf.details 
_struct_conf.pdbx_PDB_helix_length 
HELX_P HELX_P1 1 ASN A 4   ? GLU A 9   ? ASN A 3   GLU A 8   5 ? 6  
HELX_P HELX_P2 2 SER A 11  ? GLN A 16  ? SER A 10  GLN A 15  1 ? 6  
HELX_P HELX_P3 3 GLY A 28  ? ASN A 39  ? GLY A 27  ASN A 38  1 ? 12 
HELX_P HELX_P4 4 CYS A 51  ? SER A 61  ? CYS A 50  SER A 60  1 ? 11 
HELX_P HELX_P5 5 ASP A 64  ? PHE A 75  ? ASP A 63  PHE A 74  1 ? 12 
HELX_P HELX_P6 6 ARG A 85  ? GLY A 101 ? ARG A 84  GLY A 100 1 ? 17 
HELX_P HELX_P7 7 GLY A 134 ? GLN A 149 ? GLY A 133 GLN A 148 1 ? 16 
HELX_P HELX_P8 8 GLN A 149 ? ILE A 160 ? GLN A 148 ILE A 159 1 ? 12 
HELX_P HELX_P9 9 SER A 162 ? SER A 172 ? SER A 161 SER A 171 1 ? 11 
# 
_struct_conf_type.id          HELX_P 
_struct_conf_type.criteria    ? 
_struct_conf_type.reference   ? 
# 
_struct_conn.id                            disulf1 
_struct_conn.conn_type_id                  disulf 
_struct_conn.pdbx_leaving_atom_flag        ? 
_struct_conn.pdbx_PDB_id                   ? 
_struct_conn.ptnr1_label_asym_id           A 
_struct_conn.ptnr1_label_comp_id           CYS 
_struct_conn.ptnr1_label_seq_id            51 
_struct_conn.ptnr1_label_atom_id           SG 
_struct_conn.pdbx_ptnr1_label_alt_id       ? 
_struct_conn.pdbx_ptnr1_PDB_ins_code       ? 
_struct_conn.pdbx_ptnr1_standard_comp_id   ? 
_struct_conn.ptnr1_symmetry                1_555 
_struct_conn.ptnr2_label_asym_id           A 
_struct_conn.ptnr2_label_comp_id           CYS 
_struct_conn.ptnr2_label_seq_id            54 
_struct_conn.ptnr2_label_atom_id           SG 
_struct_conn.pdbx_ptnr2_label_alt_id       ? 
_struct_conn.pdbx_ptnr2_PDB_ins_code       ? 
_struct_conn.ptnr1_auth_asym_id            A 
_struct_conn.ptnr1_auth_comp_id            CYS 
_struct_conn.ptnr1_auth_seq_id             50 
_struct_conn.ptnr2_auth_asym_id            A 
_struct_conn.ptnr2_auth_comp_id            CYS 
_struct_conn.ptnr2_auth_seq_id             53 
_struct_conn.ptnr2_symmetry                1_555 
_struct_conn.pdbx_ptnr3_label_atom_id      ? 
_struct_conn.pdbx_ptnr3_label_seq_id       ? 
_struct_conn.pdbx_ptnr3_label_comp_id      ? 
_struct_conn.pdbx_ptnr3_label_asym_id      ? 
_struct_conn.pdbx_ptnr3_label_alt_id       ? 
_struct_conn.pdbx_ptnr3_PDB_ins_code       ? 
_struct_conn.details                       ? 
_struct_conn.pdbx_dist_value               2.226 
_struct_conn.pdbx_value_order              ? 
_struct_conn.pdbx_role                     ? 
# 
_struct_conn_type.id          disulf 
_struct_conn_type.criteria    ? 
_struct_conn_type.reference   ? 
# 
_pdbx_modification_feature.ordinal                            1 
_pdbx_modification_feature.label_comp_id                      CYS 
_pdbx_modification_feature.label_asym_id                      A 
_pdbx_modification_feature.label_seq_id                       51 
_pdbx_modification_feature.label_alt_id                       ? 
_pdbx_modification_feature.modified_residue_label_comp_id     CYS 
_pdbx_modification_feature.modified_residue_label_asym_id     A 
_pdbx_modification_feature.modified_residue_label_seq_id      54 
_pdbx_modification_feature.modified_residue_label_alt_id      ? 
_pdbx_modification_feature.auth_comp_id                       CYS 
_pdbx_modification_feature.auth_asym_id                       A 
_pdbx_modification_feature.auth_seq_id                        50 
_pdbx_modification_feature.PDB_ins_code                       ? 
_pdbx_modification_feature.symmetry                           1_555 
_pdbx_modification_feature.modified_residue_auth_comp_id      CYS 
_pdbx_modification_feature.modified_residue_auth_asym_id      A 
_pdbx_modification_feature.modified_residue_auth_seq_id       53 
_pdbx_modification_feature.modified_residue_PDB_ins_code      ? 
_pdbx_modification_feature.modified_residue_symmetry          1_555 
_pdbx_modification_feature.comp_id_linking_atom               SG 
_pdbx_modification_feature.modified_residue_id_linking_atom   SG 
_pdbx_modification_feature.modified_residue_id                . 
_pdbx_modification_feature.ref_pcm_id                         . 
_pdbx_modification_feature.ref_comp_id                        . 
_pdbx_modification_feature.type                               None 
_pdbx_modification_feature.category                           'Disulfide bridge' 
# 
_struct_mon_prot_cis.pdbx_id                1 
_struct_mon_prot_cis.label_comp_id          TRP 
_struct_mon_prot_cis.label_seq_id           105 
_struct_mon_prot_cis.label_asym_id          A 
_struct_mon_prot_cis.label_alt_id           . 
_struct_mon_prot_cis.pdbx_PDB_ins_code      ? 
_struct_mon_prot_cis.auth_comp_id           TRP 
_struct_mon_prot_cis.auth_seq_id            104 
_struct_mon_prot_cis.auth_asym_id           A 
_struct_mon_prot_cis.pdbx_label_comp_id_2   PRO 
_struct_mon_prot_cis.pdbx_label_seq_id_2    106 
_struct_mon_prot_cis.pdbx_label_asym_id_2   A 
_struct_mon_prot_cis.pdbx_PDB_ins_code_2    ? 
_struct_mon_prot_cis.pdbx_auth_comp_id_2    PRO 
_struct_mon_prot_cis.pdbx_auth_seq_id_2     105 
_struct_mon_prot_cis.pdbx_auth_asym_id_2    A 
_struct_mon_prot_cis.pdbx_PDB_model_num     1 
_struct_mon_prot_cis.pdbx_omega_angle       -3.42 
# 
_struct_sheet.id               A 
_struct_sheet.type             ? 
_struct_sheet.number_strands   4 
_struct_sheet.details          ? 
# 
loop_
_struct_sheet_order.sheet_id 
_struct_sheet_order.range_id_1 
_struct_sheet_order.range_id_2 
_struct_sheet_order.offset 
_struct_sheet_order.sense 
A 1 2 ? parallel      
A 2 3 ? anti-parallel 
A 3 4 ? anti-parallel 
# 
loop_
_struct_sheet_range.sheet_id 
_struct_sheet_range.id 
_struct_sheet_range.beg_label_comp_id 
_struct_sheet_range.beg_label_asym_id 
_struct_sheet_range.beg_label_seq_id 
_struct_sheet_range.pdbx_beg_PDB_ins_code 
_struct_sheet_range.end_label_comp_id 
_struct_sheet_range.end_label_asym_id 
_struct_sheet_range.end_label_seq_id 
_struct_sheet_range.pdbx_end_PDB_ins_code 
_struct_sheet_range.beg_auth_comp_id 
_struct_sheet_range.beg_auth_asym_id 
_struct_sheet_range.beg_auth_seq_id 
_struct_sheet_range.end_auth_comp_id 
_struct_sheet_range.end_auth_asym_id 
_struct_sheet_range.end_auth_seq_id 
A 1 VAL A 76  ? ASP A 81  ? VAL A 75  ASP A 80  
A 2 VAL A 42  ? GLY A 47  ? VAL A 41  GLY A 46  
A 3 LEU A 107 ? MET A 111 ? LEU A 106 MET A 110 
A 4 PRO A 117 ? GLY A 121 ? PRO A 116 GLY A 120 
# 
loop_
_pdbx_struct_sheet_hbond.sheet_id 
_pdbx_struct_sheet_hbond.range_id_1 
_pdbx_struct_sheet_hbond.range_id_2 
_pdbx_struct_sheet_hbond.range_1_label_atom_id 
_pdbx_struct_sheet_hbond.range_1_label_comp_id 
_pdbx_struct_sheet_hbond.range_1_label_asym_id 
_pdbx_struct_sheet_hbond.range_1_label_seq_id 
_pdbx_struct_sheet_hbond.range_1_PDB_ins_code 
_pdbx_struct_sheet_hbond.range_1_auth_atom_id 
_pdbx_struct_sheet_hbond.range_1_auth_comp_id 
_pdbx_struct_sheet_hbond.range_1_auth_asym_id 
_pdbx_struct_sheet_hbond.range_1_auth_seq_id 
_pdbx_struct_sheet_hbond.range_2_label_atom_id 
_pdbx_struct_sheet_hbond.range_2_label_comp_id 
_pdbx_struct_sheet_hbond.range_2_label_asym_id 
_pdbx_struct_sheet_hbond.range_2_label_seq_id 
_pdbx_struct_sheet_hbond.range_2_PDB_ins_code 
_pdbx_struct_sheet_hbond.range_2_auth_atom_id 
_pdbx_struct_sheet_hbond.range_2_auth_comp_id 
_pdbx_struct_sheet_hbond.range_2_auth_asym_id 
_pdbx_struct_sheet_hbond.range_2_auth_seq_id 
A 1 2 O ILE A 78  ? O ILE A 77  N PHE A 43  ? N PHE A 42  
A 2 3 N LEU A 44  ? N LEU A 43  O ILE A 109 ? O ILE A 108 
A 3 4 N ASN A 108 ? N ASN A 107 O GLY A 121 ? O GLY A 120 
# 
_pdbx_entry_details.entry_id                   3IRA 
_pdbx_entry_details.compound_details           ? 
_pdbx_entry_details.source_details             ? 
_pdbx_entry_details.nonpolymer_details         ? 
_pdbx_entry_details.sequence_details           ? 
_pdbx_entry_details.has_ligand_of_interest     ? 
_pdbx_entry_details.has_protein_modification   Y 
# 
_pdbx_validate_close_contact.id               1 
_pdbx_validate_close_contact.PDB_model_num    1 
_pdbx_validate_close_contact.auth_atom_id_1   OE1 
_pdbx_validate_close_contact.auth_asym_id_1   A 
_pdbx_validate_close_contact.auth_comp_id_1   GLU 
_pdbx_validate_close_contact.auth_seq_id_1    59 
_pdbx_validate_close_contact.PDB_ins_code_1   ? 
_pdbx_validate_close_contact.label_alt_id_1   ? 
_pdbx_validate_close_contact.auth_atom_id_2   OH 
_pdbx_validate_close_contact.auth_asym_id_2   A 
_pdbx_validate_close_contact.auth_comp_id_2   TYR 
_pdbx_validate_close_contact.auth_seq_id_2    122 
_pdbx_validate_close_contact.PDB_ins_code_2   ? 
_pdbx_validate_close_contact.label_alt_id_2   ? 
_pdbx_validate_close_contact.dist             2.05 
# 
loop_
_pdbx_validate_torsion.id 
_pdbx_validate_torsion.PDB_model_num 
_pdbx_validate_torsion.auth_comp_id 
_pdbx_validate_torsion.auth_asym_id 
_pdbx_validate_torsion.auth_seq_id 
_pdbx_validate_torsion.PDB_ins_code 
_pdbx_validate_torsion.label_alt_id 
_pdbx_validate_torsion.phi 
_pdbx_validate_torsion.psi 
1 1 THR A 121 ? ? -102.93 -137.51 
2 1 SER A 170 ? ? -35.49  -39.95  
# 
_pdbx_SG_project.id                    1 
_pdbx_SG_project.project_name          'PSI, Protein Structure Initiative' 
_pdbx_SG_project.full_name_of_center   'Midwest Center for Structural Genomics' 
_pdbx_SG_project.initial_of_center     MCSG 
# 
_pdbx_refine_tls.pdbx_refine_id   'X-RAY DIFFRACTION' 
_pdbx_refine_tls.id               1 
_pdbx_refine_tls.details          ? 
_pdbx_refine_tls.method           refined 
_pdbx_refine_tls.origin_x         0.2051 
_pdbx_refine_tls.origin_y         -0.0539 
_pdbx_refine_tls.origin_z         -0.1046 
_pdbx_refine_tls.T[1][1]          0.0394 
_pdbx_refine_tls.T[2][2]          0.0255 
_pdbx_refine_tls.T[3][3]          0.0652 
_pdbx_refine_tls.T[1][2]          -0.0008 
_pdbx_refine_tls.T[1][3]          -0.0309 
_pdbx_refine_tls.T[2][3]          0.0265 
_pdbx_refine_tls.L[1][1]          2.3591 
_pdbx_refine_tls.L[2][2]          1.8025 
_pdbx_refine_tls.L[3][3]          0.8895 
_pdbx_refine_tls.L[1][2]          -1.0229 
_pdbx_refine_tls.L[1][3]          0.1318 
_pdbx_refine_tls.L[2][3]          -0.4362 
_pdbx_refine_tls.S[1][1]          0.0608 
_pdbx_refine_tls.S[1][2]          -0.1421 
_pdbx_refine_tls.S[1][3]          -0.1996 
_pdbx_refine_tls.S[2][1]          -0.0288 
_pdbx_refine_tls.S[2][2]          0.0315 
_pdbx_refine_tls.S[2][3]          0.1048 
_pdbx_refine_tls.S[3][1]          0.0106 
_pdbx_refine_tls.S[3][2]          -0.0614 
_pdbx_refine_tls.S[3][3]          -0.0923 
# 
loop_
_pdbx_refine_tls_group.pdbx_refine_id 
_pdbx_refine_tls_group.id 
_pdbx_refine_tls_group.refine_tls_id 
_pdbx_refine_tls_group.beg_auth_asym_id 
_pdbx_refine_tls_group.beg_auth_seq_id 
_pdbx_refine_tls_group.end_auth_asym_id 
_pdbx_refine_tls_group.end_auth_seq_id 
_pdbx_refine_tls_group.selection_details 
_pdbx_refine_tls_group.beg_label_asym_id 
_pdbx_refine_tls_group.beg_label_seq_id 
_pdbx_refine_tls_group.end_label_asym_id 
_pdbx_refine_tls_group.end_label_seq_id 
_pdbx_refine_tls_group.selection 
'X-RAY DIFFRACTION' 1 1 A 0   A 30  ? . . . . ? 
'X-RAY DIFFRACTION' 2 1 A 31  A 60  ? . . . . ? 
'X-RAY DIFFRACTION' 3 1 A 61  A 90  ? . . . . ? 
'X-RAY DIFFRACTION' 4 1 A 91  A 120 ? . . . . ? 
'X-RAY DIFFRACTION' 5 1 A 121 A 150 ? . . . . ? 
'X-RAY DIFFRACTION' 6 1 A 151 A 171 ? . . . . ? 
# 
_pdbx_unobs_or_zero_occ_residues.id               1 
_pdbx_unobs_or_zero_occ_residues.PDB_model_num    1 
_pdbx_unobs_or_zero_occ_residues.polymer_flag     Y 
_pdbx_unobs_or_zero_occ_residues.occupancy_flag   1 
_pdbx_unobs_or_zero_occ_residues.auth_asym_id     A 
_pdbx_unobs_or_zero_occ_residues.auth_comp_id     GLY 
_pdbx_unobs_or_zero_occ_residues.auth_seq_id      172 
_pdbx_unobs_or_zero_occ_residues.PDB_ins_code     ? 
_pdbx_unobs_or_zero_occ_residues.label_asym_id    A 
_pdbx_unobs_or_zero_occ_residues.label_comp_id    GLY 
_pdbx_unobs_or_zero_occ_residues.label_seq_id     173 
# 
loop_
_chem_comp_atom.comp_id 
_chem_comp_atom.atom_id 
_chem_comp_atom.type_symbol 
_chem_comp_atom.pdbx_aromatic_flag 
_chem_comp_atom.pdbx_stereo_config 
_chem_comp_atom.pdbx_ordinal 
ALA N    N N N 1   
ALA CA   C N S 2   
ALA C    C N N 3   
ALA O    O N N 4   
ALA CB   C N N 5   
ALA OXT  O N N 6   
ALA H    H N N 7   
ALA H2   H N N 8   
ALA HA   H N N 9   
ALA HB1  H N N 10  
ALA HB2  H N N 11  
ALA HB3  H N N 12  
ALA HXT  H N N 13  
ARG N    N N N 14  
ARG CA   C N S 15  
ARG C    C N N 16  
ARG O    O N N 17  
ARG CB   C N N 18  
ARG CG   C N N 19  
ARG CD   C N N 20  
ARG NE   N N N 21  
ARG CZ   C N N 22  
ARG NH1  N N N 23  
ARG NH2  N N N 24  
ARG OXT  O N N 25  
ARG H    H N N 26  
ARG H2   H N N 27  
ARG HA   H N N 28  
ARG HB2  H N N 29  
ARG HB3  H N N 30  
ARG HG2  H N N 31  
ARG HG3  H N N 32  
ARG HD2  H N N 33  
ARG HD3  H N N 34  
ARG HE   H N N 35  
ARG HH11 H N N 36  
ARG HH12 H N N 37  
ARG HH21 H N N 38  
ARG HH22 H N N 39  
ARG HXT  H N N 40  
ASN N    N N N 41  
ASN CA   C N S 42  
ASN C    C N N 43  
ASN O    O N N 44  
ASN CB   C N N 45  
ASN CG   C N N 46  
ASN OD1  O N N 47  
ASN ND2  N N N 48  
ASN OXT  O N N 49  
ASN H    H N N 50  
ASN H2   H N N 51  
ASN HA   H N N 52  
ASN HB2  H N N 53  
ASN HB3  H N N 54  
ASN HD21 H N N 55  
ASN HD22 H N N 56  
ASN HXT  H N N 57  
ASP N    N N N 58  
ASP CA   C N S 59  
ASP C    C N N 60  
ASP O    O N N 61  
ASP CB   C N N 62  
ASP CG   C N N 63  
ASP OD1  O N N 64  
ASP OD2  O N N 65  
ASP OXT  O N N 66  
ASP H    H N N 67  
ASP H2   H N N 68  
ASP HA   H N N 69  
ASP HB2  H N N 70  
ASP HB3  H N N 71  
ASP HD2  H N N 72  
ASP HXT  H N N 73  
CYS N    N N N 74  
CYS CA   C N R 75  
CYS C    C N N 76  
CYS O    O N N 77  
CYS CB   C N N 78  
CYS SG   S N N 79  
CYS OXT  O N N 80  
CYS H    H N N 81  
CYS H2   H N N 82  
CYS HA   H N N 83  
CYS HB2  H N N 84  
CYS HB3  H N N 85  
CYS HG   H N N 86  
CYS HXT  H N N 87  
GLN N    N N N 88  
GLN CA   C N S 89  
GLN C    C N N 90  
GLN O    O N N 91  
GLN CB   C N N 92  
GLN CG   C N N 93  
GLN CD   C N N 94  
GLN OE1  O N N 95  
GLN NE2  N N N 96  
GLN OXT  O N N 97  
GLN H    H N N 98  
GLN H2   H N N 99  
GLN HA   H N N 100 
GLN HB2  H N N 101 
GLN HB3  H N N 102 
GLN HG2  H N N 103 
GLN HG3  H N N 104 
GLN HE21 H N N 105 
GLN HE22 H N N 106 
GLN HXT  H N N 107 
GLU N    N N N 108 
GLU CA   C N S 109 
GLU C    C N N 110 
GLU O    O N N 111 
GLU CB   C N N 112 
GLU CG   C N N 113 
GLU CD   C N N 114 
GLU OE1  O N N 115 
GLU OE2  O N N 116 
GLU OXT  O N N 117 
GLU H    H N N 118 
GLU H2   H N N 119 
GLU HA   H N N 120 
GLU HB2  H N N 121 
GLU HB3  H N N 122 
GLU HG2  H N N 123 
GLU HG3  H N N 124 
GLU HE2  H N N 125 
GLU HXT  H N N 126 
GLY N    N N N 127 
GLY CA   C N N 128 
GLY C    C N N 129 
GLY O    O N N 130 
GLY OXT  O N N 131 
GLY H    H N N 132 
GLY H2   H N N 133 
GLY HA2  H N N 134 
GLY HA3  H N N 135 
GLY HXT  H N N 136 
HIS N    N N N 137 
HIS CA   C N S 138 
HIS C    C N N 139 
HIS O    O N N 140 
HIS CB   C N N 141 
HIS CG   C Y N 142 
HIS ND1  N Y N 143 
HIS CD2  C Y N 144 
HIS CE1  C Y N 145 
HIS NE2  N Y N 146 
HIS OXT  O N N 147 
HIS H    H N N 148 
HIS H2   H N N 149 
HIS HA   H N N 150 
HIS HB2  H N N 151 
HIS HB3  H N N 152 
HIS HD1  H N N 153 
HIS HD2  H N N 154 
HIS HE1  H N N 155 
HIS HE2  H N N 156 
HIS HXT  H N N 157 
HOH O    O N N 158 
HOH H1   H N N 159 
HOH H2   H N N 160 
ILE N    N N N 161 
ILE CA   C N S 162 
ILE C    C N N 163 
ILE O    O N N 164 
ILE CB   C N S 165 
ILE CG1  C N N 166 
ILE CG2  C N N 167 
ILE CD1  C N N 168 
ILE OXT  O N N 169 
ILE H    H N N 170 
ILE H2   H N N 171 
ILE HA   H N N 172 
ILE HB   H N N 173 
ILE HG12 H N N 174 
ILE HG13 H N N 175 
ILE HG21 H N N 176 
ILE HG22 H N N 177 
ILE HG23 H N N 178 
ILE HD11 H N N 179 
ILE HD12 H N N 180 
ILE HD13 H N N 181 
ILE HXT  H N N 182 
LEU N    N N N 183 
LEU CA   C N S 184 
LEU C    C N N 185 
LEU O    O N N 186 
LEU CB   C N N 187 
LEU CG   C N N 188 
LEU CD1  C N N 189 
LEU CD2  C N N 190 
LEU OXT  O N N 191 
LEU H    H N N 192 
LEU H2   H N N 193 
LEU HA   H N N 194 
LEU HB2  H N N 195 
LEU HB3  H N N 196 
LEU HG   H N N 197 
LEU HD11 H N N 198 
LEU HD12 H N N 199 
LEU HD13 H N N 200 
LEU HD21 H N N 201 
LEU HD22 H N N 202 
LEU HD23 H N N 203 
LEU HXT  H N N 204 
LYS N    N N N 205 
LYS CA   C N S 206 
LYS C    C N N 207 
LYS O    O N N 208 
LYS CB   C N N 209 
LYS CG   C N N 210 
LYS CD   C N N 211 
LYS CE   C N N 212 
LYS NZ   N N N 213 
LYS OXT  O N N 214 
LYS H    H N N 215 
LYS H2   H N N 216 
LYS HA   H N N 217 
LYS HB2  H N N 218 
LYS HB3  H N N 219 
LYS HG2  H N N 220 
LYS HG3  H N N 221 
LYS HD2  H N N 222 
LYS HD3  H N N 223 
LYS HE2  H N N 224 
LYS HE3  H N N 225 
LYS HZ1  H N N 226 
LYS HZ2  H N N 227 
LYS HZ3  H N N 228 
LYS HXT  H N N 229 
MET N    N N N 230 
MET CA   C N S 231 
MET C    C N N 232 
MET O    O N N 233 
MET CB   C N N 234 
MET CG   C N N 235 
MET SD   S N N 236 
MET CE   C N N 237 
MET OXT  O N N 238 
MET H    H N N 239 
MET H2   H N N 240 
MET HA   H N N 241 
MET HB2  H N N 242 
MET HB3  H N N 243 
MET HG2  H N N 244 
MET HG3  H N N 245 
MET HE1  H N N 246 
MET HE2  H N N 247 
MET HE3  H N N 248 
MET HXT  H N N 249 
PHE N    N N N 250 
PHE CA   C N S 251 
PHE C    C N N 252 
PHE O    O N N 253 
PHE CB   C N N 254 
PHE CG   C Y N 255 
PHE CD1  C Y N 256 
PHE CD2  C Y N 257 
PHE CE1  C Y N 258 
PHE CE2  C Y N 259 
PHE CZ   C Y N 260 
PHE OXT  O N N 261 
PHE H    H N N 262 
PHE H2   H N N 263 
PHE HA   H N N 264 
PHE HB2  H N N 265 
PHE HB3  H N N 266 
PHE HD1  H N N 267 
PHE HD2  H N N 268 
PHE HE1  H N N 269 
PHE HE2  H N N 270 
PHE HZ   H N N 271 
PHE HXT  H N N 272 
PRO N    N N N 273 
PRO CA   C N S 274 
PRO C    C N N 275 
PRO O    O N N 276 
PRO CB   C N N 277 
PRO CG   C N N 278 
PRO CD   C N N 279 
PRO OXT  O N N 280 
PRO H    H N N 281 
PRO HA   H N N 282 
PRO HB2  H N N 283 
PRO HB3  H N N 284 
PRO HG2  H N N 285 
PRO HG3  H N N 286 
PRO HD2  H N N 287 
PRO HD3  H N N 288 
PRO HXT  H N N 289 
SER N    N N N 290 
SER CA   C N S 291 
SER C    C N N 292 
SER O    O N N 293 
SER CB   C N N 294 
SER OG   O N N 295 
SER OXT  O N N 296 
SER H    H N N 297 
SER H2   H N N 298 
SER HA   H N N 299 
SER HB2  H N N 300 
SER HB3  H N N 301 
SER HG   H N N 302 
SER HXT  H N N 303 
THR N    N N N 304 
THR CA   C N S 305 
THR C    C N N 306 
THR O    O N N 307 
THR CB   C N R 308 
THR OG1  O N N 309 
THR CG2  C N N 310 
THR OXT  O N N 311 
THR H    H N N 312 
THR H2   H N N 313 
THR HA   H N N 314 
THR HB   H N N 315 
THR HG1  H N N 316 
THR HG21 H N N 317 
THR HG22 H N N 318 
THR HG23 H N N 319 
THR HXT  H N N 320 
TRP N    N N N 321 
TRP CA   C N S 322 
TRP C    C N N 323 
TRP O    O N N 324 
TRP CB   C N N 325 
TRP CG   C Y N 326 
TRP CD1  C Y N 327 
TRP CD2  C Y N 328 
TRP NE1  N Y N 329 
TRP CE2  C Y N 330 
TRP CE3  C Y N 331 
TRP CZ2  C Y N 332 
TRP CZ3  C Y N 333 
TRP CH2  C Y N 334 
TRP OXT  O N N 335 
TRP H    H N N 336 
TRP H2   H N N 337 
TRP HA   H N N 338 
TRP HB2  H N N 339 
TRP HB3  H N N 340 
TRP HD1  H N N 341 
TRP HE1  H N N 342 
TRP HE3  H N N 343 
TRP HZ2  H N N 344 
TRP HZ3  H N N 345 
TRP HH2  H N N 346 
TRP HXT  H N N 347 
TYR N    N N N 348 
TYR CA   C N S 349 
TYR C    C N N 350 
TYR O    O N N 351 
TYR CB   C N N 352 
TYR CG   C Y N 353 
TYR CD1  C Y N 354 
TYR CD2  C Y N 355 
TYR CE1  C Y N 356 
TYR CE2  C Y N 357 
TYR CZ   C Y N 358 
TYR OH   O N N 359 
TYR OXT  O N N 360 
TYR H    H N N 361 
TYR H2   H N N 362 
TYR HA   H N N 363 
TYR HB2  H N N 364 
TYR HB3  H N N 365 
TYR HD1  H N N 366 
TYR HD2  H N N 367 
TYR HE1  H N N 368 
TYR HE2  H N N 369 
TYR HH   H N N 370 
TYR HXT  H N N 371 
VAL N    N N N 372 
VAL CA   C N S 373 
VAL C    C N N 374 
VAL O    O N N 375 
VAL CB   C N N 376 
VAL CG1  C N N 377 
VAL CG2  C N N 378 
VAL OXT  O N N 379 
VAL H    H N N 380 
VAL H2   H N N 381 
VAL HA   H N N 382 
VAL HB   H N N 383 
VAL HG11 H N N 384 
VAL HG12 H N N 385 
VAL HG13 H N N 386 
VAL HG21 H N N 387 
VAL HG22 H N N 388 
VAL HG23 H N N 389 
VAL HXT  H N N 390 
# 
loop_
_chem_comp_bond.comp_id 
_chem_comp_bond.atom_id_1 
_chem_comp_bond.atom_id_2 
_chem_comp_bond.value_order 
_chem_comp_bond.pdbx_aromatic_flag 
_chem_comp_bond.pdbx_stereo_config 
_chem_comp_bond.pdbx_ordinal 
ALA N   CA   sing N N 1   
ALA N   H    sing N N 2   
ALA N   H2   sing N N 3   
ALA CA  C    sing N N 4   
ALA CA  CB   sing N N 5   
ALA CA  HA   sing N N 6   
ALA C   O    doub N N 7   
ALA C   OXT  sing N N 8   
ALA CB  HB1  sing N N 9   
ALA CB  HB2  sing N N 10  
ALA CB  HB3  sing N N 11  
ALA OXT HXT  sing N N 12  
ARG N   CA   sing N N 13  
ARG N   H    sing N N 14  
ARG N   H2   sing N N 15  
ARG CA  C    sing N N 16  
ARG CA  CB   sing N N 17  
ARG CA  HA   sing N N 18  
ARG C   O    doub N N 19  
ARG C   OXT  sing N N 20  
ARG CB  CG   sing N N 21  
ARG CB  HB2  sing N N 22  
ARG CB  HB3  sing N N 23  
ARG CG  CD   sing N N 24  
ARG CG  HG2  sing N N 25  
ARG CG  HG3  sing N N 26  
ARG CD  NE   sing N N 27  
ARG CD  HD2  sing N N 28  
ARG CD  HD3  sing N N 29  
ARG NE  CZ   sing N N 30  
ARG NE  HE   sing N N 31  
ARG CZ  NH1  sing N N 32  
ARG CZ  NH2  doub N N 33  
ARG NH1 HH11 sing N N 34  
ARG NH1 HH12 sing N N 35  
ARG NH2 HH21 sing N N 36  
ARG NH2 HH22 sing N N 37  
ARG OXT HXT  sing N N 38  
ASN N   CA   sing N N 39  
ASN N   H    sing N N 40  
ASN N   H2   sing N N 41  
ASN CA  C    sing N N 42  
ASN CA  CB   sing N N 43  
ASN CA  HA   sing N N 44  
ASN C   O    doub N N 45  
ASN C   OXT  sing N N 46  
ASN CB  CG   sing N N 47  
ASN CB  HB2  sing N N 48  
ASN CB  HB3  sing N N 49  
ASN CG  OD1  doub N N 50  
ASN CG  ND2  sing N N 51  
ASN ND2 HD21 sing N N 52  
ASN ND2 HD22 sing N N 53  
ASN OXT HXT  sing N N 54  
ASP N   CA   sing N N 55  
ASP N   H    sing N N 56  
ASP N   H2   sing N N 57  
ASP CA  C    sing N N 58  
ASP CA  CB   sing N N 59  
ASP CA  HA   sing N N 60  
ASP C   O    doub N N 61  
ASP C   OXT  sing N N 62  
ASP CB  CG   sing N N 63  
ASP CB  HB2  sing N N 64  
ASP CB  HB3  sing N N 65  
ASP CG  OD1  doub N N 66  
ASP CG  OD2  sing N N 67  
ASP OD2 HD2  sing N N 68  
ASP OXT HXT  sing N N 69  
CYS N   CA   sing N N 70  
CYS N   H    sing N N 71  
CYS N   H2   sing N N 72  
CYS CA  C    sing N N 73  
CYS CA  CB   sing N N 74  
CYS CA  HA   sing N N 75  
CYS C   O    doub N N 76  
CYS C   OXT  sing N N 77  
CYS CB  SG   sing N N 78  
CYS CB  HB2  sing N N 79  
CYS CB  HB3  sing N N 80  
CYS SG  HG   sing N N 81  
CYS OXT HXT  sing N N 82  
GLN N   CA   sing N N 83  
GLN N   H    sing N N 84  
GLN N   H2   sing N N 85  
GLN CA  C    sing N N 86  
GLN CA  CB   sing N N 87  
GLN CA  HA   sing N N 88  
GLN C   O    doub N N 89  
GLN C   OXT  sing N N 90  
GLN CB  CG   sing N N 91  
GLN CB  HB2  sing N N 92  
GLN CB  HB3  sing N N 93  
GLN CG  CD   sing N N 94  
GLN CG  HG2  sing N N 95  
GLN CG  HG3  sing N N 96  
GLN CD  OE1  doub N N 97  
GLN CD  NE2  sing N N 98  
GLN NE2 HE21 sing N N 99  
GLN NE2 HE22 sing N N 100 
GLN OXT HXT  sing N N 101 
GLU N   CA   sing N N 102 
GLU N   H    sing N N 103 
GLU N   H2   sing N N 104 
GLU CA  C    sing N N 105 
GLU CA  CB   sing N N 106 
GLU CA  HA   sing N N 107 
GLU C   O    doub N N 108 
GLU C   OXT  sing N N 109 
GLU CB  CG   sing N N 110 
GLU CB  HB2  sing N N 111 
GLU CB  HB3  sing N N 112 
GLU CG  CD   sing N N 113 
GLU CG  HG2  sing N N 114 
GLU CG  HG3  sing N N 115 
GLU CD  OE1  doub N N 116 
GLU CD  OE2  sing N N 117 
GLU OE2 HE2  sing N N 118 
GLU OXT HXT  sing N N 119 
GLY N   CA   sing N N 120 
GLY N   H    sing N N 121 
GLY N   H2   sing N N 122 
GLY CA  C    sing N N 123 
GLY CA  HA2  sing N N 124 
GLY CA  HA3  sing N N 125 
GLY C   O    doub N N 126 
GLY C   OXT  sing N N 127 
GLY OXT HXT  sing N N 128 
HIS N   CA   sing N N 129 
HIS N   H    sing N N 130 
HIS N   H2   sing N N 131 
HIS CA  C    sing N N 132 
HIS CA  CB   sing N N 133 
HIS CA  HA   sing N N 134 
HIS C   O    doub N N 135 
HIS C   OXT  sing N N 136 
HIS CB  CG   sing N N 137 
HIS CB  HB2  sing N N 138 
HIS CB  HB3  sing N N 139 
HIS CG  ND1  sing Y N 140 
HIS CG  CD2  doub Y N 141 
HIS ND1 CE1  doub Y N 142 
HIS ND1 HD1  sing N N 143 
HIS CD2 NE2  sing Y N 144 
HIS CD2 HD2  sing N N 145 
HIS CE1 NE2  sing Y N 146 
HIS CE1 HE1  sing N N 147 
HIS NE2 HE2  sing N N 148 
HIS OXT HXT  sing N N 149 
HOH O   H1   sing N N 150 
HOH O   H2   sing N N 151 
ILE N   CA   sing N N 152 
ILE N   H    sing N N 153 
ILE N   H2   sing N N 154 
ILE CA  C    sing N N 155 
ILE CA  CB   sing N N 156 
ILE CA  HA   sing N N 157 
ILE C   O    doub N N 158 
ILE C   OXT  sing N N 159 
ILE CB  CG1  sing N N 160 
ILE CB  CG2  sing N N 161 
ILE CB  HB   sing N N 162 
ILE CG1 CD1  sing N N 163 
ILE CG1 HG12 sing N N 164 
ILE CG1 HG13 sing N N 165 
ILE CG2 HG21 sing N N 166 
ILE CG2 HG22 sing N N 167 
ILE CG2 HG23 sing N N 168 
ILE CD1 HD11 sing N N 169 
ILE CD1 HD12 sing N N 170 
ILE CD1 HD13 sing N N 171 
ILE OXT HXT  sing N N 172 
LEU N   CA   sing N N 173 
LEU N   H    sing N N 174 
LEU N   H2   sing N N 175 
LEU CA  C    sing N N 176 
LEU CA  CB   sing N N 177 
LEU CA  HA   sing N N 178 
LEU C   O    doub N N 179 
LEU C   OXT  sing N N 180 
LEU CB  CG   sing N N 181 
LEU CB  HB2  sing N N 182 
LEU CB  HB3  sing N N 183 
LEU CG  CD1  sing N N 184 
LEU CG  CD2  sing N N 185 
LEU CG  HG   sing N N 186 
LEU CD1 HD11 sing N N 187 
LEU CD1 HD12 sing N N 188 
LEU CD1 HD13 sing N N 189 
LEU CD2 HD21 sing N N 190 
LEU CD2 HD22 sing N N 191 
LEU CD2 HD23 sing N N 192 
LEU OXT HXT  sing N N 193 
LYS N   CA   sing N N 194 
LYS N   H    sing N N 195 
LYS N   H2   sing N N 196 
LYS CA  C    sing N N 197 
LYS CA  CB   sing N N 198 
LYS CA  HA   sing N N 199 
LYS C   O    doub N N 200 
LYS C   OXT  sing N N 201 
LYS CB  CG   sing N N 202 
LYS CB  HB2  sing N N 203 
LYS CB  HB3  sing N N 204 
LYS CG  CD   sing N N 205 
LYS CG  HG2  sing N N 206 
LYS CG  HG3  sing N N 207 
LYS CD  CE   sing N N 208 
LYS CD  HD2  sing N N 209 
LYS CD  HD3  sing N N 210 
LYS CE  NZ   sing N N 211 
LYS CE  HE2  sing N N 212 
LYS CE  HE3  sing N N 213 
LYS NZ  HZ1  sing N N 214 
LYS NZ  HZ2  sing N N 215 
LYS NZ  HZ3  sing N N 216 
LYS OXT HXT  sing N N 217 
MET N   CA   sing N N 218 
MET N   H    sing N N 219 
MET N   H2   sing N N 220 
MET CA  C    sing N N 221 
MET CA  CB   sing N N 222 
MET CA  HA   sing N N 223 
MET C   O    doub N N 224 
MET C   OXT  sing N N 225 
MET CB  CG   sing N N 226 
MET CB  HB2  sing N N 227 
MET CB  HB3  sing N N 228 
MET CG  SD   sing N N 229 
MET CG  HG2  sing N N 230 
MET CG  HG3  sing N N 231 
MET SD  CE   sing N N 232 
MET CE  HE1  sing N N 233 
MET CE  HE2  sing N N 234 
MET CE  HE3  sing N N 235 
MET OXT HXT  sing N N 236 
PHE N   CA   sing N N 237 
PHE N   H    sing N N 238 
PHE N   H2   sing N N 239 
PHE CA  C    sing N N 240 
PHE CA  CB   sing N N 241 
PHE CA  HA   sing N N 242 
PHE C   O    doub N N 243 
PHE C   OXT  sing N N 244 
PHE CB  CG   sing N N 245 
PHE CB  HB2  sing N N 246 
PHE CB  HB3  sing N N 247 
PHE CG  CD1  doub Y N 248 
PHE CG  CD2  sing Y N 249 
PHE CD1 CE1  sing Y N 250 
PHE CD1 HD1  sing N N 251 
PHE CD2 CE2  doub Y N 252 
PHE CD2 HD2  sing N N 253 
PHE CE1 CZ   doub Y N 254 
PHE CE1 HE1  sing N N 255 
PHE CE2 CZ   sing Y N 256 
PHE CE2 HE2  sing N N 257 
PHE CZ  HZ   sing N N 258 
PHE OXT HXT  sing N N 259 
PRO N   CA   sing N N 260 
PRO N   CD   sing N N 261 
PRO N   H    sing N N 262 
PRO CA  C    sing N N 263 
PRO CA  CB   sing N N 264 
PRO CA  HA   sing N N 265 
PRO C   O    doub N N 266 
PRO C   OXT  sing N N 267 
PRO CB  CG   sing N N 268 
PRO CB  HB2  sing N N 269 
PRO CB  HB3  sing N N 270 
PRO CG  CD   sing N N 271 
PRO CG  HG2  sing N N 272 
PRO CG  HG3  sing N N 273 
PRO CD  HD2  sing N N 274 
PRO CD  HD3  sing N N 275 
PRO OXT HXT  sing N N 276 
SER N   CA   sing N N 277 
SER N   H    sing N N 278 
SER N   H2   sing N N 279 
SER CA  C    sing N N 280 
SER CA  CB   sing N N 281 
SER CA  HA   sing N N 282 
SER C   O    doub N N 283 
SER C   OXT  sing N N 284 
SER CB  OG   sing N N 285 
SER CB  HB2  sing N N 286 
SER CB  HB3  sing N N 287 
SER OG  HG   sing N N 288 
SER OXT HXT  sing N N 289 
THR N   CA   sing N N 290 
THR N   H    sing N N 291 
THR N   H2   sing N N 292 
THR CA  C    sing N N 293 
THR CA  CB   sing N N 294 
THR CA  HA   sing N N 295 
THR C   O    doub N N 296 
THR C   OXT  sing N N 297 
THR CB  OG1  sing N N 298 
THR CB  CG2  sing N N 299 
THR CB  HB   sing N N 300 
THR OG1 HG1  sing N N 301 
THR CG2 HG21 sing N N 302 
THR CG2 HG22 sing N N 303 
THR CG2 HG23 sing N N 304 
THR OXT HXT  sing N N 305 
TRP N   CA   sing N N 306 
TRP N   H    sing N N 307 
TRP N   H2   sing N N 308 
TRP CA  C    sing N N 309 
TRP CA  CB   sing N N 310 
TRP CA  HA   sing N N 311 
TRP C   O    doub N N 312 
TRP C   OXT  sing N N 313 
TRP CB  CG   sing N N 314 
TRP CB  HB2  sing N N 315 
TRP CB  HB3  sing N N 316 
TRP CG  CD1  doub Y N 317 
TRP CG  CD2  sing Y N 318 
TRP CD1 NE1  sing Y N 319 
TRP CD1 HD1  sing N N 320 
TRP CD2 CE2  doub Y N 321 
TRP CD2 CE3  sing Y N 322 
TRP NE1 CE2  sing Y N 323 
TRP NE1 HE1  sing N N 324 
TRP CE2 CZ2  sing Y N 325 
TRP CE3 CZ3  doub Y N 326 
TRP CE3 HE3  sing N N 327 
TRP CZ2 CH2  doub Y N 328 
TRP CZ2 HZ2  sing N N 329 
TRP CZ3 CH2  sing Y N 330 
TRP CZ3 HZ3  sing N N 331 
TRP CH2 HH2  sing N N 332 
TRP OXT HXT  sing N N 333 
TYR N   CA   sing N N 334 
TYR N   H    sing N N 335 
TYR N   H2   sing N N 336 
TYR CA  C    sing N N 337 
TYR CA  CB   sing N N 338 
TYR CA  HA   sing N N 339 
TYR C   O    doub N N 340 
TYR C   OXT  sing N N 341 
TYR CB  CG   sing N N 342 
TYR CB  HB2  sing N N 343 
TYR CB  HB3  sing N N 344 
TYR CG  CD1  doub Y N 345 
TYR CG  CD2  sing Y N 346 
TYR CD1 CE1  sing Y N 347 
TYR CD1 HD1  sing N N 348 
TYR CD2 CE2  doub Y N 349 
TYR CD2 HD2  sing N N 350 
TYR CE1 CZ   doub Y N 351 
TYR CE1 HE1  sing N N 352 
TYR CE2 CZ   sing Y N 353 
TYR CE2 HE2  sing N N 354 
TYR CZ  OH   sing N N 355 
TYR OH  HH   sing N N 356 
TYR OXT HXT  sing N N 357 
VAL N   CA   sing N N 358 
VAL N   H    sing N N 359 
VAL N   H2   sing N N 360 
VAL CA  C    sing N N 361 
VAL CA  CB   sing N N 362 
VAL CA  HA   sing N N 363 
VAL C   O    doub N N 364 
VAL C   OXT  sing N N 365 
VAL CB  CG1  sing N N 366 
VAL CB  CG2  sing N N 367 
VAL CB  HB   sing N N 368 
VAL CG1 HG11 sing N N 369 
VAL CG1 HG12 sing N N 370 
VAL CG1 HG13 sing N N 371 
VAL CG2 HG21 sing N N 372 
VAL CG2 HG22 sing N N 373 
VAL CG2 HG23 sing N N 374 
VAL OXT HXT  sing N N 375 
# 
_atom_sites.entry_id                    3IRA 
_atom_sites.fract_transf_matrix[1][1]   0.00331345 
_atom_sites.fract_transf_matrix[1][2]   -0.00373413 
_atom_sites.fract_transf_matrix[1][3]   -0.01484611 
_atom_sites.fract_transf_matrix[2][1]   -0.01348587 
_atom_sites.fract_transf_matrix[2][2]   -0.00790031 
_atom_sites.fract_transf_matrix[2][3]   -0.00102276 
_atom_sites.fract_transf_matrix[3][1]   -0.00482500 
_atom_sites.fract_transf_matrix[3][2]   0.00865762 
_atom_sites.fract_transf_matrix[3][3]   -0.00325446 
_atom_sites.fract_transf_vector[1]      0.314976 
_atom_sites.fract_transf_vector[2]      0.192366 
_atom_sites.fract_transf_vector[3]      0.284512 
# 
loop_
_atom_type.symbol 
C 
N 
O 
S 
# 
loop_
_atom_site.group_PDB 
_atom_site.id 
_atom_site.type_symbol 
_atom_site.label_atom_id 
_atom_site.label_alt_id 
_atom_site.label_comp_id 
_atom_site.label_asym_id 
_atom_site.label_entity_id 
_atom_site.label_seq_id 
_atom_site.pdbx_PDB_ins_code 
_atom_site.Cartn_x 
_atom_site.Cartn_y 
_atom_site.Cartn_z 
_atom_site.occupancy 
_atom_site.B_iso_or_equiv 
_atom_site.pdbx_formal_charge 
_atom_site.auth_seq_id 
_atom_site.auth_comp_id 
_atom_site.auth_asym_id 
_atom_site.auth_atom_id 
_atom_site.pdbx_PDB_model_num 
ATOM   1    N N   . ALA A 1 1   ? 11.483  -18.714 10.611  1.00 46.70 ? 0   ALA A N   1 
ATOM   2    C CA  . ALA A 1 1   ? 11.102  -17.757 9.497   1.00 46.96 ? 0   ALA A CA  1 
ATOM   3    C C   . ALA A 1 1   ? 10.373  -18.528 8.358   1.00 46.03 ? 0   ALA A C   1 
ATOM   4    O O   . ALA A 1 1   ? 11.034  -19.274 7.612   1.00 46.74 ? 0   ALA A O   1 
ATOM   5    C CB  . ALA A 1 1   ? 12.354  -17.031 8.965   1.00 46.06 ? 0   ALA A CB  1 
ATOM   6    N N   . GLU A 1 2   ? 9.031   -18.424 8.291   1.00 44.58 ? 1   GLU A N   1 
ATOM   7    C CA  . GLU A 1 2   ? 8.261   -18.970 7.159   1.00 43.28 ? 1   GLU A CA  1 
ATOM   8    C C   . GLU A 1 2   ? 8.010   -17.852 6.119   1.00 40.54 ? 1   GLU A C   1 
ATOM   9    O O   . GLU A 1 2   ? 7.497   -16.805 6.452   1.00 40.68 ? 1   GLU A O   1 
ATOM   10   C CB  . GLU A 1 2   ? 6.916   -19.534 7.600   1.00 44.15 ? 1   GLU A CB  1 
ATOM   11   C CG  . GLU A 1 2   ? 6.964   -20.909 8.193   1.00 47.89 ? 1   GLU A CG  1 
ATOM   12   C CD  . GLU A 1 2   ? 7.651   -21.944 7.270   1.00 53.28 ? 1   GLU A CD  1 
ATOM   13   O OE1 . GLU A 1 2   ? 8.598   -22.646 7.740   1.00 55.57 ? 1   GLU A OE1 1 
ATOM   14   O OE2 . GLU A 1 2   ? 7.245   -22.046 6.081   1.00 55.16 ? 1   GLU A OE2 1 
ATOM   15   N N   . PRO A 1 3   ? 8.360   -18.085 4.860   1.00 37.05 ? 2   PRO A N   1 
ATOM   16   C CA  . PRO A 1 3   ? 8.287   -16.993 3.898   1.00 35.33 ? 2   PRO A CA  1 
ATOM   17   C C   . PRO A 1 3   ? 6.856   -16.692 3.411   1.00 33.54 ? 2   PRO A C   1 
ATOM   18   O O   . PRO A 1 3   ? 5.961   -17.506 3.596   1.00 31.95 ? 2   PRO A O   1 
ATOM   19   C CB  . PRO A 1 3   ? 9.163   -17.473 2.755   1.00 35.04 ? 2   PRO A CB  1 
ATOM   20   C CG  . PRO A 1 3   ? 9.192   -18.923 2.877   1.00 35.98 ? 2   PRO A CG  1 
ATOM   21   C CD  . PRO A 1 3   ? 8.906   -19.316 4.279   1.00 37.11 ? 2   PRO A CD  1 
ATOM   22   N N   . ASN A 1 4   ? 6.635   -15.494 2.865   1.00 31.74 ? 3   ASN A N   1 
ATOM   23   C CA  . ASN A 1 4   ? 5.356   -15.188 2.236   1.00 29.50 ? 3   ASN A CA  1 
ATOM   24   C C   . ASN A 1 4   ? 5.441   -15.663 0.785   1.00 28.65 ? 3   ASN A C   1 
ATOM   25   O O   . ASN A 1 4   ? 6.455   -16.225 0.341   1.00 27.49 ? 3   ASN A O   1 
ATOM   26   C CB  . ASN A 1 4   ? 5.008   -13.712 2.416   1.00 29.34 ? 3   ASN A CB  1 
ATOM   27   C CG  . ASN A 1 4   ? 6.059   -12.797 1.891   1.00 28.34 ? 3   ASN A CG  1 
ATOM   28   O OD1 . ASN A 1 4   ? 6.482   -12.938 0.757   1.00 23.86 ? 3   ASN A OD1 1 
ATOM   29   N ND2 . ASN A 1 4   ? 6.528   -11.867 2.731   1.00 24.26 ? 3   ASN A ND2 1 
ATOM   30   N N   . ARG A 1 5   ? 4.378   -15.427 0.045   1.00 28.22 ? 4   ARG A N   1 
ATOM   31   C CA  . ARG A 1 5   ? 4.287   -15.862 -1.344  1.00 28.41 ? 4   ARG A CA  1 
ATOM   32   C C   . ARG A 1 5   ? 5.340   -15.339 -2.315  1.00 27.60 ? 4   ARG A C   1 
ATOM   33   O O   . ARG A 1 5   ? 5.622   -15.943 -3.326  1.00 27.82 ? 4   ARG A O   1 
ATOM   34   C CB  . ARG A 1 5   ? 2.888   -15.530 -1.853  1.00 28.66 ? 4   ARG A CB  1 
ATOM   35   C CG  . ARG A 1 5   ? 1.835   -16.422 -1.165  1.00 29.85 ? 4   ARG A CG  1 
ATOM   36   C CD  . ARG A 1 5   ? 0.431   -15.950 -1.478  1.00 31.40 ? 4   ARG A CD  1 
ATOM   37   N NE  . ARG A 1 5   ? -0.584  -16.850 -0.949  1.00 32.65 ? 4   ARG A NE  1 
ATOM   38   C CZ  . ARG A 1 5   ? -0.987  -16.902 0.315   1.00 34.57 ? 4   ARG A CZ  1 
ATOM   39   N NH1 . ARG A 1 5   ? -1.925  -17.775 0.673   1.00 35.79 ? 4   ARG A NH1 1 
ATOM   40   N NH2 . ARG A 1 5   ? -0.479  -16.083 1.226   1.00 36.44 ? 4   ARG A NH2 1 
ATOM   41   N N   . LEU A 1 6   ? 5.978   -14.239 -1.985  1.00 27.33 ? 5   LEU A N   1 
ATOM   42   C CA  . LEU A 1 6   ? 6.996   -13.708 -2.873  1.00 26.82 ? 5   LEU A CA  1 
ATOM   43   C C   . LEU A 1 6   ? 8.199   -14.650 -2.961  1.00 26.87 ? 5   LEU A C   1 
ATOM   44   O O   . LEU A 1 6   ? 9.064   -14.473 -3.818  1.00 25.47 ? 5   LEU A O   1 
ATOM   45   C CB  . LEU A 1 6   ? 7.435   -12.350 -2.386  1.00 26.19 ? 5   LEU A CB  1 
ATOM   46   C CG  . LEU A 1 6   ? 6.363   -11.273 -2.291  1.00 24.81 ? 5   LEU A CG  1 
ATOM   47   C CD1 . LEU A 1 6   ? 7.062   -10.003 -1.755  1.00 26.16 ? 5   LEU A CD1 1 
ATOM   48   C CD2 . LEU A 1 6   ? 5.723   -11.067 -3.657  1.00 23.89 ? 5   LEU A CD2 1 
ATOM   49   N N   . ILE A 1 7   ? 8.234   -15.657 -2.085  1.00 27.57 ? 6   ILE A N   1 
ATOM   50   C CA  . ILE A 1 7   ? 9.270   -16.689 -2.175  1.00 29.29 ? 6   ILE A CA  1 
ATOM   51   C C   . ILE A 1 7   ? 9.264   -17.346 -3.560  1.00 29.92 ? 6   ILE A C   1 
ATOM   52   O O   . ILE A 1 7   ? 10.309  -17.795 -4.025  1.00 31.52 ? 6   ILE A O   1 
ATOM   53   C CB  . ILE A 1 7   ? 9.178   -17.761 -1.057  1.00 28.68 ? 6   ILE A CB  1 
ATOM   54   C CG1 . ILE A 1 7   ? 10.521  -18.512 -0.954  1.00 29.54 ? 6   ILE A CG1 1 
ATOM   55   C CG2 . ILE A 1 7   ? 7.970   -18.763 -1.294  1.00 27.44 ? 6   ILE A CG2 1 
ATOM   56   C CD1 . ILE A 1 7   ? 11.711  -17.653 -0.346  1.00 28.70 ? 6   ILE A CD1 1 
ATOM   57   N N   . LYS A 1 8   ? 8.117   -17.385 -4.223  1.00 31.08 ? 7   LYS A N   1 
ATOM   58   C CA  . LYS A 1 8   ? 8.018   -18.021 -5.564  1.00 32.88 ? 7   LYS A CA  1 
ATOM   59   C C   . LYS A 1 8   ? 8.484   -17.152 -6.712  1.00 33.41 ? 7   LYS A C   1 
ATOM   60   O O   . LYS A 1 8   ? 8.599   -17.633 -7.824  1.00 33.97 ? 7   LYS A O   1 
ATOM   61   C CB  . LYS A 1 8   ? 6.581   -18.421 -5.870  1.00 33.26 ? 7   LYS A CB  1 
ATOM   62   C CG  . LYS A 1 8   ? 5.880   -19.178 -4.766  1.00 36.70 ? 7   LYS A CG  1 
ATOM   63   C CD  . LYS A 1 8   ? 6.652   -20.379 -4.383  1.00 38.71 ? 7   LYS A CD  1 
ATOM   64   C CE  . LYS A 1 8   ? 6.479   -21.474 -5.435  1.00 43.31 ? 7   LYS A CE  1 
ATOM   65   N NZ  . LYS A 1 8   ? 7.329   -22.700 -5.157  1.00 45.21 ? 7   LYS A NZ  1 
ATOM   66   N N   . GLU A 1 9   ? 8.727   -15.876 -6.461  1.00 33.48 ? 8   GLU A N   1 
ATOM   67   C CA  . GLU A 1 9   ? 9.040   -14.930 -7.545  1.00 33.78 ? 8   GLU A CA  1 
ATOM   68   C C   . GLU A 1 9   ? 10.473  -15.044 -7.998  1.00 34.45 ? 8   GLU A C   1 
ATOM   69   O O   . GLU A 1 9   ? 11.324  -15.467 -7.224  1.00 35.21 ? 8   GLU A O   1 
ATOM   70   C CB  . GLU A 1 9   ? 8.805   -13.511 -7.056  1.00 32.92 ? 8   GLU A CB  1 
ATOM   71   C CG  . GLU A 1 9   ? 7.350   -13.273 -6.695  1.00 32.73 ? 8   GLU A CG  1 
ATOM   72   C CD  . GLU A 1 9   ? 6.475   -13.360 -7.901  1.00 34.90 ? 8   GLU A CD  1 
ATOM   73   O OE1 . GLU A 1 9   ? 6.808   -12.683 -8.891  1.00 34.02 ? 8   GLU A OE1 1 
ATOM   74   O OE2 . GLU A 1 9   ? 5.482   -14.122 -7.882  1.00 37.66 ? 8   GLU A OE2 1 
ATOM   75   N N   . LYS A 1 10  ? 10.743  -14.602 -9.226  1.00 35.35 ? 9   LYS A N   1 
ATOM   76   C CA  . LYS A 1 10  ? 12.116  -14.553 -9.778  1.00 36.09 ? 9   LYS A CA  1 
ATOM   77   C C   . LYS A 1 10  ? 12.800  -13.243 -9.451  1.00 34.93 ? 9   LYS A C   1 
ATOM   78   O O   . LYS A 1 10  ? 14.015  -13.196 -9.315  1.00 36.36 ? 9   LYS A O   1 
ATOM   79   C CB  . LYS A 1 10  ? 12.105  -14.707 -11.311 1.00 36.53 ? 9   LYS A CB  1 
ATOM   80   C CG  . LYS A 1 10  ? 11.425  -15.974 -11.823 1.00 41.48 ? 9   LYS A CG  1 
ATOM   81   C CD  . LYS A 1 10  ? 12.215  -17.257 -11.464 1.00 45.24 ? 9   LYS A CD  1 
ATOM   82   C CE  . LYS A 1 10  ? 13.243  -17.647 -12.535 1.00 47.45 ? 9   LYS A CE  1 
ATOM   83   N NZ  . LYS A 1 10  ? 14.064  -18.849 -12.096 1.00 47.85 ? 9   LYS A NZ  1 
ATOM   84   N N   . SER A 1 11  ? 12.022  -12.176 -9.376  1.00 33.76 ? 10  SER A N   1 
ATOM   85   C CA  . SER A 1 11  ? 12.553  -10.849 -9.153  1.00 32.86 ? 10  SER A CA  1 
ATOM   86   C C   . SER A 1 11  ? 13.380  -10.815 -7.879  1.00 32.87 ? 10  SER A C   1 
ATOM   87   O O   . SER A 1 11  ? 12.874  -11.101 -6.800  1.00 32.06 ? 10  SER A O   1 
ATOM   88   C CB  . SER A 1 11  ? 11.398  -9.840  -9.044  1.00 33.02 ? 10  SER A CB  1 
ATOM   89   O OG  . SER A 1 11  ? 11.806  -8.657  -8.411  1.00 31.33 ? 10  SER A OG  1 
ATOM   90   N N   . PRO A 1 12  ? 14.651  -10.394 -7.982  1.00 33.81 ? 11  PRO A N   1 
ATOM   91   C CA  . PRO A 1 12  ? 15.464  -10.292 -6.759  1.00 32.66 ? 11  PRO A CA  1 
ATOM   92   C C   . PRO A 1 12  ? 14.880  -9.289  -5.802  1.00 31.74 ? 11  PRO A C   1 
ATOM   93   O O   . PRO A 1 12  ? 14.872  -9.529  -4.576  1.00 31.86 ? 11  PRO A O   1 
ATOM   94   C CB  . PRO A 1 12  ? 16.827  -9.884  -7.298  1.00 33.49 ? 11  PRO A CB  1 
ATOM   95   C CG  . PRO A 1 12  ? 16.862  -10.566 -8.640  1.00 33.10 ? 11  PRO A CG  1 
ATOM   96   C CD  . PRO A 1 12  ? 15.492  -10.250 -9.187  1.00 33.91 ? 11  PRO A CD  1 
ATOM   97   N N   . TYR A 1 13  ? 14.305  -8.220  -6.364  1.00 30.84 ? 12  TYR A N   1 
ATOM   98   C CA  . TYR A 1 13  ? 13.665  -7.194  -5.593  1.00 28.86 ? 12  TYR A CA  1 
ATOM   99   C C   . TYR A 1 13  ? 12.500  -7.823  -4.809  1.00 28.11 ? 12  TYR A C   1 
ATOM   100  O O   . TYR A 1 13  ? 12.409  -7.631  -3.603  1.00 26.77 ? 12  TYR A O   1 
ATOM   101  C CB  . TYR A 1 13  ? 13.196  -6.020  -6.484  1.00 28.83 ? 12  TYR A CB  1 
ATOM   102  C CG  . TYR A 1 13  ? 12.402  -4.981  -5.743  1.00 27.49 ? 12  TYR A CG  1 
ATOM   103  C CD1 . TYR A 1 13  ? 13.029  -4.081  -4.854  1.00 28.86 ? 12  TYR A CD1 1 
ATOM   104  C CD2 . TYR A 1 13  ? 11.010  -4.925  -5.862  1.00 30.66 ? 12  TYR A CD2 1 
ATOM   105  C CE1 . TYR A 1 13  ? 12.292  -3.136  -4.121  1.00 28.54 ? 12  TYR A CE1 1 
ATOM   106  C CE2 . TYR A 1 13  ? 10.250  -3.967  -5.159  1.00 29.71 ? 12  TYR A CE2 1 
ATOM   107  C CZ  . TYR A 1 13  ? 10.895  -3.060  -4.312  1.00 30.37 ? 12  TYR A CZ  1 
ATOM   108  O OH  . TYR A 1 13  ? 10.123  -2.150  -3.584  1.00 27.09 ? 12  TYR A OH  1 
ATOM   109  N N   . LEU A 1 14  ? 11.644  -8.600  -5.469  1.00 27.39 ? 13  LEU A N   1 
ATOM   110  C CA  . LEU A 1 14  ? 10.507  -9.210  -4.764  1.00 27.48 ? 13  LEU A CA  1 
ATOM   111  C C   . LEU A 1 14  ? 10.988  -10.309 -3.762  1.00 27.10 ? 13  LEU A C   1 
ATOM   112  O O   . LEU A 1 14  ? 10.555  -10.345 -2.620  1.00 27.14 ? 13  LEU A O   1 
ATOM   113  C CB  . LEU A 1 14  ? 9.423   -9.707  -5.737  1.00 27.13 ? 13  LEU A CB  1 
ATOM   114  C CG  . LEU A 1 14  ? 8.745   -8.640  -6.645  1.00 27.31 ? 13  LEU A CG  1 
ATOM   115  C CD1 . LEU A 1 14  ? 7.786   -9.310  -7.630  1.00 26.18 ? 13  LEU A CD1 1 
ATOM   116  C CD2 . LEU A 1 14  ? 8.051   -7.543  -5.853  1.00 27.20 ? 13  LEU A CD2 1 
ATOM   117  N N   . LEU A 1 15  ? 11.927  -11.143 -4.173  1.00 27.96 ? 14  LEU A N   1 
ATOM   118  C CA  . LEU A 1 15  ? 12.493  -12.167 -3.289  1.00 28.41 ? 14  LEU A CA  1 
ATOM   119  C C   . LEU A 1 15  ? 13.064  -11.594 -1.974  1.00 27.88 ? 14  LEU A C   1 
ATOM   120  O O   . LEU A 1 15  ? 12.882  -12.186 -0.894  1.00 26.58 ? 14  LEU A O   1 
ATOM   121  C CB  . LEU A 1 15  ? 13.555  -12.997 -4.022  1.00 29.18 ? 14  LEU A CB  1 
ATOM   122  C CG  . LEU A 1 15  ? 13.087  -14.049 -5.036  1.00 32.57 ? 14  LEU A CG  1 
ATOM   123  C CD1 . LEU A 1 15  ? 14.285  -14.577 -5.871  1.00 31.64 ? 14  LEU A CD1 1 
ATOM   124  C CD2 . LEU A 1 15  ? 12.324  -15.248 -4.364  1.00 30.47 ? 14  LEU A CD2 1 
ATOM   125  N N   . GLN A 1 16  ? 13.673  -10.412 -2.060  1.00 27.33 ? 15  GLN A N   1 
ATOM   126  C CA  . GLN A 1 16  ? 14.195  -9.744  -0.888  1.00 27.04 ? 15  GLN A CA  1 
ATOM   127  C C   . GLN A 1 16  ? 13.130  -9.380  0.150   1.00 26.73 ? 15  GLN A C   1 
ATOM   128  O O   . GLN A 1 16  ? 13.474  -9.090  1.293   1.00 25.68 ? 15  GLN A O   1 
ATOM   129  C CB  . GLN A 1 16  ? 14.987  -8.503  -1.280  1.00 26.50 ? 15  GLN A CB  1 
ATOM   130  C CG  . GLN A 1 16  ? 15.972  -8.021  -0.222  1.00 28.66 ? 15  GLN A CG  1 
ATOM   131  C CD  . GLN A 1 16  ? 16.917  -6.929  -0.763  1.00 31.59 ? 15  GLN A CD  1 
ATOM   132  O OE1 . GLN A 1 16  ? 17.465  -7.070  -1.873  1.00 29.84 ? 15  GLN A OE1 1 
ATOM   133  N NE2 . GLN A 1 16  ? 17.077  -5.821  0.003   1.00 26.42 ? 15  GLN A NE2 1 
ATOM   134  N N   . HIS A 1 17  ? 11.841  -9.442  -0.204  1.00 25.92 ? 16  HIS A N   1 
ATOM   135  C CA  . HIS A 1 17  ? 10.795  -9.131  0.762   1.00 25.45 ? 16  HIS A CA  1 
ATOM   136  C C   . HIS A 1 17  ? 10.085  -10.391 1.219   1.00 24.42 ? 16  HIS A C   1 
ATOM   137  O O   . HIS A 1 17  ? 9.106   -10.279 1.919   1.00 24.15 ? 16  HIS A O   1 
ATOM   138  C CB  . HIS A 1 17  ? 9.735   -8.137  0.193   1.00 25.55 ? 16  HIS A CB  1 
ATOM   139  C CG  . HIS A 1 17  ? 10.295  -6.842  -0.295  1.00 28.05 ? 16  HIS A CG  1 
ATOM   140  N ND1 . HIS A 1 17  ? 10.147  -5.652  0.388   1.00 34.65 ? 16  HIS A ND1 1 
ATOM   141  C CD2 . HIS A 1 17  ? 11.012  -6.545  -1.404  1.00 28.98 ? 16  HIS A CD2 1 
ATOM   142  C CE1 . HIS A 1 17  ? 10.734  -4.678  -0.285  1.00 30.42 ? 16  HIS A CE1 1 
ATOM   143  N NE2 . HIS A 1 17  ? 11.287  -5.200  -1.363  1.00 31.82 ? 16  HIS A NE2 1 
ATOM   144  N N   . ALA A 1 18  ? 10.542  -11.567 0.782   1.00 24.18 ? 17  ALA A N   1 
ATOM   145  C CA  . ALA A 1 18  ? 9.850   -12.833 1.033   1.00 24.25 ? 17  ALA A CA  1 
ATOM   146  C C   . ALA A 1 18  ? 9.828   -13.219 2.513   1.00 24.98 ? 17  ALA A C   1 
ATOM   147  O O   . ALA A 1 18  ? 8.967   -14.021 2.907   1.00 24.45 ? 17  ALA A O   1 
ATOM   148  C CB  . ALA A 1 18  ? 10.428  -13.997 0.184   1.00 23.17 ? 17  ALA A CB  1 
ATOM   149  N N   . TYR A 1 19  ? 10.723  -12.659 3.326   1.00 25.10 ? 18  TYR A N   1 
ATOM   150  C CA  . TYR A 1 19  ? 10.694  -12.864 4.799   1.00 26.07 ? 18  TYR A CA  1 
ATOM   151  C C   . TYR A 1 19  ? 10.208  -11.648 5.581   1.00 26.77 ? 18  TYR A C   1 
ATOM   152  O O   . TYR A 1 19  ? 10.255  -11.644 6.797   1.00 27.30 ? 18  TYR A O   1 
ATOM   153  C CB  . TYR A 1 19  ? 12.036  -13.362 5.322   1.00 26.31 ? 18  TYR A CB  1 
ATOM   154  C CG  . TYR A 1 19  ? 12.326  -14.746 4.790   1.00 26.68 ? 18  TYR A CG  1 
ATOM   155  C CD1 . TYR A 1 19  ? 12.956  -14.919 3.578   1.00 26.40 ? 18  TYR A CD1 1 
ATOM   156  C CD2 . TYR A 1 19  ? 11.865  -15.888 5.470   1.00 29.18 ? 18  TYR A CD2 1 
ATOM   157  C CE1 . TYR A 1 19  ? 13.169  -16.197 3.065   1.00 29.33 ? 18  TYR A CE1 1 
ATOM   158  C CE2 . TYR A 1 19  ? 12.098  -17.162 4.980   1.00 29.67 ? 18  TYR A CE2 1 
ATOM   159  C CZ  . TYR A 1 19  ? 12.740  -17.295 3.765   1.00 29.63 ? 18  TYR A CZ  1 
ATOM   160  O OH  . TYR A 1 19  ? 12.969  -18.532 3.247   1.00 32.00 ? 18  TYR A OH  1 
ATOM   161  N N   . ASN A 1 20  ? 9.667   -10.637 4.917   1.00 26.67 ? 19  ASN A N   1 
ATOM   162  C CA  . ASN A 1 20  ? 9.064   -9.559  5.672   1.00 26.47 ? 19  ASN A CA  1 
ATOM   163  C C   . ASN A 1 20  ? 7.894   -10.146 6.453   1.00 26.73 ? 19  ASN A C   1 
ATOM   164  O O   . ASN A 1 20  ? 7.230   -11.026 5.969   1.00 25.95 ? 19  ASN A O   1 
ATOM   165  C CB  . ASN A 1 20  ? 8.451   -8.492  4.746   1.00 26.61 ? 19  ASN A CB  1 
ATOM   166  C CG  . ASN A 1 20  ? 9.461   -7.593  4.077   1.00 27.39 ? 19  ASN A CG  1 
ATOM   167  O OD1 . ASN A 1 20  ? 10.701  -7.609  4.323   1.00 27.67 ? 19  ASN A OD1 1 
ATOM   168  N ND2 . ASN A 1 20  ? 8.934   -6.788  3.206   1.00 22.07 ? 19  ASN A ND2 1 
ATOM   169  N N   . PRO A 1 21  ? 7.579   -9.593  7.617   1.00 26.88 ? 20  PRO A N   1 
ATOM   170  C CA  . PRO A 1 21  ? 6.413   -10.121 8.282   1.00 27.03 ? 20  PRO A CA  1 
ATOM   171  C C   . PRO A 1 21  ? 5.091   -9.704  7.613   1.00 26.82 ? 20  PRO A C   1 
ATOM   172  O O   . PRO A 1 21  ? 4.039   -10.240 7.978   1.00 26.51 ? 20  PRO A O   1 
ATOM   173  C CB  . PRO A 1 21  ? 6.523   -9.545  9.722   1.00 26.85 ? 20  PRO A CB  1 
ATOM   174  C CG  . PRO A 1 21  ? 7.368   -8.319  9.599   1.00 27.46 ? 20  PRO A CG  1 
ATOM   175  C CD  . PRO A 1 21  ? 8.385   -8.721  8.500   1.00 28.40 ? 20  PRO A CD  1 
ATOM   176  N N   . VAL A 1 22  ? 5.128   -8.749  6.682   1.00 26.84 ? 21  VAL A N   1 
ATOM   177  C CA  . VAL A 1 22  ? 3.944   -8.419  5.871   1.00 26.57 ? 21  VAL A CA  1 
ATOM   178  C C   . VAL A 1 22  ? 3.682   -9.641  5.011   1.00 27.49 ? 21  VAL A C   1 
ATOM   179  O O   . VAL A 1 22  ? 4.596   -10.189 4.366   1.00 26.45 ? 21  VAL A O   1 
ATOM   180  C CB  . VAL A 1 22  ? 4.158   -7.210  4.941   1.00 27.56 ? 21  VAL A CB  1 
ATOM   181  C CG1 . VAL A 1 22  ? 2.923   -6.970  4.031   1.00 23.92 ? 21  VAL A CG1 1 
ATOM   182  C CG2 . VAL A 1 22  ? 4.534   -5.921  5.772   1.00 27.26 ? 21  VAL A CG2 1 
ATOM   183  N N   . ASP A 1 23  ? 2.425   -10.068 4.987   1.00 27.37 ? 22  ASP A N   1 
ATOM   184  C CA  . ASP A 1 23  ? 2.039   -11.257 4.212   1.00 27.13 ? 22  ASP A CA  1 
ATOM   185  C C   . ASP A 1 23  ? 1.824   -10.874 2.715   1.00 26.64 ? 22  ASP A C   1 
ATOM   186  O O   . ASP A 1 23  ? 0.704   -10.938 2.143   1.00 27.85 ? 22  ASP A O   1 
ATOM   187  C CB  . ASP A 1 23  ? 0.794   -11.809 4.845   1.00 27.13 ? 22  ASP A CB  1 
ATOM   188  C CG  . ASP A 1 23  ? 0.316   -13.091 4.207   1.00 30.58 ? 22  ASP A CG  1 
ATOM   189  O OD1 . ASP A 1 23  ? 1.130   -13.821 3.578   1.00 32.04 ? 22  ASP A OD1 1 
ATOM   190  O OD2 . ASP A 1 23  ? -0.898  -13.322 4.350   1.00 34.86 ? 22  ASP A OD2 1 
ATOM   191  N N   . TRP A 1 24  ? 2.912   -10.503 2.066   1.00 25.79 ? 23  TRP A N   1 
ATOM   192  C CA  . TRP A 1 24  ? 2.862   -9.986  0.685   1.00 26.14 ? 23  TRP A CA  1 
ATOM   193  C C   . TRP A 1 24  ? 2.334   -11.027 -0.288  1.00 25.41 ? 23  TRP A C   1 
ATOM   194  O O   . TRP A 1 24  ? 2.705   -12.167 -0.182  1.00 24.68 ? 23  TRP A O   1 
ATOM   195  C CB  . TRP A 1 24  ? 4.263   -9.561  0.179   1.00 25.67 ? 23  TRP A CB  1 
ATOM   196  C CG  . TRP A 1 24  ? 4.911   -8.386  0.846   1.00 25.78 ? 23  TRP A CG  1 
ATOM   197  C CD1 . TRP A 1 24  ? 6.040   -8.403  1.628   1.00 28.65 ? 23  TRP A CD1 1 
ATOM   198  C CD2 . TRP A 1 24  ? 4.491   -7.026  0.789   1.00 24.18 ? 23  TRP A CD2 1 
ATOM   199  N NE1 . TRP A 1 24  ? 6.350   -7.133  2.019   1.00 25.40 ? 23  TRP A NE1 1 
ATOM   200  C CE2 . TRP A 1 24  ? 5.389   -6.277  1.561   1.00 24.85 ? 23  TRP A CE2 1 
ATOM   201  C CE3 . TRP A 1 24  ? 3.408   -6.370  0.188   1.00 24.26 ? 23  TRP A CE3 1 
ATOM   202  C CZ2 . TRP A 1 24  ? 5.275   -4.873  1.709   1.00 26.11 ? 23  TRP A CZ2 1 
ATOM   203  C CZ3 . TRP A 1 24  ? 3.282   -5.001  0.351   1.00 25.98 ? 23  TRP A CZ3 1 
ATOM   204  C CH2 . TRP A 1 24  ? 4.226   -4.263  1.097   1.00 27.49 ? 23  TRP A CH2 1 
ATOM   205  N N   . TYR A 1 25  ? 1.529   -10.567 -1.244  1.00 25.83 ? 24  TYR A N   1 
ATOM   206  C CA  . TYR A 1 25  ? 1.180   -11.278 -2.481  1.00 26.94 ? 24  TYR A CA  1 
ATOM   207  C C   . TYR A 1 25  ? 1.835   -10.592 -3.684  1.00 26.75 ? 24  TYR A C   1 
ATOM   208  O O   . TYR A 1 25  ? 2.084   -9.388  -3.642  1.00 26.23 ? 24  TYR A O   1 
ATOM   209  C CB  . TYR A 1 25  ? -0.333  -11.234 -2.730  1.00 27.64 ? 24  TYR A CB  1 
ATOM   210  C CG  . TYR A 1 25  ? -1.136  -12.149 -1.859  1.00 28.54 ? 24  TYR A CG  1 
ATOM   211  C CD1 . TYR A 1 25  ? -1.343  -11.843 -0.513  1.00 29.81 ? 24  TYR A CD1 1 
ATOM   212  C CD2 . TYR A 1 25  ? -1.768  -13.295 -2.387  1.00 31.65 ? 24  TYR A CD2 1 
ATOM   213  C CE1 . TYR A 1 25  ? -2.075  -12.681 0.310   1.00 32.61 ? 24  TYR A CE1 1 
ATOM   214  C CE2 . TYR A 1 25  ? -2.520  -14.147 -1.553  1.00 30.87 ? 24  TYR A CE2 1 
ATOM   215  C CZ  . TYR A 1 25  ? -2.670  -13.832 -0.219  1.00 32.58 ? 24  TYR A CZ  1 
ATOM   216  O OH  . TYR A 1 25  ? -3.419  -14.616 0.625   1.00 33.15 ? 24  TYR A OH  1 
ATOM   217  N N   . PRO A 1 26  ? 2.089   -11.340 -4.767  1.00 26.74 ? 25  PRO A N   1 
ATOM   218  C CA  . PRO A 1 26  ? 2.469   -10.686 -6.017  1.00 27.60 ? 25  PRO A CA  1 
ATOM   219  C C   . PRO A 1 26  ? 1.191   -10.124 -6.666  1.00 29.36 ? 25  PRO A C   1 
ATOM   220  O O   . PRO A 1 26  ? 0.066   -10.432 -6.207  1.00 27.30 ? 25  PRO A O   1 
ATOM   221  C CB  . PRO A 1 26  ? 3.016   -11.855 -6.858  1.00 28.31 ? 25  PRO A CB  1 
ATOM   222  C CG  . PRO A 1 26  ? 2.220   -13.047 -6.398  1.00 27.05 ? 25  PRO A CG  1 
ATOM   223  C CD  . PRO A 1 26  ? 1.944   -12.807 -4.929  1.00 27.86 ? 25  PRO A CD  1 
ATOM   224  N N   . TRP A 1 27  ? 1.368   -9.307  -7.702  1.00 30.20 ? 26  TRP A N   1 
ATOM   225  C CA  . TRP A 1 27  ? 0.244   -8.858  -8.478  1.00 30.97 ? 26  TRP A CA  1 
ATOM   226  C C   . TRP A 1 27  ? -0.401  -10.085 -9.145  1.00 31.60 ? 26  TRP A C   1 
ATOM   227  O O   . TRP A 1 27  ? 0.279   -10.840 -9.780  1.00 31.41 ? 26  TRP A O   1 
ATOM   228  C CB  . TRP A 1 27  ? 0.694   -7.848  -9.546  1.00 31.12 ? 26  TRP A CB  1 
ATOM   229  C CG  . TRP A 1 27  ? -0.490  -7.312  -10.349 1.00 31.02 ? 26  TRP A CG  1 
ATOM   230  C CD1 . TRP A 1 27  ? -0.987  -7.812  -11.525 1.00 30.60 ? 26  TRP A CD1 1 
ATOM   231  C CD2 . TRP A 1 27  ? -1.319  -6.186  -10.007 1.00 30.30 ? 26  TRP A CD2 1 
ATOM   232  N NE1 . TRP A 1 27  ? -2.071  -7.066  -11.925 1.00 31.45 ? 26  TRP A NE1 1 
ATOM   233  C CE2 . TRP A 1 27  ? -2.289  -6.057  -11.021 1.00 30.05 ? 26  TRP A CE2 1 
ATOM   234  C CE3 . TRP A 1 27  ? -1.327  -5.273  -8.945  1.00 28.03 ? 26  TRP A CE3 1 
ATOM   235  C CZ2 . TRP A 1 27  ? -3.259  -5.059  -11.005 1.00 30.22 ? 26  TRP A CZ2 1 
ATOM   236  C CZ3 . TRP A 1 27  ? -2.276  -4.288  -8.937  1.00 31.06 ? 26  TRP A CZ3 1 
ATOM   237  C CH2 . TRP A 1 27  ? -3.239  -4.184  -9.970  1.00 30.62 ? 26  TRP A CH2 1 
ATOM   238  N N   . GLY A 1 28  ? -1.713  -10.243 -9.009  1.00 32.77 ? 27  GLY A N   1 
ATOM   239  C CA  . GLY A 1 28  ? -2.422  -11.402 -9.512  1.00 33.41 ? 27  GLY A CA  1 
ATOM   240  C C   . GLY A 1 28  ? -3.839  -11.410 -8.959  1.00 35.09 ? 27  GLY A C   1 
ATOM   241  O O   . GLY A 1 28  ? -4.193  -10.633 -8.058  1.00 33.41 ? 27  GLY A O   1 
ATOM   242  N N   . GLU A 1 29  ? -4.652  -12.322 -9.487  1.00 36.84 ? 28  GLU A N   1 
ATOM   243  C CA  . GLU A 1 29  ? -6.062  -12.334 -9.171  1.00 38.45 ? 28  GLU A CA  1 
ATOM   244  C C   . GLU A 1 29  ? -6.267  -12.959 -7.796  1.00 37.80 ? 28  GLU A C   1 
ATOM   245  O O   . GLU A 1 29  ? -7.197  -12.577 -7.116  1.00 39.14 ? 28  GLU A O   1 
ATOM   246  C CB  . GLU A 1 29  ? -6.918  -13.007 -10.294 1.00 39.51 ? 28  GLU A CB  1 
ATOM   247  C CG  . GLU A 1 29  ? -6.956  -12.201 -11.682 1.00 43.53 ? 28  GLU A CG  1 
ATOM   248  C CD  . GLU A 1 29  ? -7.759  -12.908 -12.854 1.00 50.67 ? 28  GLU A CD  1 
ATOM   249  O OE1 . GLU A 1 29  ? -8.168  -14.125 -12.745 1.00 51.71 ? 28  GLU A OE1 1 
ATOM   250  O OE2 . GLU A 1 29  ? -7.981  -12.236 -13.900 1.00 54.80 ? 28  GLU A OE2 1 
ATOM   251  N N   . GLU A 1 30  ? -5.374  -13.841 -7.354  1.00 37.16 ? 29  GLU A N   1 
ATOM   252  C CA  . GLU A 1 30  ? -5.475  -14.417 -6.013  1.00 36.38 ? 29  GLU A CA  1 
ATOM   253  C C   . GLU A 1 30  ? -5.580  -13.336 -4.953  1.00 35.46 ? 29  GLU A C   1 
ATOM   254  O O   . GLU A 1 30  ? -6.420  -13.431 -4.069  1.00 35.50 ? 29  GLU A O   1 
ATOM   255  C CB  . GLU A 1 30  ? -4.296  -15.332 -5.675  1.00 36.53 ? 29  GLU A CB  1 
ATOM   256  C CG  . GLU A 1 30  ? -4.585  -16.230 -4.424  1.00 39.49 ? 29  GLU A CG  1 
ATOM   257  C CD  . GLU A 1 30  ? -3.371  -16.987 -3.810  1.00 44.37 ? 29  GLU A CD  1 
ATOM   258  O OE1 . GLU A 1 30  ? -2.256  -17.008 -4.386  1.00 46.43 ? 29  GLU A OE1 1 
ATOM   259  O OE2 . GLU A 1 30  ? -3.547  -17.590 -2.717  1.00 48.01 ? 29  GLU A OE2 1 
ATOM   260  N N   . ALA A 1 31  ? -4.713  -12.315 -5.025  1.00 34.15 ? 30  ALA A N   1 
ATOM   261  C CA  . ALA A 1 31  ? -4.697  -11.270 -4.000  1.00 33.05 ? 30  ALA A CA  1 
ATOM   262  C C   . ALA A 1 31  ? -6.053  -10.561 -4.014  1.00 32.08 ? 30  ALA A C   1 
ATOM   263  O O   . ALA A 1 31  ? -6.660  -10.310 -2.962  1.00 30.48 ? 30  ALA A O   1 
ATOM   264  C CB  . ALA A 1 31  ? -3.538  -10.260 -4.236  1.00 31.50 ? 30  ALA A CB  1 
ATOM   265  N N   . PHE A 1 32  ? -6.504  -10.195 -5.212  1.00 32.71 ? 31  PHE A N   1 
ATOM   266  C CA  . PHE A 1 32  ? -7.764  -9.459  -5.329  1.00 33.17 ? 31  PHE A CA  1 
ATOM   267  C C   . PHE A 1 32  ? -8.960  -10.328 -4.971  1.00 33.57 ? 31  PHE A C   1 
ATOM   268  O O   . PHE A 1 32  ? -9.915  -9.802  -4.388  1.00 32.74 ? 31  PHE A O   1 
ATOM   269  C CB  . PHE A 1 32  ? -7.910  -8.829  -6.706  1.00 33.16 ? 31  PHE A CB  1 
ATOM   270  C CG  . PHE A 1 32  ? -6.979  -7.690  -6.899  1.00 33.00 ? 31  PHE A CG  1 
ATOM   271  C CD1 . PHE A 1 32  ? -7.242  -6.458  -6.299  1.00 34.11 ? 31  PHE A CD1 1 
ATOM   272  C CD2 . PHE A 1 32  ? -5.804  -7.849  -7.589  1.00 32.05 ? 31  PHE A CD2 1 
ATOM   273  C CE1 . PHE A 1 32  ? -6.358  -5.396  -6.431  1.00 33.23 ? 31  PHE A CE1 1 
ATOM   274  C CE2 . PHE A 1 32  ? -4.913  -6.775  -7.722  1.00 30.69 ? 31  PHE A CE2 1 
ATOM   275  C CZ  . PHE A 1 32  ? -5.200  -5.563  -7.147  1.00 30.15 ? 31  PHE A CZ  1 
ATOM   276  N N   . GLU A 1 33  ? -8.899  -11.646 -5.219  1.00 34.57 ? 32  GLU A N   1 
ATOM   277  C CA  . GLU A 1 33  ? -10.007 -12.523 -4.748  1.00 35.83 ? 32  GLU A CA  1 
ATOM   278  C C   . GLU A 1 33  ? -9.977  -12.567 -3.230  1.00 35.00 ? 32  GLU A C   1 
ATOM   279  O O   . GLU A 1 33  ? -11.029 -12.511 -2.593  1.00 34.88 ? 32  GLU A O   1 
ATOM   280  C CB  . GLU A 1 33  ? -9.984  -13.991 -5.209  1.00 37.40 ? 32  GLU A CB  1 
ATOM   281  C CG  . GLU A 1 33  ? -10.188 -14.364 -6.681  1.00 43.24 ? 32  GLU A CG  1 
ATOM   282  C CD  . GLU A 1 33  ? -10.065 -15.886 -6.996  1.00 49.35 ? 32  GLU A CD  1 
ATOM   283  O OE1 . GLU A 1 33  ? -9.621  -16.652 -6.075  1.00 51.40 ? 32  GLU A OE1 1 
ATOM   284  O OE2 . GLU A 1 33  ? -10.367 -16.292 -8.159  1.00 51.68 ? 32  GLU A OE2 1 
ATOM   285  N N   . LYS A 1 34  ? -8.785  -12.682 -2.631  1.00 33.55 ? 33  LYS A N   1 
ATOM   286  C CA  . LYS A 1 34  ? -8.734  -12.662 -1.174  1.00 32.56 ? 33  LYS A CA  1 
ATOM   287  C C   . LYS A 1 34  ? -9.361  -11.359 -0.627  1.00 31.80 ? 33  LYS A C   1 
ATOM   288  O O   . LYS A 1 34  ? -10.133 -11.378 0.338   1.00 30.30 ? 33  LYS A O   1 
ATOM   289  C CB  . LYS A 1 34  ? -7.316  -12.801 -0.647  1.00 32.96 ? 33  LYS A CB  1 
ATOM   290  C CG  . LYS A 1 34  ? -7.318  -13.173 0.818   1.00 34.43 ? 33  LYS A CG  1 
ATOM   291  C CD  . LYS A 1 34  ? -5.951  -13.028 1.380   1.00 40.13 ? 33  LYS A CD  1 
ATOM   292  C CE  . LYS A 1 34  ? -5.748  -13.849 2.671   1.00 42.09 ? 33  LYS A CE  1 
ATOM   293  N NZ  . LYS A 1 34  ? -4.286  -13.827 3.083   1.00 46.97 ? 33  LYS A NZ  1 
ATOM   294  N N   . ALA A 1 35  ? -9.030  -10.235 -1.260  1.00 31.05 ? 34  ALA A N   1 
ATOM   295  C CA  . ALA A 1 35  ? -9.495  -8.946  -0.773  1.00 31.51 ? 34  ALA A CA  1 
ATOM   296  C C   . ALA A 1 35  ? -11.044 -8.873  -0.856  1.00 31.99 ? 34  ALA A C   1 
ATOM   297  O O   . ALA A 1 35  ? -11.715 -8.411  0.078   1.00 31.75 ? 34  ALA A O   1 
ATOM   298  C CB  . ALA A 1 35  ? -8.831  -7.799  -1.542  1.00 29.94 ? 34  ALA A CB  1 
ATOM   299  N N   . ARG A 1 36  ? -11.576 -9.345  -1.970  1.00 32.56 ? 35  ARG A N   1 
ATOM   300  C CA  . ARG A 1 36  ? -13.019 -9.394  -2.203  1.00 34.06 ? 35  ARG A CA  1 
ATOM   301  C C   . ARG A 1 36  ? -13.678 -10.295 -1.150  1.00 33.30 ? 35  ARG A C   1 
ATOM   302  O O   . ARG A 1 36  ? -14.592 -9.889  -0.480  1.00 32.33 ? 35  ARG A O   1 
ATOM   303  C CB  . ARG A 1 36  ? -13.283 -9.932  -3.613  1.00 34.03 ? 35  ARG A CB  1 
ATOM   304  C CG  . ARG A 1 36  ? -14.573 -9.448  -4.251  1.00 42.87 ? 35  ARG A CG  1 
ATOM   305  C CD  . ARG A 1 36  ? -14.669 -9.842  -5.781  1.00 50.63 ? 35  ARG A CD  1 
ATOM   306  N NE  . ARG A 1 36  ? -13.405 -9.599  -6.534  1.00 56.27 ? 35  ARG A NE  1 
ATOM   307  C CZ  . ARG A 1 36  ? -12.628 -10.544 -7.106  1.00 59.73 ? 35  ARG A CZ  1 
ATOM   308  N NH1 . ARG A 1 36  ? -11.506 -10.181 -7.758  1.00 60.05 ? 35  ARG A NH1 1 
ATOM   309  N NH2 . ARG A 1 36  ? -12.952 -11.843 -7.058  1.00 59.45 ? 35  ARG A NH2 1 
ATOM   310  N N   . LYS A 1 37  ? -13.164 -11.506 -0.980  1.00 33.73 ? 36  LYS A N   1 
ATOM   311  C CA  . LYS A 1 37  ? -13.738 -12.461 -0.031  1.00 33.95 ? 36  LYS A CA  1 
ATOM   312  C C   . LYS A 1 37  ? -13.763 -11.925 1.392   1.00 33.69 ? 36  LYS A C   1 
ATOM   313  O O   . LYS A 1 37  ? -14.707 -12.100 2.131   1.00 32.32 ? 36  LYS A O   1 
ATOM   314  C CB  . LYS A 1 37  ? -12.950 -13.758 -0.040  1.00 34.60 ? 36  LYS A CB  1 
ATOM   315  C CG  . LYS A 1 37  ? -13.745 -14.925 0.492   1.00 38.04 ? 36  LYS A CG  1 
ATOM   316  C CD  . LYS A 1 37  ? -12.886 -16.036 1.082   1.00 41.40 ? 36  LYS A CD  1 
ATOM   317  C CE  . LYS A 1 37  ? -12.800 -15.915 2.607   1.00 43.80 ? 36  LYS A CE  1 
ATOM   318  N NZ  . LYS A 1 37  ? -12.303 -17.169 3.219   1.00 44.38 ? 36  LYS A NZ  1 
ATOM   319  N N   . GLU A 1 38  ? -12.700 -11.256 1.777   1.00 34.55 ? 37  GLU A N   1 
ATOM   320  C CA  . GLU A 1 38  ? -12.582 -10.786 3.139   1.00 35.35 ? 37  GLU A CA  1 
ATOM   321  C C   . GLU A 1 38  ? -13.089 -9.377  3.273   1.00 34.68 ? 37  GLU A C   1 
ATOM   322  O O   . GLU A 1 38  ? -13.126 -8.840  4.379   1.00 34.02 ? 37  GLU A O   1 
ATOM   323  C CB  . GLU A 1 38  ? -11.139 -10.753 3.537   1.00 36.33 ? 37  GLU A CB  1 
ATOM   324  C CG  . GLU A 1 38  ? -10.389 -11.951 3.088   1.00 40.55 ? 37  GLU A CG  1 
ATOM   325  C CD  . GLU A 1 38  ? -10.024 -12.785 4.208   1.00 45.95 ? 37  GLU A CD  1 
ATOM   326  O OE1 . GLU A 1 38  ? -8.801  -13.025 4.358   1.00 50.46 ? 37  GLU A OE1 1 
ATOM   327  O OE2 . GLU A 1 38  ? -10.969 -13.192 4.925   1.00 49.42 ? 37  GLU A OE2 1 
ATOM   328  N N   . ASN A 1 39  ? -13.426 -8.757  2.148   1.00 34.99 ? 38  ASN A N   1 
ATOM   329  C CA  . ASN A 1 39  ? -13.811 -7.337  2.119   1.00 34.90 ? 38  ASN A CA  1 
ATOM   330  C C   . ASN A 1 39  ? -12.780 -6.441  2.814   1.00 33.92 ? 38  ASN A C   1 
ATOM   331  O O   . ASN A 1 39  ? -13.079 -5.658  3.728   1.00 33.42 ? 38  ASN A O   1 
ATOM   332  C CB  . ASN A 1 39  ? -15.208 -7.101  2.695   1.00 35.74 ? 38  ASN A CB  1 
ATOM   333  C CG  . ASN A 1 39  ? -15.770 -5.740  2.264   1.00 40.08 ? 38  ASN A CG  1 
ATOM   334  O OD1 . ASN A 1 39  ? -15.675 -5.337  1.085   1.00 41.03 ? 38  ASN A OD1 1 
ATOM   335  N ND2 . ASN A 1 39  ? -16.326 -5.016  3.224   1.00 44.25 ? 38  ASN A ND2 1 
ATOM   336  N N   . LYS A 1 40  ? -11.550 -6.583  2.377   1.00 32.46 ? 39  LYS A N   1 
ATOM   337  C CA  . LYS A 1 40  ? -10.501 -5.708  2.865   1.00 33.07 ? 39  LYS A CA  1 
ATOM   338  C C   . LYS A 1 40  ? -9.973  -4.891  1.727   1.00 31.40 ? 39  LYS A C   1 
ATOM   339  O O   . LYS A 1 40  ? -9.935  -5.364  0.613   1.00 31.63 ? 39  LYS A O   1 
ATOM   340  C CB  . LYS A 1 40  ? -9.363  -6.520  3.427   1.00 33.29 ? 39  LYS A CB  1 
ATOM   341  C CG  . LYS A 1 40  ? -9.725  -7.294  4.699   1.00 36.73 ? 39  LYS A CG  1 
ATOM   342  C CD  . LYS A 1 40  ? -8.538  -8.105  5.189   1.00 41.03 ? 39  LYS A CD  1 
ATOM   343  C CE  . LYS A 1 40  ? -8.812  -8.875  6.452   1.00 45.92 ? 39  LYS A CE  1 
ATOM   344  N NZ  . LYS A 1 40  ? -7.608  -9.645  6.829   1.00 48.95 ? 39  LYS A NZ  1 
ATOM   345  N N   . PRO A 1 41  ? -9.505  -3.682  2.027   1.00 30.07 ? 40  PRO A N   1 
ATOM   346  C CA  . PRO A 1 41  ? -8.774  -2.945  1.003   1.00 29.88 ? 40  PRO A CA  1 
ATOM   347  C C   . PRO A 1 41  ? -7.420  -3.581  0.666   1.00 28.57 ? 40  PRO A C   1 
ATOM   348  O O   . PRO A 1 41  ? -6.908  -4.393  1.433   1.00 28.15 ? 40  PRO A O   1 
ATOM   349  C CB  . PRO A 1 41  ? -8.602  -1.541  1.612   1.00 30.15 ? 40  PRO A CB  1 
ATOM   350  C CG  . PRO A 1 41  ? -8.836  -1.701  3.071   1.00 30.98 ? 40  PRO A CG  1 
ATOM   351  C CD  . PRO A 1 41  ? -9.534  -3.000  3.331   1.00 28.84 ? 40  PRO A CD  1 
ATOM   352  N N   . VAL A 1 42  ? -6.919  -3.256  -0.525  1.00 28.21 ? 41  VAL A N   1 
ATOM   353  C CA  . VAL A 1 42  ? -5.635  -3.716  -1.029  1.00 27.88 ? 41  VAL A CA  1 
ATOM   354  C C   . VAL A 1 42  ? -4.610  -2.591  -0.819  1.00 27.07 ? 41  VAL A C   1 
ATOM   355  O O   . VAL A 1 42  ? -4.846  -1.429  -1.184  1.00 26.66 ? 41  VAL A O   1 
ATOM   356  C CB  . VAL A 1 42  ? -5.736  -4.162  -2.502  1.00 28.32 ? 41  VAL A CB  1 
ATOM   357  C CG1 . VAL A 1 42  ? -4.355  -4.363  -3.133  1.00 29.77 ? 41  VAL A CG1 1 
ATOM   358  C CG2 . VAL A 1 42  ? -6.520  -5.466  -2.597  1.00 29.12 ? 41  VAL A CG2 1 
ATOM   359  N N   . PHE A 1 43  ? -3.494  -2.924  -0.184  1.00 26.01 ? 42  PHE A N   1 
ATOM   360  C CA  . PHE A 1 43  ? -2.354  -2.004  -0.087  1.00 25.61 ? 42  PHE A CA  1 
ATOM   361  C C   . PHE A 1 43  ? -1.330  -2.438  -1.126  1.00 26.13 ? 42  PHE A C   1 
ATOM   362  O O   . PHE A 1 43  ? -0.740  -3.527  -1.025  1.00 26.11 ? 42  PHE A O   1 
ATOM   363  C CB  . PHE A 1 43  ? -1.753  -2.059  1.313   1.00 26.52 ? 42  PHE A CB  1 
ATOM   364  C CG  . PHE A 1 43  ? -0.647  -1.034  1.567   1.00 25.26 ? 42  PHE A CG  1 
ATOM   365  C CD1 . PHE A 1 43  ? -0.892  0.079   2.332   1.00 26.68 ? 42  PHE A CD1 1 
ATOM   366  C CD2 . PHE A 1 43  ? 0.633   -1.237  1.065   1.00 29.04 ? 42  PHE A CD2 1 
ATOM   367  C CE1 . PHE A 1 43  ? 0.106   1.015   2.571   1.00 31.59 ? 42  PHE A CE1 1 
ATOM   368  C CE2 . PHE A 1 43  ? 1.666   -0.330  1.288   1.00 28.22 ? 42  PHE A CE2 1 
ATOM   369  C CZ  . PHE A 1 43  ? 1.431   0.810   2.031   1.00 29.96 ? 42  PHE A CZ  1 
ATOM   370  N N   . LEU A 1 44  ? -1.109  -1.581  -2.106  1.00 26.02 ? 43  LEU A N   1 
ATOM   371  C CA  . LEU A 1 44  ? -0.196  -1.880  -3.223  1.00 26.50 ? 43  LEU A CA  1 
ATOM   372  C C   . LEU A 1 44  ? 1.087   -1.058  -3.015  1.00 26.74 ? 43  LEU A C   1 
ATOM   373  O O   . LEU A 1 44  ? 1.026   0.159   -2.833  1.00 26.81 ? 43  LEU A O   1 
ATOM   374  C CB  . LEU A 1 44  ? -0.860  -1.523  -4.575  1.00 25.98 ? 43  LEU A CB  1 
ATOM   375  C CG  . LEU A 1 44  ? 0.029   -1.607  -5.832  1.00 26.50 ? 43  LEU A CG  1 
ATOM   376  C CD1 . LEU A 1 44  ? 0.651   -2.996  -6.089  1.00 22.19 ? 43  LEU A CD1 1 
ATOM   377  C CD2 . LEU A 1 44  ? -0.722  -1.095  -7.106  1.00 25.59 ? 43  LEU A CD2 1 
ATOM   378  N N   . SER A 1 45  ? 2.231   -1.744  -2.968  1.00 26.21 ? 44  SER A N   1 
ATOM   379  C CA  . SER A 1 45  ? 3.501   -1.088  -2.880  1.00 25.76 ? 44  SER A CA  1 
ATOM   380  C C   . SER A 1 45  ? 4.348   -1.385  -4.114  1.00 25.05 ? 44  SER A C   1 
ATOM   381  O O   . SER A 1 45  ? 4.599   -2.571  -4.460  1.00 24.57 ? 44  SER A O   1 
ATOM   382  C CB  . SER A 1 45  ? 4.212   -1.541  -1.610  1.00 26.41 ? 44  SER A CB  1 
ATOM   383  O OG  . SER A 1 45  ? 5.410   -0.785  -1.481  1.00 30.40 ? 44  SER A OG  1 
ATOM   384  N N   . ILE A 1 46  ? 4.806   -0.328  -4.780  1.00 24.77 ? 45  ILE A N   1 
ATOM   385  C CA  . ILE A 1 46  ? 5.558   -0.483  -6.021  1.00 24.90 ? 45  ILE A CA  1 
ATOM   386  C C   . ILE A 1 46  ? 6.946   0.083   -5.790  1.00 25.09 ? 45  ILE A C   1 
ATOM   387  O O   . ILE A 1 46  ? 7.113   1.208   -5.291  1.00 24.85 ? 45  ILE A O   1 
ATOM   388  C CB  . ILE A 1 46  ? 4.934   0.196   -7.250  1.00 25.33 ? 45  ILE A CB  1 
ATOM   389  C CG1 . ILE A 1 46  ? 3.536   -0.348  -7.563  1.00 26.75 ? 45  ILE A CG1 1 
ATOM   390  C CG2 . ILE A 1 46  ? 5.814   -0.021  -8.484  1.00 22.71 ? 45  ILE A CG2 1 
ATOM   391  C CD1 . ILE A 1 46  ? 2.734   0.572   -8.503  1.00 24.82 ? 45  ILE A CD1 1 
ATOM   392  N N   . GLY A 1 47  ? 7.952   -0.709  -6.128  1.00 24.25 ? 46  GLY A N   1 
ATOM   393  C CA  . GLY A 1 47  ? 9.327   -0.264  -5.952  1.00 24.35 ? 46  GLY A CA  1 
ATOM   394  C C   . GLY A 1 47  ? 10.269  -0.922  -6.927  1.00 25.23 ? 46  GLY A C   1 
ATOM   395  O O   . GLY A 1 47  ? 9.834   -1.577  -7.875  1.00 23.98 ? 46  GLY A O   1 
ATOM   396  N N   . TYR A 1 48  ? 11.571  -0.737  -6.688  1.00 26.63 ? 47  TYR A N   1 
ATOM   397  C CA  . TYR A 1 48  ? 12.595  -1.383  -7.525  1.00 27.21 ? 47  TYR A CA  1 
ATOM   398  C C   . TYR A 1 48  ? 13.916  -1.409  -6.790  1.00 26.57 ? 47  TYR A C   1 
ATOM   399  O O   . TYR A 1 48  ? 14.094  -0.717  -5.829  1.00 25.59 ? 47  TYR A O   1 
ATOM   400  C CB  . TYR A 1 48  ? 12.710  -0.689  -8.899  1.00 27.21 ? 47  TYR A CB  1 
ATOM   401  C CG  . TYR A 1 48  ? 12.998  0.795   -8.835  1.00 27.46 ? 47  TYR A CG  1 
ATOM   402  C CD1 . TYR A 1 48  ? 14.305  1.273   -8.980  1.00 29.23 ? 47  TYR A CD1 1 
ATOM   403  C CD2 . TYR A 1 48  ? 11.958  1.711   -8.677  1.00 27.62 ? 47  TYR A CD2 1 
ATOM   404  C CE1 . TYR A 1 48  ? 14.594  2.635   -8.933  1.00 28.24 ? 47  TYR A CE1 1 
ATOM   405  C CE2 . TYR A 1 48  ? 12.211  3.052   -8.611  1.00 31.08 ? 47  TYR A CE2 1 
ATOM   406  C CZ  . TYR A 1 48  ? 13.541  3.505   -8.748  1.00 31.30 ? 47  TYR A CZ  1 
ATOM   407  O OH  . TYR A 1 48  ? 13.775  4.824   -8.677  1.00 34.88 ? 47  TYR A OH  1 
ATOM   408  N N   . SER A 1 49  ? 14.835  -2.243  -7.241  1.00 27.79 ? 48  SER A N   1 
ATOM   409  C CA  . SER A 1 49  ? 15.999  -2.609  -6.443  1.00 28.32 ? 48  SER A CA  1 
ATOM   410  C C   . SER A 1 49  ? 17.045  -1.489  -6.243  1.00 28.02 ? 48  SER A C   1 
ATOM   411  O O   . SER A 1 49  ? 17.890  -1.630  -5.397  1.00 26.60 ? 48  SER A O   1 
ATOM   412  C CB  . SER A 1 49  ? 16.651  -3.848  -7.082  1.00 29.17 ? 48  SER A CB  1 
ATOM   413  O OG  . SER A 1 49  ? 17.102  -3.435  -8.355  1.00 30.76 ? 48  SER A OG  1 
ATOM   414  N N   . THR A 1 50  ? 17.011  -0.381  -6.995  1.00 27.90 ? 49  THR A N   1 
ATOM   415  C CA  . THR A 1 50  ? 17.981  0.713   -6.741  1.00 28.15 ? 49  THR A CA  1 
ATOM   416  C C   . THR A 1 50  ? 17.258  1.934   -6.231  1.00 28.80 ? 49  THR A C   1 
ATOM   417  O O   . THR A 1 50  ? 17.719  3.040   -6.386  1.00 28.58 ? 49  THR A O   1 
ATOM   418  C CB  . THR A 1 50  ? 18.789  1.095   -7.976  1.00 28.50 ? 49  THR A CB  1 
ATOM   419  O OG1 . THR A 1 50  ? 17.885  1.288   -9.050  1.00 29.49 ? 49  THR A OG1 1 
ATOM   420  C CG2 . THR A 1 50  ? 19.792  -0.057  -8.360  1.00 26.15 ? 49  THR A CG2 1 
ATOM   421  N N   . CYS A 1 51  ? 16.105  1.719   -5.618  1.00 28.67 ? 50  CYS A N   1 
ATOM   422  C CA  . CYS A 1 51  ? 15.300  2.830   -5.091  1.00 29.73 ? 50  CYS A CA  1 
ATOM   423  C C   . CYS A 1 51  ? 15.583  2.997   -3.595  1.00 27.05 ? 50  CYS A C   1 
ATOM   424  O O   . CYS A 1 51  ? 15.136  2.190   -2.767  1.00 25.01 ? 50  CYS A O   1 
ATOM   425  C CB  . CYS A 1 51  ? 13.841  2.502   -5.345  1.00 30.34 ? 50  CYS A CB  1 
ATOM   426  S SG  . CYS A 1 51  ? 12.620  3.517   -4.511  1.00 39.27 ? 50  CYS A SG  1 
ATOM   427  N N   . HIS A 1 52  ? 16.349  4.026   -3.277  1.00 26.51 ? 51  HIS A N   1 
ATOM   428  C CA  . HIS A 1 52  ? 16.759  4.349   -1.914  1.00 26.67 ? 51  HIS A CA  1 
ATOM   429  C C   . HIS A 1 52  ? 15.619  4.374   -0.914  1.00 26.72 ? 51  HIS A C   1 
ATOM   430  O O   . HIS A 1 52  ? 15.669  3.688   0.110   1.00 25.35 ? 51  HIS A O   1 
ATOM   431  C CB  . HIS A 1 52  ? 17.541  5.665   -1.891  1.00 26.02 ? 51  HIS A CB  1 
ATOM   432  C CG  . HIS A 1 52  ? 18.064  6.019   -0.534  1.00 27.20 ? 51  HIS A CG  1 
ATOM   433  N ND1 . HIS A 1 52  ? 19.134  5.380   0.036   1.00 27.73 ? 51  HIS A ND1 1 
ATOM   434  C CD2 . HIS A 1 52  ? 17.653  6.939   0.373   1.00 27.01 ? 51  HIS A CD2 1 
ATOM   435  C CE1 . HIS A 1 52  ? 19.392  5.914   1.221   1.00 29.44 ? 51  HIS A CE1 1 
ATOM   436  N NE2 . HIS A 1 52  ? 18.495  6.854   1.455   1.00 29.66 ? 51  HIS A NE2 1 
ATOM   437  N N   . TRP A 1 53  ? 14.542  5.079   -1.256  1.00 27.39 ? 52  TRP A N   1 
ATOM   438  C CA  . TRP A 1 53  ? 13.424  5.246   -0.331  1.00 27.79 ? 52  TRP A CA  1 
ATOM   439  C C   . TRP A 1 53  ? 12.598  3.984   -0.230  1.00 27.97 ? 52  TRP A C   1 
ATOM   440  O O   . TRP A 1 53  ? 11.922  3.800   0.774   1.00 26.79 ? 52  TRP A O   1 
ATOM   441  C CB  . TRP A 1 53  ? 12.593  6.535   -0.659  1.00 28.65 ? 52  TRP A CB  1 
ATOM   442  C CG  . TRP A 1 53  ? 13.448  7.692   -0.379  1.00 29.16 ? 52  TRP A CG  1 
ATOM   443  C CD1 . TRP A 1 53  ? 14.130  8.446   -1.286  1.00 28.65 ? 52  TRP A CD1 1 
ATOM   444  C CD2 . TRP A 1 53  ? 13.850  8.156   0.905   1.00 28.60 ? 52  TRP A CD2 1 
ATOM   445  N NE1 . TRP A 1 53  ? 14.934  9.328   -0.652  1.00 29.82 ? 52  TRP A NE1 1 
ATOM   446  C CE2 . TRP A 1 53  ? 14.771  9.202   0.695   1.00 29.88 ? 52  TRP A CE2 1 
ATOM   447  C CE3 . TRP A 1 53  ? 13.507  7.809   2.211   1.00 30.05 ? 52  TRP A CE3 1 
ATOM   448  C CZ2 . TRP A 1 53  ? 15.365  9.899   1.729   1.00 30.30 ? 52  TRP A CZ2 1 
ATOM   449  C CZ3 . TRP A 1 53  ? 14.118  8.500   3.251   1.00 30.30 ? 52  TRP A CZ3 1 
ATOM   450  C CH2 . TRP A 1 53  ? 15.033  9.528   3.001   1.00 29.89 ? 52  TRP A CH2 1 
ATOM   451  N N   . CYS A 1 54  ? 12.665  3.100   -1.236  1.00 27.05 ? 53  CYS A N   1 
ATOM   452  C CA  . CYS A 1 54  ? 12.051  1.765   -1.096  1.00 28.17 ? 53  CYS A CA  1 
ATOM   453  C C   . CYS A 1 54  ? 12.780  0.954   -0.061  1.00 26.80 ? 53  CYS A C   1 
ATOM   454  O O   . CYS A 1 54  ? 12.173  0.283   0.765   1.00 24.67 ? 53  CYS A O   1 
ATOM   455  C CB  . CYS A 1 54  ? 12.039  0.980   -2.429  1.00 29.25 ? 53  CYS A CB  1 
ATOM   456  S SG  . CYS A 1 54  ? 11.194  1.954   -3.817  1.00 36.26 ? 53  CYS A SG  1 
ATOM   457  N N   . HIS A 1 55  ? 14.105  1.030   -0.066  1.00 27.52 ? 54  HIS A N   1 
ATOM   458  C CA  . HIS A 1 55  ? 14.881  0.282   0.943   1.00 26.69 ? 54  HIS A CA  1 
ATOM   459  C C   . HIS A 1 55  ? 14.653  0.832   2.343   1.00 25.93 ? 54  HIS A C   1 
ATOM   460  O O   . HIS A 1 55  ? 14.543  0.077   3.307   1.00 25.40 ? 54  HIS A O   1 
ATOM   461  C CB  . HIS A 1 55  ? 16.357  0.338   0.641   1.00 27.08 ? 54  HIS A CB  1 
ATOM   462  C CG  . HIS A 1 55  ? 16.711  -0.103  -0.739  1.00 29.18 ? 54  HIS A CG  1 
ATOM   463  N ND1 . HIS A 1 55  ? 16.152  -1.217  -1.321  1.00 32.28 ? 54  HIS A ND1 1 
ATOM   464  C CD2 . HIS A 1 55  ? 17.580  0.415   -1.646  1.00 29.66 ? 54  HIS A CD2 1 
ATOM   465  C CE1 . HIS A 1 55  ? 16.663  -1.368  -2.529  1.00 34.09 ? 54  HIS A CE1 1 
ATOM   466  N NE2 . HIS A 1 55  ? 17.522  -0.387  -2.754  1.00 31.69 ? 54  HIS A NE2 1 
ATOM   467  N N   . MET A 1 56  ? 14.563  2.152   2.438   1.00 25.80 ? 55  MET A N   1 
ATOM   468  C CA  . MET A 1 56  ? 14.275  2.831   3.699   1.00 26.54 ? 55  MET A CA  1 
ATOM   469  C C   . MET A 1 56  ? 12.973  2.357   4.286   1.00 26.16 ? 55  MET A C   1 
ATOM   470  O O   . MET A 1 56  ? 12.937  1.956   5.445   1.00 25.92 ? 55  MET A O   1 
ATOM   471  C CB  . MET A 1 56  ? 14.270  4.349   3.543   1.00 26.76 ? 55  MET A CB  1 
ATOM   472  C CG  . MET A 1 56  ? 15.710  4.950   3.420   1.00 30.11 ? 55  MET A CG  1 
ATOM   473  S SD  . MET A 1 56  ? 16.790  5.017   4.930   1.00 26.57 ? 55  MET A SD  1 
ATOM   474  C CE  . MET A 1 56  ? 15.851  4.231   6.251   1.00 18.28 ? 55  MET A CE  1 
ATOM   475  N N   . MET A 1 57  ? 11.935  2.307   3.462   1.00 24.92 ? 56  MET A N   1 
ATOM   476  C CA  . MET A 1 57  ? 10.619  1.866   3.949   1.00 25.07 ? 56  MET A CA  1 
ATOM   477  C C   . MET A 1 57  ? 10.586  0.369   4.311   1.00 24.82 ? 56  MET A C   1 
ATOM   478  O O   . MET A 1 57  ? 9.940   -0.038  5.277   1.00 23.86 ? 56  MET A O   1 
ATOM   479  C CB  . MET A 1 57  ? 9.552   2.195   2.903   1.00 23.98 ? 56  MET A CB  1 
ATOM   480  C CG  . MET A 1 57  ? 8.140   2.294   3.435   1.00 26.30 ? 56  MET A CG  1 
ATOM   481  S SD  . MET A 1 57  ? 6.931   3.099   2.338   1.00 20.92 ? 56  MET A SD  1 
ATOM   482  C CE  . MET A 1 57  ? 5.481   2.760   3.367   1.00 27.93 ? 56  MET A CE  1 
ATOM   483  N N   . ALA A 1 58  ? 11.287  -0.463  3.538   1.00 24.96 ? 57  ALA A N   1 
ATOM   484  C CA  . ALA A 1 58  ? 11.415  -1.878  3.907   1.00 25.40 ? 57  ALA A CA  1 
ATOM   485  C C   . ALA A 1 58  ? 12.091  -2.003  5.277   1.00 25.80 ? 57  ALA A C   1 
ATOM   486  O O   . ALA A 1 58  ? 11.624  -2.692  6.143   1.00 26.91 ? 57  ALA A O   1 
ATOM   487  C CB  . ALA A 1 58  ? 12.181  -2.637  2.843   1.00 25.58 ? 57  ALA A CB  1 
ATOM   488  N N   . HIS A 1 59  ? 13.184  -1.285  5.467   1.00 26.78 ? 58  HIS A N   1 
ATOM   489  C CA  . HIS A 1 59  ? 13.960  -1.322  6.680   1.00 27.05 ? 58  HIS A CA  1 
ATOM   490  C C   . HIS A 1 59  ? 13.141  -0.815  7.878   1.00 27.92 ? 58  HIS A C   1 
ATOM   491  O O   . HIS A 1 59  ? 13.185  -1.393  8.953   1.00 26.66 ? 58  HIS A O   1 
ATOM   492  C CB  . HIS A 1 59  ? 15.227  -0.478  6.508   1.00 27.42 ? 58  HIS A CB  1 
ATOM   493  C CG  . HIS A 1 59  ? 16.071  -0.379  7.741   1.00 28.89 ? 58  HIS A CG  1 
ATOM   494  N ND1 . HIS A 1 59  ? 16.676  -1.482  8.319   1.00 30.67 ? 58  HIS A ND1 1 
ATOM   495  C CD2 . HIS A 1 59  ? 16.396  0.686   8.521   1.00 28.66 ? 58  HIS A CD2 1 
ATOM   496  C CE1 . HIS A 1 59  ? 17.348  -1.097  9.395   1.00 30.70 ? 58  HIS A CE1 1 
ATOM   497  N NE2 . HIS A 1 59  ? 17.195  0.211   9.543   1.00 31.12 ? 58  HIS A NE2 1 
ATOM   498  N N   . GLU A 1 60  ? 12.410  0.269   7.704   1.00 27.84 ? 59  GLU A N   1 
ATOM   499  C CA  . GLU A 1 60  ? 11.758  0.910   8.857   1.00 29.49 ? 59  GLU A CA  1 
ATOM   500  C C   . GLU A 1 60  ? 10.391  0.363   9.125   1.00 28.10 ? 59  GLU A C   1 
ATOM   501  O O   . GLU A 1 60  ? 9.979   0.283   10.268  1.00 27.45 ? 59  GLU A O   1 
ATOM   502  C CB  . GLU A 1 60  ? 11.537  2.378   8.587   1.00 30.08 ? 59  GLU A CB  1 
ATOM   503  C CG  . GLU A 1 60  ? 12.778  3.170   8.490   1.00 37.16 ? 59  GLU A CG  1 
ATOM   504  C CD  . GLU A 1 60  ? 12.437  4.602   8.146   1.00 48.59 ? 59  GLU A CD  1 
ATOM   505  O OE1 . GLU A 1 60  ? 11.242  4.877   7.808   1.00 58.05 ? 59  GLU A OE1 1 
ATOM   506  O OE2 . GLU A 1 60  ? 13.382  5.469   8.245   1.00 54.22 ? 59  GLU A OE2 1 
ATOM   507  N N   . SER A 1 61  ? 9.669   0.032   8.070   1.00 27.74 ? 60  SER A N   1 
ATOM   508  C CA  . SER A 1 61  ? 8.251   -0.276  8.209   1.00 28.31 ? 60  SER A CA  1 
ATOM   509  C C   . SER A 1 61  ? 7.854   -1.723  7.871   1.00 28.04 ? 60  SER A C   1 
ATOM   510  O O   . SER A 1 61  ? 7.235   -2.402  8.695   1.00 26.15 ? 60  SER A O   1 
ATOM   511  C CB  . SER A 1 61  ? 7.435   0.745   7.403   1.00 29.46 ? 60  SER A CB  1 
ATOM   512  O OG  . SER A 1 61  ? 7.526   2.039   8.013   1.00 31.57 ? 60  SER A OG  1 
ATOM   513  N N   . PHE A 1 62  ? 8.197   -2.192  6.669   1.00 28.40 ? 61  PHE A N   1 
ATOM   514  C CA  . PHE A 1 62  ? 7.792   -3.536  6.219   1.00 28.34 ? 61  PHE A CA  1 
ATOM   515  C C   . PHE A 1 62  ? 8.495   -4.697  6.943   1.00 29.35 ? 61  PHE A C   1 
ATOM   516  O O   . PHE A 1 62  ? 7.963   -5.794  7.037   1.00 28.79 ? 61  PHE A O   1 
ATOM   517  C CB  . PHE A 1 62  ? 8.017   -3.636  4.711   1.00 27.90 ? 61  PHE A CB  1 
ATOM   518  C CG  . PHE A 1 62  ? 7.234   -2.639  3.897   1.00 28.28 ? 61  PHE A CG  1 
ATOM   519  C CD1 . PHE A 1 62  ? 7.765   -2.121  2.729   1.00 27.30 ? 61  PHE A CD1 1 
ATOM   520  C CD2 . PHE A 1 62  ? 5.973   -2.198  4.299   1.00 29.06 ? 61  PHE A CD2 1 
ATOM   521  C CE1 . PHE A 1 62  ? 7.044   -1.248  1.951   1.00 28.16 ? 61  PHE A CE1 1 
ATOM   522  C CE2 . PHE A 1 62  ? 5.247   -1.319  3.530   1.00 29.40 ? 61  PHE A CE2 1 
ATOM   523  C CZ  . PHE A 1 62  ? 5.781   -0.838  2.337   1.00 30.09 ? 61  PHE A CZ  1 
ATOM   524  N N   . GLU A 1 63  ? 9.691   -4.451  7.482   1.00 30.95 ? 62  GLU A N   1 
ATOM   525  C CA  . GLU A 1 63  ? 10.387  -5.436  8.339   1.00 32.24 ? 62  GLU A CA  1 
ATOM   526  C C   . GLU A 1 63  ? 9.958   -5.286  9.777   1.00 32.24 ? 62  GLU A C   1 
ATOM   527  O O   . GLU A 1 63  ? 10.273  -6.127  10.606  1.00 33.68 ? 62  GLU A O   1 
ATOM   528  C CB  . GLU A 1 63  ? 11.926  -5.338  8.199   1.00 33.53 ? 62  GLU A CB  1 
ATOM   529  C CG  . GLU A 1 63  ? 12.470  -5.976  6.834   1.00 37.90 ? 62  GLU A CG  1 
ATOM   530  C CD  . GLU A 1 63  ? 13.928  -5.543  6.416   1.00 43.95 ? 62  GLU A CD  1 
ATOM   531  O OE1 . GLU A 1 63  ? 14.608  -4.885  7.252   1.00 45.80 ? 62  GLU A OE1 1 
ATOM   532  O OE2 . GLU A 1 63  ? 14.392  -5.869  5.255   1.00 47.01 ? 62  GLU A OE2 1 
ATOM   533  N N   . ASP A 1 64  ? 9.207   -4.237  10.108  1.00 32.03 ? 63  ASP A N   1 
ATOM   534  C CA  . ASP A 1 64  ? 8.823   -3.983  11.506  1.00 31.56 ? 63  ASP A CA  1 
ATOM   535  C C   . ASP A 1 64  ? 7.590   -4.866  11.855  1.00 31.49 ? 63  ASP A C   1 
ATOM   536  O O   . ASP A 1 64  ? 6.569   -4.830  11.176  1.00 30.47 ? 63  ASP A O   1 
ATOM   537  C CB  . ASP A 1 64  ? 8.510   -2.488  11.674  1.00 32.44 ? 63  ASP A CB  1 
ATOM   538  C CG  . ASP A 1 64  ? 8.077   -2.117  13.075  1.00 31.48 ? 63  ASP A CG  1 
ATOM   539  O OD1 . ASP A 1 64  ? 8.971   -1.916  13.906  1.00 37.39 ? 63  ASP A OD1 1 
ATOM   540  O OD2 . ASP A 1 64  ? 6.863   -1.973  13.355  1.00 34.25 ? 63  ASP A OD2 1 
ATOM   541  N N   . GLU A 1 65  ? 7.683   -5.664  12.914  1.00 31.03 ? 64  GLU A N   1 
ATOM   542  C CA  . GLU A 1 65  ? 6.595   -6.559  13.290  1.00 31.75 ? 64  GLU A CA  1 
ATOM   543  C C   . GLU A 1 65  ? 5.312   -5.834  13.671  1.00 30.81 ? 64  GLU A C   1 
ATOM   544  O O   . GLU A 1 65  ? 4.243   -6.334  13.382  1.00 30.30 ? 64  GLU A O   1 
ATOM   545  C CB  . GLU A 1 65  ? 7.009   -7.483  14.443  1.00 32.92 ? 64  GLU A CB  1 
ATOM   546  C CG  . GLU A 1 65  ? 8.108   -8.482  14.051  1.00 39.61 ? 64  GLU A CG  1 
ATOM   547  C CD  . GLU A 1 65  ? 7.591   -9.782  13.421  1.00 48.45 ? 64  GLU A CD  1 
ATOM   548  O OE1 . GLU A 1 65  ? 6.371   -10.099 13.534  1.00 52.34 ? 64  GLU A OE1 1 
ATOM   549  O OE2 . GLU A 1 65  ? 8.440   -10.517 12.836  1.00 56.37 ? 64  GLU A OE2 1 
ATOM   550  N N   . GLU A 1 66  ? 5.415   -4.671  14.315  1.00 30.25 ? 65  GLU A N   1 
ATOM   551  C CA  . GLU A 1 66  ? 4.224   -3.924  14.717  1.00 30.63 ? 65  GLU A CA  1 
ATOM   552  C C   . GLU A 1 66  ? 3.472   -3.345  13.468  1.00 29.64 ? 65  GLU A C   1 
ATOM   553  O O   . GLU A 1 66  ? 2.269   -3.555  13.305  1.00 28.32 ? 65  GLU A O   1 
ATOM   554  C CB  . GLU A 1 66  ? 4.573   -2.836  15.752  1.00 31.06 ? 65  GLU A CB  1 
ATOM   555  C CG  . GLU A 1 66  ? 3.355   -2.064  16.278  1.00 31.38 ? 65  GLU A CG  1 
ATOM   556  C CD  . GLU A 1 66  ? 3.708   -0.875  17.204  1.00 35.28 ? 65  GLU A CD  1 
ATOM   557  O OE1 . GLU A 1 66  ? 4.896   -0.482  17.324  1.00 38.79 ? 65  GLU A OE1 1 
ATOM   558  O OE2 . GLU A 1 66  ? 2.778   -0.310  17.830  1.00 39.90 ? 65  GLU A OE2 1 
ATOM   559  N N   . VAL A 1 67  ? 4.194   -2.640  12.597  1.00 29.75 ? 66  VAL A N   1 
ATOM   560  C CA  . VAL A 1 67  ? 3.604   -2.165  11.364  1.00 29.69 ? 66  VAL A CA  1 
ATOM   561  C C   . VAL A 1 67  ? 2.972   -3.311  10.564  1.00 29.57 ? 66  VAL A C   1 
ATOM   562  O O   . VAL A 1 67  ? 1.831   -3.216  10.162  1.00 30.31 ? 66  VAL A O   1 
ATOM   563  C CB  . VAL A 1 67  ? 4.615   -1.400  10.488  1.00 30.02 ? 66  VAL A CB  1 
ATOM   564  C CG1 . VAL A 1 67  ? 4.000   -1.082  9.148   1.00 29.33 ? 66  VAL A CG1 1 
ATOM   565  C CG2 . VAL A 1 67  ? 5.061   -0.118  11.190  1.00 29.54 ? 66  VAL A CG2 1 
ATOM   566  N N   . ALA A 1 68  ? 3.713   -4.388  10.365  1.00 29.76 ? 67  ALA A N   1 
ATOM   567  C CA  . ALA A 1 68  ? 3.270   -5.526  9.592   1.00 29.91 ? 67  ALA A CA  1 
ATOM   568  C C   . ALA A 1 68  ? 2.038   -6.126  10.191  1.00 30.01 ? 67  ALA A C   1 
ATOM   569  O O   . ALA A 1 68  ? 1.127   -6.474  9.457   1.00 30.36 ? 67  ALA A O   1 
ATOM   570  C CB  . ALA A 1 68  ? 4.362   -6.589  9.545   1.00 29.69 ? 67  ALA A CB  1 
ATOM   571  N N   . GLY A 1 69  ? 2.031   -6.272  11.523  1.00 29.53 ? 68  GLY A N   1 
ATOM   572  C CA  . GLY A 1 69  ? 0.851   -6.777  12.234  1.00 29.33 ? 68  GLY A CA  1 
ATOM   573  C C   . GLY A 1 69  ? -0.389  -5.943  11.903  1.00 29.22 ? 68  GLY A C   1 
ATOM   574  O O   . GLY A 1 69  ? -1.450  -6.478  11.567  1.00 28.61 ? 68  GLY A O   1 
ATOM   575  N N   . LEU A 1 70  ? -0.257  -4.629  11.982  1.00 28.82 ? 69  LEU A N   1 
ATOM   576  C CA  . LEU A 1 70  ? -1.382  -3.746  11.651  1.00 28.75 ? 69  LEU A CA  1 
ATOM   577  C C   . LEU A 1 70  ? -1.740  -3.888  10.167  1.00 29.06 ? 69  LEU A C   1 
ATOM   578  O O   . LEU A 1 70  ? -2.922  -3.883  9.815   1.00 28.49 ? 69  LEU A O   1 
ATOM   579  C CB  . LEU A 1 70  ? -1.066  -2.261  11.980  1.00 28.81 ? 69  LEU A CB  1 
ATOM   580  C CG  . LEU A 1 70  ? -0.816  -1.873  13.472  1.00 30.83 ? 69  LEU A CG  1 
ATOM   581  C CD1 . LEU A 1 70  ? -0.082  -0.488  13.569  1.00 28.19 ? 69  LEU A CD1 1 
ATOM   582  C CD2 . LEU A 1 70  ? -2.070  -1.929  14.372  1.00 26.89 ? 69  LEU A CD2 1 
ATOM   583  N N   . MET A 1 71  ? -0.729  -4.021  9.292   1.00 28.62 ? 70  MET A N   1 
ATOM   584  C CA  . MET A 1 71  ? -0.997  -4.137  7.852   1.00 28.95 ? 70  MET A CA  1 
ATOM   585  C C   . MET A 1 71  ? -1.737  -5.429  7.540   1.00 29.72 ? 70  MET A C   1 
ATOM   586  O O   . MET A 1 71  ? -2.613  -5.467  6.650   1.00 29.74 ? 70  MET A O   1 
ATOM   587  C CB  . MET A 1 71  ? 0.266   -4.062  7.010   1.00 28.19 ? 70  MET A CB  1 
ATOM   588  C CG  . MET A 1 71  ? 0.875   -2.668  6.860   1.00 27.51 ? 70  MET A CG  1 
ATOM   589  S SD  . MET A 1 71  ? 2.456   -2.711  5.918   1.00 22.77 ? 70  MET A SD  1 
ATOM   590  C CE  . MET A 1 71  ? 1.716   -3.152  4.317   1.00 27.16 ? 70  MET A CE  1 
ATOM   591  N N   . ASN A 1 72  ? -1.387  -6.484  8.272   1.00 30.77 ? 71  ASN A N   1 
ATOM   592  C CA  . ASN A 1 72  ? -1.993  -7.818  8.064   1.00 31.76 ? 71  ASN A CA  1 
ATOM   593  C C   . ASN A 1 72  ? -3.443  -7.901  8.585   1.00 32.63 ? 71  ASN A C   1 
ATOM   594  O O   . ASN A 1 72  ? -4.284  -8.596  8.005   1.00 32.63 ? 71  ASN A O   1 
ATOM   595  C CB  . ASN A 1 72  ? -1.081  -8.921  8.669   1.00 31.52 ? 71  ASN A CB  1 
ATOM   596  C CG  . ASN A 1 72  ? 0.208   -9.138  7.848   1.00 30.52 ? 71  ASN A CG  1 
ATOM   597  O OD1 . ASN A 1 72  ? 0.283   -8.787  6.654   1.00 26.16 ? 71  ASN A OD1 1 
ATOM   598  N ND2 . ASN A 1 72  ? 1.221   -9.730  8.486   1.00 27.46 ? 71  ASN A ND2 1 
ATOM   599  N N   . GLU A 1 73  ? -3.758  -7.146  9.629   1.00 33.97 ? 72  GLU A N   1 
ATOM   600  C CA  . GLU A 1 73  ? -5.142  -7.011  10.051  1.00 35.45 ? 72  GLU A CA  1 
ATOM   601  C C   . GLU A 1 73  ? -5.938  -6.155  9.027   1.00 35.13 ? 72  GLU A C   1 
ATOM   602  O O   . GLU A 1 73  ? -7.045  -6.522  8.661   1.00 34.62 ? 72  GLU A O   1 
ATOM   603  C CB  . GLU A 1 73  ? -5.214  -6.403  11.450  1.00 36.83 ? 72  GLU A CB  1 
ATOM   604  C CG  . GLU A 1 73  ? -5.033  -7.442  12.541  1.00 43.69 ? 72  GLU A CG  1 
ATOM   605  C CD  . GLU A 1 73  ? -4.261  -6.943  13.790  1.00 52.32 ? 72  GLU A CD  1 
ATOM   606  O OE1 . GLU A 1 73  ? -4.054  -5.692  13.925  1.00 56.03 ? 72  GLU A OE1 1 
ATOM   607  O OE2 . GLU A 1 73  ? -3.877  -7.828  14.641  1.00 56.35 ? 72  GLU A OE2 1 
ATOM   608  N N   . ALA A 1 74  ? -5.356  -5.055  8.530   1.00 33.80 ? 73  ALA A N   1 
ATOM   609  C CA  . ALA A 1 74  ? -6.096  -4.099  7.695   1.00 32.84 ? 73  ALA A CA  1 
ATOM   610  C C   . ALA A 1 74  ? -6.254  -4.480  6.215   1.00 32.10 ? 73  ALA A C   1 
ATOM   611  O O   . ALA A 1 74  ? -7.284  -4.176  5.607   1.00 32.66 ? 73  ALA A O   1 
ATOM   612  C CB  . ALA A 1 74  ? -5.464  -2.665  7.819   1.00 33.07 ? 73  ALA A CB  1 
ATOM   613  N N   . PHE A 1 75  ? -5.261  -5.131  5.621   1.00 30.10 ? 74  PHE A N   1 
ATOM   614  C CA  . PHE A 1 75  ? -5.147  -5.160  4.160   1.00 29.96 ? 74  PHE A CA  1 
ATOM   615  C C   . PHE A 1 75  ? -4.831  -6.534  3.618   1.00 29.29 ? 74  PHE A C   1 
ATOM   616  O O   . PHE A 1 75  ? -4.291  -7.391  4.336   1.00 27.92 ? 74  PHE A O   1 
ATOM   617  C CB  . PHE A 1 75  ? -3.983  -4.252  3.630   1.00 29.43 ? 74  PHE A CB  1 
ATOM   618  C CG  . PHE A 1 75  ? -4.030  -2.828  4.112   1.00 31.28 ? 74  PHE A CG  1 
ATOM   619  C CD1 . PHE A 1 75  ? -5.186  -2.069  3.995   1.00 34.62 ? 74  PHE A CD1 1 
ATOM   620  C CD2 . PHE A 1 75  ? -2.916  -2.240  4.672   1.00 30.25 ? 74  PHE A CD2 1 
ATOM   621  C CE1 . PHE A 1 75  ? -5.220  -0.775  4.472   1.00 33.90 ? 74  PHE A CE1 1 
ATOM   622  C CE2 . PHE A 1 75  ? -2.951  -0.969  5.149   1.00 32.59 ? 74  PHE A CE2 1 
ATOM   623  C CZ  . PHE A 1 75  ? -4.085  -0.226  5.042   1.00 34.54 ? 74  PHE A CZ  1 
ATOM   624  N N   . VAL A 1 76  ? -5.044  -6.661  2.310   1.00 27.88 ? 75  VAL A N   1 
ATOM   625  C CA  . VAL A 1 76  ? -4.344  -7.635  1.529   1.00 27.78 ? 75  VAL A CA  1 
ATOM   626  C C   . VAL A 1 76  ? -3.234  -6.809  0.908   1.00 27.12 ? 75  VAL A C   1 
ATOM   627  O O   . VAL A 1 76  ? -3.500  -5.774  0.304   1.00 26.46 ? 75  VAL A O   1 
ATOM   628  C CB  . VAL A 1 76  ? -5.237  -8.293  0.470   1.00 28.28 ? 75  VAL A CB  1 
ATOM   629  C CG1 . VAL A 1 76  ? -4.391  -9.110  -0.509  1.00 27.76 ? 75  VAL A CG1 1 
ATOM   630  C CG2 . VAL A 1 76  ? -6.281  -9.176  1.140   1.00 28.17 ? 75  VAL A CG2 1 
ATOM   631  N N   . SER A 1 77  ? -1.981  -7.225  1.102   1.00 25.22 ? 76  SER A N   1 
ATOM   632  C CA  . SER A 1 77  ? -0.826  -6.408  0.682   1.00 25.00 ? 76  SER A CA  1 
ATOM   633  C C   . SER A 1 77  ? -0.116  -6.987  -0.554  1.00 24.94 ? 76  SER A C   1 
ATOM   634  O O   . SER A 1 77  ? 0.143   -8.191  -0.595  1.00 25.93 ? 76  SER A O   1 
ATOM   635  C CB  . SER A 1 77  ? 0.163   -6.257  1.825   1.00 25.72 ? 76  SER A CB  1 
ATOM   636  O OG  . SER A 1 77  ? -0.407  -5.588  2.934   1.00 24.60 ? 76  SER A OG  1 
ATOM   637  N N   . ILE A 1 78  ? 0.176   -6.136  -1.557  1.00 23.75 ? 77  ILE A N   1 
ATOM   638  C CA  . ILE A 1 78  ? 0.725   -6.601  -2.829  1.00 24.28 ? 77  ILE A CA  1 
ATOM   639  C C   . ILE A 1 78  ? 2.012   -5.833  -3.116  1.00 23.57 ? 77  ILE A C   1 
ATOM   640  O O   . ILE A 1 78  ? 2.071   -4.587  -2.949  1.00 24.28 ? 77  ILE A O   1 
ATOM   641  C CB  . ILE A 1 78  ? -0.254  -6.396  -3.999  1.00 25.23 ? 77  ILE A CB  1 
ATOM   642  C CG1 . ILE A 1 78  ? -1.587  -7.193  -3.831  1.00 26.74 ? 77  ILE A CG1 1 
ATOM   643  C CG2 . ILE A 1 78  ? 0.399   -6.746  -5.364  1.00 22.93 ? 77  ILE A CG2 1 
ATOM   644  C CD1 . ILE A 1 78  ? -2.573  -6.937  -5.043  1.00 26.77 ? 77  ILE A CD1 1 
ATOM   645  N N   . LYS A 1 79  ? 3.054   -6.571  -3.473  1.00 24.38 ? 78  LYS A N   1 
ATOM   646  C CA  . LYS A 1 79  ? 4.365   -5.988  -3.829  1.00 24.19 ? 78  LYS A CA  1 
ATOM   647  C C   . LYS A 1 79  ? 4.602   -6.127  -5.313  1.00 24.03 ? 78  LYS A C   1 
ATOM   648  O O   . LYS A 1 79  ? 4.453   -7.225  -5.846  1.00 23.28 ? 78  LYS A O   1 
ATOM   649  C CB  . LYS A 1 79  ? 5.530   -6.663  -3.082  1.00 23.51 ? 78  LYS A CB  1 
ATOM   650  C CG  . LYS A 1 79  ? 6.802   -5.761  -3.063  1.00 26.03 ? 78  LYS A CG  1 
ATOM   651  C CD  . LYS A 1 79  ? 6.688   -4.709  -1.986  1.00 28.56 ? 78  LYS A CD  1 
ATOM   652  C CE  . LYS A 1 79  ? 7.809   -3.676  -1.975  1.00 33.04 ? 78  LYS A CE  1 
ATOM   653  N NZ  . LYS A 1 79  ? 7.787   -2.739  -3.106  1.00 36.49 ? 78  LYS A NZ  1 
ATOM   654  N N   . VAL A 1 80  ? 4.957   -5.021  -5.961  1.00 22.66 ? 79  VAL A N   1 
ATOM   655  C CA  . VAL A 1 80  ? 5.215   -4.982  -7.409  1.00 23.46 ? 79  VAL A CA  1 
ATOM   656  C C   . VAL A 1 80  ? 6.632   -4.416  -7.630  1.00 24.84 ? 79  VAL A C   1 
ATOM   657  O O   . VAL A 1 80  ? 7.093   -3.503  -6.900  1.00 24.08 ? 79  VAL A O   1 
ATOM   658  C CB  . VAL A 1 80  ? 4.114   -4.167  -8.171  1.00 25.07 ? 79  VAL A CB  1 
ATOM   659  C CG1 . VAL A 1 80  ? 4.583   -3.688  -9.543  1.00 23.78 ? 79  VAL A CG1 1 
ATOM   660  C CG2 . VAL A 1 80  ? 2.834   -5.029  -8.348  1.00 25.12 ? 79  VAL A CG2 1 
ATOM   661  N N   . ASP A 1 81  ? 7.331   -5.034  -8.576  1.00 23.61 ? 80  ASP A N   1 
ATOM   662  C CA  . ASP A 1 81  ? 8.611   -4.599  -9.018  1.00 25.48 ? 80  ASP A CA  1 
ATOM   663  C C   . ASP A 1 81  ? 8.392   -3.800  -10.291 1.00 26.09 ? 80  ASP A C   1 
ATOM   664  O O   . ASP A 1 81  ? 7.933   -4.326  -11.311 1.00 25.30 ? 80  ASP A O   1 
ATOM   665  C CB  . ASP A 1 81  ? 9.502   -5.825  -9.265  1.00 25.31 ? 80  ASP A CB  1 
ATOM   666  C CG  . ASP A 1 81  ? 10.885  -5.483  -9.802  1.00 29.27 ? 80  ASP A CG  1 
ATOM   667  O OD1 . ASP A 1 81  ? 11.200  -4.265  -10.011 1.00 30.15 ? 80  ASP A OD1 1 
ATOM   668  O OD2 . ASP A 1 81  ? 11.667  -6.485  -9.989  1.00 29.41 ? 80  ASP A OD2 1 
ATOM   669  N N   . ARG A 1 82  ? 8.737   -2.530  -10.231 1.00 27.35 ? 81  ARG A N   1 
ATOM   670  C CA  . ARG A 1 82  ? 8.589   -1.623  -11.379 1.00 29.14 ? 81  ARG A CA  1 
ATOM   671  C C   . ARG A 1 82  ? 9.282   -2.146  -12.669 1.00 29.58 ? 81  ARG A C   1 
ATOM   672  O O   . ARG A 1 82  ? 8.767   -1.982  -13.781 1.00 29.00 ? 81  ARG A O   1 
ATOM   673  C CB  . ARG A 1 82  ? 9.129   -0.265  -10.965 1.00 29.84 ? 81  ARG A CB  1 
ATOM   674  C CG  . ARG A 1 82  ? 8.883   0.803   -11.927 1.00 35.83 ? 81  ARG A CG  1 
ATOM   675  C CD  . ARG A 1 82  ? 10.173  1.251   -12.474 1.00 41.21 ? 81  ARG A CD  1 
ATOM   676  N NE  . ARG A 1 82  ? 10.415  2.604   -12.073 1.00 44.15 ? 81  ARG A NE  1 
ATOM   677  C CZ  . ARG A 1 82  ? 11.617  3.177   -11.982 1.00 45.44 ? 81  ARG A CZ  1 
ATOM   678  N NH1 . ARG A 1 82  ? 12.742  2.500   -12.199 1.00 43.59 ? 81  ARG A NH1 1 
ATOM   679  N NH2 . ARG A 1 82  ? 11.675  4.470   -11.654 1.00 44.66 ? 81  ARG A NH2 1 
ATOM   680  N N   . GLU A 1 83  ? 10.440  -2.762  -12.496 1.00 29.83 ? 82  GLU A N   1 
ATOM   681  C CA  . GLU A 1 83  ? 11.219  -3.234  -13.604 1.00 32.22 ? 82  GLU A CA  1 
ATOM   682  C C   . GLU A 1 83  ? 10.503  -4.411  -14.284 1.00 31.46 ? 82  GLU A C   1 
ATOM   683  O O   . GLU A 1 83  ? 10.719  -4.600  -15.438 1.00 31.81 ? 82  GLU A O   1 
ATOM   684  C CB  . GLU A 1 83  ? 12.638  -3.617  -13.174 1.00 33.34 ? 82  GLU A CB  1 
ATOM   685  C CG  . GLU A 1 83  ? 13.467  -2.388  -12.722 1.00 40.30 ? 82  GLU A CG  1 
ATOM   686  C CD  . GLU A 1 83  ? 14.877  -2.732  -12.212 1.00 48.30 ? 82  GLU A CD  1 
ATOM   687  O OE1 . GLU A 1 83  ? 15.153  -3.949  -12.025 1.00 54.61 ? 82  GLU A OE1 1 
ATOM   688  O OE2 . GLU A 1 83  ? 15.709  -1.802  -11.995 1.00 52.95 ? 82  GLU A OE2 1 
ATOM   689  N N   . GLU A 1 84  ? 9.619   -5.143  -13.604 1.00 30.82 ? 83  GLU A N   1 
ATOM   690  C CA  . GLU A 1 84  ? 8.906   -6.240  -14.219 1.00 30.75 ? 83  GLU A CA  1 
ATOM   691  C C   . GLU A 1 84  ? 7.562   -5.821  -14.694 1.00 29.87 ? 83  GLU A C   1 
ATOM   692  O O   . GLU A 1 84  ? 7.129   -6.300  -15.732 1.00 30.52 ? 83  GLU A O   1 
ATOM   693  C CB  . GLU A 1 84  ? 8.747   -7.445  -13.284 1.00 31.35 ? 83  GLU A CB  1 
ATOM   694  C CG  . GLU A 1 84  ? 10.136  -7.981  -12.865 1.00 35.17 ? 83  GLU A CG  1 
ATOM   695  C CD  . GLU A 1 84  ? 10.156  -9.420  -12.328 1.00 40.78 ? 83  GLU A CD  1 
ATOM   696  O OE1 . GLU A 1 84  ? 9.079   -9.930  -11.858 1.00 40.33 ? 83  GLU A OE1 1 
ATOM   697  O OE2 . GLU A 1 84  ? 11.288  -10.018 -12.385 1.00 41.73 ? 83  GLU A OE2 1 
ATOM   698  N N   . ARG A 1 85  ? 6.871   -4.944  -13.988 1.00 27.70 ? 84  ARG A N   1 
ATOM   699  C CA  . ARG A 1 85  ? 5.521   -4.577  -14.436 1.00 27.07 ? 84  ARG A CA  1 
ATOM   700  C C   . ARG A 1 85  ? 5.436   -3.063  -14.626 1.00 26.70 ? 84  ARG A C   1 
ATOM   701  O O   . ARG A 1 85  ? 4.727   -2.370  -13.872 1.00 24.91 ? 84  ARG A O   1 
ATOM   702  C CB  . ARG A 1 85  ? 4.476   -5.049  -13.438 1.00 26.75 ? 84  ARG A CB  1 
ATOM   703  C CG  . ARG A 1 85  ? 4.260   -6.544  -13.378 1.00 28.01 ? 84  ARG A CG  1 
ATOM   704  C CD  . ARG A 1 85  ? 3.964   -7.138  -14.743 1.00 29.96 ? 84  ARG A CD  1 
ATOM   705  N NE  . ARG A 1 85  ? 2.777   -6.560  -15.357 1.00 30.13 ? 84  ARG A NE  1 
ATOM   706  C CZ  . ARG A 1 85  ? 1.540   -7.027  -15.246 1.00 31.34 ? 84  ARG A CZ  1 
ATOM   707  N NH1 . ARG A 1 85  ? 1.268   -8.097  -14.531 1.00 33.37 ? 84  ARG A NH1 1 
ATOM   708  N NH2 . ARG A 1 85  ? 0.556   -6.410  -15.853 1.00 32.37 ? 84  ARG A NH2 1 
ATOM   709  N N   . PRO A 1 86  ? 6.177   -2.539  -15.623 1.00 26.79 ? 85  PRO A N   1 
ATOM   710  C CA  . PRO A 1 86  ? 6.202   -1.081  -15.847 1.00 26.91 ? 85  PRO A CA  1 
ATOM   711  C C   . PRO A 1 86  ? 4.836   -0.519  -16.223 1.00 26.34 ? 85  PRO A C   1 
ATOM   712  O O   . PRO A 1 86  ? 4.508   0.658   -15.910 1.00 26.33 ? 85  PRO A O   1 
ATOM   713  C CB  . PRO A 1 86  ? 7.230   -0.915  -17.011 1.00 27.40 ? 85  PRO A CB  1 
ATOM   714  C CG  . PRO A 1 86  ? 7.247   -2.229  -17.699 1.00 27.56 ? 85  PRO A CG  1 
ATOM   715  C CD  . PRO A 1 86  ? 7.040   -3.250  -16.585 1.00 26.73 ? 85  PRO A CD  1 
ATOM   716  N N   . ASP A 1 87  ? 4.023   -1.358  -16.847 1.00 26.24 ? 86  ASP A N   1 
ATOM   717  C CA  . ASP A 1 87  ? 2.651   -0.981  -17.137 1.00 26.70 ? 86  ASP A CA  1 
ATOM   718  C C   . ASP A 1 87  ? 1.837   -0.662  -15.858 1.00 26.97 ? 86  ASP A C   1 
ATOM   719  O O   . ASP A 1 87  ? 1.146   0.365   -15.762 1.00 26.64 ? 86  ASP A O   1 
ATOM   720  C CB  . ASP A 1 87  ? 2.010   -2.078  -17.958 1.00 27.88 ? 86  ASP A CB  1 
ATOM   721  C CG  . ASP A 1 87  ? 2.018   -3.450  -17.255 1.00 28.78 ? 86  ASP A CG  1 
ATOM   722  O OD1 . ASP A 1 87  ? 3.013   -3.862  -16.605 1.00 28.64 ? 86  ASP A OD1 1 
ATOM   723  O OD2 . ASP A 1 87  ? 0.988   -4.115  -17.355 1.00 30.77 ? 86  ASP A OD2 1 
ATOM   724  N N   . ILE A 1 88  ? 1.979   -1.501  -14.847 1.00 25.97 ? 87  ILE A N   1 
ATOM   725  C CA  . ILE A 1 88  ? 1.255   -1.327  -13.595 1.00 25.79 ? 87  ILE A CA  1 
ATOM   726  C C   . ILE A 1 88  ? 1.780   -0.098  -12.860 1.00 26.05 ? 87  ILE A C   1 
ATOM   727  O O   . ILE A 1 88  ? 1.015   0.698   -12.281 1.00 25.97 ? 87  ILE A O   1 
ATOM   728  C CB  . ILE A 1 88  ? 1.388   -2.585  -12.687 1.00 26.20 ? 87  ILE A CB  1 
ATOM   729  C CG1 . ILE A 1 88  ? 0.632   -3.769  -13.304 1.00 27.26 ? 87  ILE A CG1 1 
ATOM   730  C CG2 . ILE A 1 88  ? 0.911   -2.289  -11.211 1.00 25.08 ? 87  ILE A CG2 1 
ATOM   731  C CD1 . ILE A 1 88  ? 0.951   -5.044  -12.459 1.00 33.64 ? 87  ILE A CD1 1 
ATOM   732  N N   . ASP A 1 89  ? 3.081   0.072   -12.920 1.00 25.78 ? 88  ASP A N   1 
ATOM   733  C CA  . ASP A 1 89  ? 3.732   1.228   -12.341 1.00 26.14 ? 88  ASP A CA  1 
ATOM   734  C C   . ASP A 1 89  ? 3.195   2.557   -12.949 1.00 26.44 ? 88  ASP A C   1 
ATOM   735  O O   . ASP A 1 89  ? 2.897   3.514   -12.215 1.00 25.31 ? 88  ASP A O   1 
ATOM   736  C CB  . ASP A 1 89  ? 5.238   1.119   -12.522 1.00 26.06 ? 88  ASP A CB  1 
ATOM   737  C CG  . ASP A 1 89  ? 5.976   2.314   -11.959 1.00 30.66 ? 88  ASP A CG  1 
ATOM   738  O OD1 . ASP A 1 89  ? 5.929   2.519   -10.724 1.00 33.59 ? 88  ASP A OD1 1 
ATOM   739  O OD2 . ASP A 1 89  ? 6.605   3.048   -12.753 1.00 34.30 ? 88  ASP A OD2 1 
ATOM   740  N N   . ASN A 1 90  ? 3.042   2.593   -14.271 1.00 25.05 ? 89  ASN A N   1 
ATOM   741  C CA  . ASN A 1 90  ? 2.591   3.806   -14.917 1.00 25.22 ? 89  ASN A CA  1 
ATOM   742  C C   . ASN A 1 90  ? 1.132   4.094   -14.598 1.00 24.33 ? 89  ASN A C   1 
ATOM   743  O O   . ASN A 1 90  ? 0.759   5.243   -14.400 1.00 25.37 ? 89  ASN A O   1 
ATOM   744  C CB  . ASN A 1 90  ? 2.825   3.737   -16.455 1.00 25.13 ? 89  ASN A CB  1 
ATOM   745  C CG  . ASN A 1 90  ? 4.330   3.818   -16.842 1.00 26.78 ? 89  ASN A CG  1 
ATOM   746  O OD1 . ASN A 1 90  ? 5.171   4.289   -16.062 1.00 29.89 ? 89  ASN A OD1 1 
ATOM   747  N ND2 . ASN A 1 90  ? 4.658   3.363   -18.043 1.00 25.98 ? 89  ASN A ND2 1 
ATOM   748  N N   . ILE A 1 91  ? 0.310   3.066   -14.534 1.00 24.62 ? 90  ILE A N   1 
ATOM   749  C CA  . ILE A 1 91  ? -1.086  3.236   -14.137 1.00 25.18 ? 90  ILE A CA  1 
ATOM   750  C C   . ILE A 1 91  ? -1.208  3.857   -12.758 1.00 25.65 ? 90  ILE A C   1 
ATOM   751  O O   . ILE A 1 91  ? -1.954  4.856   -12.575 1.00 25.91 ? 90  ILE A O   1 
ATOM   752  C CB  . ILE A 1 91  ? -1.851  1.902   -14.186 1.00 25.79 ? 90  ILE A CB  1 
ATOM   753  C CG1 . ILE A 1 91  ? -1.957  1.443   -15.634 1.00 26.74 ? 90  ILE A CG1 1 
ATOM   754  C CG2 . ILE A 1 91  ? -3.219  2.020   -13.572 1.00 23.52 ? 90  ILE A CG2 1 
ATOM   755  C CD1 . ILE A 1 91  ? -2.184  -0.128  -15.810 1.00 27.70 ? 90  ILE A CD1 1 
ATOM   756  N N   . TYR A 1 92  ? -0.460  3.326   -11.802 1.00 26.49 ? 91  TYR A N   1 
ATOM   757  C CA  . TYR A 1 92  ? -0.559  3.814   -10.426 1.00 27.28 ? 91  TYR A CA  1 
ATOM   758  C C   . TYR A 1 92  ? 0.204   5.091   -10.146 1.00 26.88 ? 91  TYR A C   1 
ATOM   759  O O   . TYR A 1 92  ? -0.211  5.852   -9.267  1.00 26.37 ? 91  TYR A O   1 
ATOM   760  C CB  . TYR A 1 92  ? -0.302  2.696   -9.376  1.00 27.00 ? 91  TYR A CB  1 
ATOM   761  C CG  . TYR A 1 92  ? -1.420  1.745   -9.504  1.00 27.98 ? 91  TYR A CG  1 
ATOM   762  C CD1 . TYR A 1 92  ? -1.225  0.543   -10.116 1.00 29.73 ? 91  TYR A CD1 1 
ATOM   763  C CD2 . TYR A 1 92  ? -2.746  2.118   -9.142  1.00 27.05 ? 91  TYR A CD2 1 
ATOM   764  C CE1 . TYR A 1 92  ? -2.266  -0.318  -10.311 1.00 30.53 ? 91  TYR A CE1 1 
ATOM   765  C CE2 . TYR A 1 92  ? -3.796  1.280   -9.366  1.00 27.59 ? 91  TYR A CE2 1 
ATOM   766  C CZ  . TYR A 1 92  ? -3.551  0.050   -9.935  1.00 30.95 ? 91  TYR A CZ  1 
ATOM   767  O OH  . TYR A 1 92  ? -4.546  -0.866  -10.188 1.00 32.53 ? 91  TYR A OH  1 
ATOM   768  N N   . MET A 1 93  ? 1.253   5.368   -10.912 1.00 26.94 ? 92  MET A N   1 
ATOM   769  C CA  . MET A 1 93  ? 1.935   6.658   -10.809 1.00 26.81 ? 92  MET A CA  1 
ATOM   770  C C   . MET A 1 93  ? 0.961   7.759   -11.251 1.00 27.78 ? 92  MET A C   1 
ATOM   771  O O   . MET A 1 93  ? 0.909   8.858   -10.637 1.00 27.84 ? 92  MET A O   1 
ATOM   772  C CB  . MET A 1 93  ? 3.196   6.703   -11.638 1.00 26.98 ? 92  MET A CB  1 
ATOM   773  C CG  . MET A 1 93  ? 3.956   8.017   -11.530 1.00 29.17 ? 92  MET A CG  1 
ATOM   774  S SD  . MET A 1 93  ? 4.541   8.408   -9.830  1.00 30.33 ? 92  MET A SD  1 
ATOM   775  C CE  . MET A 1 93  ? 5.814   7.135   -9.634  1.00 30.83 ? 92  MET A CE  1 
ATOM   776  N N   . THR A 1 94  ? 0.172   7.474   -12.292 1.00 27.61 ? 93  THR A N   1 
ATOM   777  C CA  . THR A 1 94  ? -0.846  8.446   -12.755 1.00 27.55 ? 93  THR A CA  1 
ATOM   778  C C   . THR A 1 94  ? -1.881  8.748   -11.628 1.00 27.43 ? 93  THR A C   1 
ATOM   779  O O   . THR A 1 94  ? -2.162  9.904   -11.314 1.00 26.02 ? 93  THR A O   1 
ATOM   780  C CB  . THR A 1 94  ? -1.509  8.008   -14.066 1.00 26.65 ? 93  THR A CB  1 
ATOM   781  O OG1 . THR A 1 94  ? -0.486  7.828   -15.046 1.00 27.58 ? 93  THR A OG1 1 
ATOM   782  C CG2 . THR A 1 94  ? -2.517  9.040   -14.590 1.00 25.30 ? 93  THR A CG2 1 
ATOM   783  N N   . VAL A 1 95  ? -2.360  7.701   -10.986 1.00 28.37 ? 94  VAL A N   1 
ATOM   784  C CA  . VAL A 1 95  ? -3.293  7.813   -9.857  1.00 28.62 ? 94  VAL A CA  1 
ATOM   785  C C   . VAL A 1 95  ? -2.689  8.643   -8.691  1.00 29.93 ? 94  VAL A C   1 
ATOM   786  O O   . VAL A 1 95  ? -3.302  9.537   -8.078  1.00 29.32 ? 94  VAL A O   1 
ATOM   787  C CB  . VAL A 1 95  ? -3.642  6.406   -9.374  1.00 29.23 ? 94  VAL A CB  1 
ATOM   788  C CG1 . VAL A 1 95  ? -4.309  6.466   -8.002  1.00 31.83 ? 94  VAL A CG1 1 
ATOM   789  C CG2 . VAL A 1 95  ? -4.524  5.620   -10.454 1.00 27.20 ? 94  VAL A CG2 1 
ATOM   790  N N   . CYS A 1 96  ? -1.436  8.389   -8.407  1.00 30.47 ? 95  CYS A N   1 
ATOM   791  C CA  . CYS A 1 96  ? -0.795  9.107   -7.324  1.00 30.95 ? 95  CYS A CA  1 
ATOM   792  C C   . CYS A 1 96  ? -0.681  10.606  -7.653  1.00 30.42 ? 95  CYS A C   1 
ATOM   793  O O   . CYS A 1 96  ? -0.994  11.484  -6.802  1.00 29.57 ? 95  CYS A O   1 
ATOM   794  C CB  . CYS A 1 96  ? 0.570   8.469   -7.079  1.00 31.67 ? 95  CYS A CB  1 
ATOM   795  S SG  . CYS A 1 96  ? 1.486   9.271   -5.823  1.00 34.00 ? 95  CYS A SG  1 
ATOM   796  N N   . GLN A 1 97  ? -0.255  10.904  -8.893  1.00 29.80 ? 96  GLN A N   1 
ATOM   797  C CA  . GLN A 1 97  ? -0.231  12.266  -9.393  1.00 29.65 ? 96  GLN A CA  1 
ATOM   798  C C   . GLN A 1 97  ? -1.606  12.983  -9.349  1.00 29.64 ? 96  GLN A C   1 
ATOM   799  O O   . GLN A 1 97  ? -1.667  14.168  -9.024  1.00 30.20 ? 96  GLN A O   1 
ATOM   800  C CB  . GLN A 1 97  ? 0.379   12.311  -10.781 1.00 29.90 ? 96  GLN A CB  1 
ATOM   801  C CG  . GLN A 1 97  ? 1.877   12.028  -10.769 1.00 31.24 ? 96  GLN A CG  1 
ATOM   802  C CD  . GLN A 1 97  ? 2.429   11.680  -12.161 1.00 33.39 ? 96  GLN A CD  1 
ATOM   803  O OE1 . GLN A 1 97  ? 1.737   11.174  -13.019 1.00 33.70 ? 96  GLN A OE1 1 
ATOM   804  N NE2 . GLN A 1 97  ? 3.678   11.916  -12.347 1.00 38.14 ? 96  GLN A NE2 1 
ATOM   805  N N   . ILE A 1 98  ? -2.681  12.267  -9.662  1.00 29.24 ? 97  ILE A N   1 
ATOM   806  C CA  . ILE A 1 98  ? -4.026  12.831  -9.647  1.00 29.28 ? 97  ILE A CA  1 
ATOM   807  C C   . ILE A 1 98  ? -4.389  13.249  -8.215  1.00 31.52 ? 97  ILE A C   1 
ATOM   808  O O   . ILE A 1 98  ? -4.893  14.345  -7.980  1.00 30.30 ? 97  ILE A O   1 
ATOM   809  C CB  . ILE A 1 98  ? -5.079  11.816  -10.172 1.00 28.70 ? 97  ILE A CB  1 
ATOM   810  C CG1 . ILE A 1 98  ? -5.035  11.726  -11.710 1.00 26.03 ? 97  ILE A CG1 1 
ATOM   811  C CG2 . ILE A 1 98  ? -6.523  12.190  -9.681  1.00 27.16 ? 97  ILE A CG2 1 
ATOM   812  C CD1 . ILE A 1 98  ? -5.770  10.515  -12.295 1.00 23.89 ? 97  ILE A CD1 1 
ATOM   813  N N   . ILE A 1 99  ? -4.130  12.348  -7.273  1.00 33.34 ? 98  ILE A N   1 
ATOM   814  C CA  . ILE A 1 99  ? -4.511  12.572  -5.869  1.00 34.85 ? 98  ILE A CA  1 
ATOM   815  C C   . ILE A 1 99  ? -3.558  13.544  -5.145  1.00 35.06 ? 98  ILE A C   1 
ATOM   816  O O   . ILE A 1 99  ? -4.012  14.476  -4.464  1.00 36.39 ? 98  ILE A O   1 
ATOM   817  C CB  . ILE A 1 99  ? -4.577  11.287  -5.098  1.00 35.53 ? 98  ILE A CB  1 
ATOM   818  C CG1 . ILE A 1 99  ? -5.704  10.411  -5.690  1.00 33.39 ? 98  ILE A CG1 1 
ATOM   819  C CG2 . ILE A 1 99  ? -4.679  11.652  -3.602  1.00 36.99 ? 98  ILE A CG2 1 
ATOM   820  C CD1 . ILE A 1 99  ? -5.733  8.934   -5.164  1.00 31.70 ? 98  ILE A CD1 1 
ATOM   821  N N   . LEU A 1 100 ? -2.254  13.372  -5.318  1.00 34.62 ? 99  LEU A N   1 
ATOM   822  C CA  . LEU A 1 100 ? -1.311  14.103  -4.502  1.00 34.08 ? 99  LEU A CA  1 
ATOM   823  C C   . LEU A 1 100 ? -0.749  15.286  -5.217  1.00 35.52 ? 99  LEU A C   1 
ATOM   824  O O   . LEU A 1 100 ? -0.134  16.198  -4.600  1.00 36.48 ? 99  LEU A O   1 
ATOM   825  C CB  . LEU A 1 100 ? -0.176  13.160  -4.136  1.00 34.66 ? 99  LEU A CB  1 
ATOM   826  C CG  . LEU A 1 100 ? -0.484  12.015  -3.211  1.00 31.42 ? 99  LEU A CG  1 
ATOM   827  C CD1 . LEU A 1 100 ? 0.830   11.294  -2.791  1.00 29.58 ? 99  LEU A CD1 1 
ATOM   828  C CD2 . LEU A 1 100 ? -1.147  12.587  -1.974  1.00 33.32 ? 99  LEU A CD2 1 
ATOM   829  N N   . GLY A 1 101 ? -0.892  15.305  -6.539  1.00 35.23 ? 100 GLY A N   1 
ATOM   830  C CA  . GLY A 1 101 ? -0.285  16.385  -7.302  1.00 34.31 ? 100 GLY A CA  1 
ATOM   831  C C   . GLY A 1 101 ? 1.192   16.202  -7.398  1.00 34.44 ? 100 GLY A C   1 
ATOM   832  O O   . GLY A 1 101 ? 1.888   17.094  -7.852  1.00 36.03 ? 100 GLY A O   1 
ATOM   833  N N   . ARG A 1 102 ? 1.692   15.025  -7.044  1.00 33.40 ? 101 ARG A N   1 
ATOM   834  C CA  . ARG A 1 102 ? 3.095   14.713  -7.247  1.00 33.24 ? 101 ARG A CA  1 
ATOM   835  C C   . ARG A 1 102 ? 3.195   13.189  -7.216  1.00 32.67 ? 101 ARG A C   1 
ATOM   836  O O   . ARG A 1 102 ? 2.195   12.516  -6.944  1.00 33.65 ? 101 ARG A O   1 
ATOM   837  C CB  . ARG A 1 102 ? 3.949   15.307  -6.143  1.00 33.20 ? 101 ARG A CB  1 
ATOM   838  C CG  . ARG A 1 102 ? 3.539   14.696  -4.795  1.00 35.72 ? 101 ARG A CG  1 
ATOM   839  C CD  . ARG A 1 102 ? 4.203   15.360  -3.561  1.00 34.66 ? 101 ARG A CD  1 
ATOM   840  N NE  . ARG A 1 102 ? 3.612   14.775  -2.354  1.00 34.13 ? 101 ARG A NE  1 
ATOM   841  C CZ  . ARG A 1 102 ? 3.916   13.578  -1.849  1.00 33.17 ? 101 ARG A CZ  1 
ATOM   842  N NH1 . ARG A 1 102 ? 3.334   13.169  -0.739  1.00 34.25 ? 101 ARG A NH1 1 
ATOM   843  N NH2 . ARG A 1 102 ? 4.823   12.817  -2.397  1.00 33.17 ? 101 ARG A NH2 1 
ATOM   844  N N   . GLY A 1 103 ? 4.384   12.648  -7.454  1.00 31.98 ? 102 GLY A N   1 
ATOM   845  C CA  . GLY A 1 103 ? 4.557   11.201  -7.496  1.00 32.79 ? 102 GLY A CA  1 
ATOM   846  C C   . GLY A 1 103 ? 6.005   10.865  -7.237  1.00 32.60 ? 102 GLY A C   1 
ATOM   847  O O   . GLY A 1 103 ? 6.802   11.759  -7.146  1.00 32.79 ? 102 GLY A O   1 
ATOM   848  N N   . GLY A 1 104 ? 6.310   9.575   -7.096  1.00 32.64 ? 103 GLY A N   1 
ATOM   849  C CA  . GLY A 1 104 ? 7.697   9.060   -6.879  1.00 31.07 ? 103 GLY A CA  1 
ATOM   850  C C   . GLY A 1 104 ? 7.610   7.659   -6.294  1.00 30.31 ? 103 GLY A C   1 
ATOM   851  O O   . GLY A 1 104 ? 6.511   7.075   -6.196  1.00 31.04 ? 103 GLY A O   1 
ATOM   852  N N   . TRP A 1 105 ? 8.764   7.104   -5.942  1.00 28.18 ? 104 TRP A N   1 
ATOM   853  C CA  . TRP A 1 105 ? 8.836   5.792   -5.364  1.00 28.45 ? 104 TRP A CA  1 
ATOM   854  C C   . TRP A 1 105 ? 9.439   5.788   -3.954  1.00 27.94 ? 104 TRP A C   1 
ATOM   855  O O   . TRP A 1 105 ? 10.226  6.622   -3.649  1.00 27.06 ? 104 TRP A O   1 
ATOM   856  C CB  . TRP A 1 105 ? 9.641   4.868   -6.278  1.00 27.77 ? 104 TRP A CB  1 
ATOM   857  C CG  . TRP A 1 105 ? 9.009   4.725   -7.612  1.00 27.46 ? 104 TRP A CG  1 
ATOM   858  C CD1 . TRP A 1 105 ? 8.046   3.822   -7.970  1.00 25.61 ? 104 TRP A CD1 1 
ATOM   859  C CD2 . TRP A 1 105 ? 9.277   5.519   -8.765  1.00 25.07 ? 104 TRP A CD2 1 
ATOM   860  N NE1 . TRP A 1 105 ? 7.708   4.011   -9.284  1.00 27.15 ? 104 TRP A NE1 1 
ATOM   861  C CE2 . TRP A 1 105 ? 8.469   5.025   -9.804  1.00 25.98 ? 104 TRP A CE2 1 
ATOM   862  C CE3 . TRP A 1 105 ? 10.144  6.584   -9.028  1.00 28.38 ? 104 TRP A CE3 1 
ATOM   863  C CZ2 . TRP A 1 105 ? 8.479   5.573   -11.091 1.00 28.17 ? 104 TRP A CZ2 1 
ATOM   864  C CZ3 . TRP A 1 105 ? 10.155  7.158   -10.324 1.00 30.54 ? 104 TRP A CZ3 1 
ATOM   865  C CH2 . TRP A 1 105 ? 9.312   6.650   -11.326 1.00 31.58 ? 104 TRP A CH2 1 
ATOM   866  N N   . PRO A 1 106 ? 9.058   4.825   -3.097  1.00 28.55 ? 105 PRO A N   1 
ATOM   867  C CA  . PRO A 1 106 ? 8.058   3.806   -3.359  1.00 28.42 ? 105 PRO A CA  1 
ATOM   868  C C   . PRO A 1 106 ? 6.680   4.429   -3.578  1.00 28.83 ? 105 PRO A C   1 
ATOM   869  O O   . PRO A 1 106 ? 6.353   5.515   -3.034  1.00 29.88 ? 105 PRO A O   1 
ATOM   870  C CB  . PRO A 1 106 ? 8.072   2.977   -2.076  1.00 27.58 ? 105 PRO A CB  1 
ATOM   871  C CG  . PRO A 1 106 ? 8.402   3.988   -1.058  1.00 29.04 ? 105 PRO A CG  1 
ATOM   872  C CD  . PRO A 1 106 ? 9.368   4.907   -1.652  1.00 28.51 ? 105 PRO A CD  1 
ATOM   873  N N   . LEU A 1 107 ? 5.887   3.738   -4.361  1.00 28.29 ? 106 LEU A N   1 
ATOM   874  C CA  . LEU A 1 107 ? 4.541   4.155   -4.649  1.00 30.57 ? 106 LEU A CA  1 
ATOM   875  C C   . LEU A 1 107 ? 3.619   3.263   -3.860  1.00 30.09 ? 106 LEU A C   1 
ATOM   876  O O   . LEU A 1 107 ? 3.634   2.028   -4.042  1.00 30.67 ? 106 LEU A O   1 
ATOM   877  C CB  . LEU A 1 107 ? 4.339   3.976   -6.148  1.00 31.58 ? 106 LEU A CB  1 
ATOM   878  C CG  . LEU A 1 107 ? 3.360   4.751   -6.986  1.00 36.92 ? 106 LEU A CG  1 
ATOM   879  C CD1 . LEU A 1 107 ? 3.320   6.274   -6.592  1.00 38.86 ? 106 LEU A CD1 1 
ATOM   880  C CD2 . LEU A 1 107 ? 3.723   4.452   -8.508  1.00 33.79 ? 106 LEU A CD2 1 
ATOM   881  N N   . ASN A 1 108 ? 2.847   3.863   -2.957  1.00 28.28 ? 107 ASN A N   1 
ATOM   882  C CA  . ASN A 1 108 ? 1.907   3.146   -2.113  1.00 28.02 ? 107 ASN A CA  1 
ATOM   883  C C   . ASN A 1 108 ? 0.496   3.588   -2.380  1.00 27.58 ? 107 ASN A C   1 
ATOM   884  O O   . ASN A 1 108 ? 0.170   4.779   -2.239  1.00 28.26 ? 107 ASN A O   1 
ATOM   885  C CB  . ASN A 1 108 ? 2.271   3.382   -0.660  1.00 27.55 ? 107 ASN A CB  1 
ATOM   886  C CG  . ASN A 1 108 ? 3.690   2.856   -0.322  1.00 29.50 ? 107 ASN A CG  1 
ATOM   887  O OD1 . ASN A 1 108 ? 3.904   1.664   -0.243  1.00 32.69 ? 107 ASN A OD1 1 
ATOM   888  N ND2 . ASN A 1 108 ? 4.634   3.752   -0.133  1.00 26.86 ? 107 ASN A ND2 1 
ATOM   889  N N   . ILE A 1 109 ? -0.348  2.656   -2.765  1.00 26.88 ? 108 ILE A N   1 
ATOM   890  C CA  . ILE A 1 109 ? -1.720  2.930   -3.182  1.00 27.20 ? 108 ILE A CA  1 
ATOM   891  C C   . ILE A 1 109 ? -2.644  2.017   -2.378  1.00 27.08 ? 108 ILE A C   1 
ATOM   892  O O   . ILE A 1 109 ? -2.387  0.824   -2.262  1.00 27.08 ? 108 ILE A O   1 
ATOM   893  C CB  . ILE A 1 109 ? -1.965  2.602   -4.698  1.00 27.95 ? 108 ILE A CB  1 
ATOM   894  C CG1 . ILE A 1 109 ? -0.928  3.300   -5.574  1.00 27.42 ? 108 ILE A CG1 1 
ATOM   895  C CG2 . ILE A 1 109 ? -3.437  2.996   -5.121  1.00 27.74 ? 108 ILE A CG2 1 
ATOM   896  C CD1 . ILE A 1 109 ? -1.094  4.857   -5.643  1.00 28.63 ? 108 ILE A CD1 1 
ATOM   897  N N   . ILE A 1 110 ? -3.675  2.588   -1.762  1.00 27.37 ? 109 ILE A N   1 
ATOM   898  C CA  . ILE A 1 110 ? -4.709  1.779   -1.109  1.00 27.35 ? 109 ILE A CA  1 
ATOM   899  C C   . ILE A 1 110 ? -5.957  1.831   -1.991  1.00 27.30 ? 109 ILE A C   1 
ATOM   900  O O   . ILE A 1 110 ? -6.432  2.905   -2.367  1.00 27.90 ? 109 ILE A O   1 
ATOM   901  C CB  . ILE A 1 110 ? -5.002  2.253   0.341   1.00 27.79 ? 109 ILE A CB  1 
ATOM   902  C CG1 . ILE A 1 110 ? -3.701  2.392   1.121   1.00 27.60 ? 109 ILE A CG1 1 
ATOM   903  C CG2 . ILE A 1 110 ? -5.950  1.271   1.071   1.00 28.55 ? 109 ILE A CG2 1 
ATOM   904  C CD1 . ILE A 1 110 ? -3.793  2.866   2.590   1.00 28.51 ? 109 ILE A CD1 1 
ATOM   905  N N   . MET A 1 111 ? -6.486  0.674   -2.307  1.00 26.61 ? 110 MET A N   1 
ATOM   906  C CA  . MET A 1 111 ? -7.583  0.554   -3.185  1.00 27.07 ? 110 MET A CA  1 
ATOM   907  C C   . MET A 1 111 ? -8.587  -0.492  -2.692  1.00 27.48 ? 110 MET A C   1 
ATOM   908  O O   . MET A 1 111 ? -8.333  -1.377  -1.855  1.00 26.36 ? 110 MET A O   1 
ATOM   909  C CB  . MET A 1 111 ? -7.096  0.226   -4.644  1.00 27.13 ? 110 MET A CB  1 
ATOM   910  C CG  . MET A 1 111 ? -6.524  -1.211  -4.861  1.00 28.54 ? 110 MET A CG  1 
ATOM   911  S SD  . MET A 1 111 ? -5.590  -1.459  -6.442  1.00 24.38 ? 110 MET A SD  1 
ATOM   912  C CE  . MET A 1 111 ? -4.207  -0.428  -5.974  1.00 31.76 ? 110 MET A CE  1 
ATOM   913  N N   . THR A 1 112 ? -9.750  -0.338  -3.264  1.00 27.34 ? 111 THR A N   1 
ATOM   914  C CA  . THR A 1 112 ? -10.868 -1.254  -3.157  1.00 28.22 ? 111 THR A CA  1 
ATOM   915  C C   . THR A 1 112 ? -10.539 -2.637  -3.729  1.00 29.04 ? 111 THR A C   1 
ATOM   916  O O   . THR A 1 112 ? -9.675  -2.721  -4.587  1.00 28.56 ? 111 THR A O   1 
ATOM   917  C CB  . THR A 1 112 ? -11.923 -0.524  -3.991  1.00 28.82 ? 111 THR A CB  1 
ATOM   918  O OG1 . THR A 1 112 ? -12.212 0.760   -3.416  1.00 31.58 ? 111 THR A OG1 1 
ATOM   919  C CG2 . THR A 1 112 ? -12.994 -1.321  -4.462  1.00 23.74 ? 111 THR A CG2 1 
ATOM   920  N N   . PRO A 1 113 ? -11.207 -3.736  -3.243  1.00 30.11 ? 112 PRO A N   1 
ATOM   921  C CA  . PRO A 1 113 ? -11.079 -5.024  -3.923  1.00 30.80 ? 112 PRO A CA  1 
ATOM   922  C C   . PRO A 1 113 ? -11.335 -4.986  -5.447  1.00 31.25 ? 112 PRO A C   1 
ATOM   923  O O   . PRO A 1 113 ? -10.733 -5.755  -6.161  1.00 32.19 ? 112 PRO A O   1 
ATOM   924  C CB  . PRO A 1 113 ? -12.134 -5.900  -3.220  1.00 30.90 ? 112 PRO A CB  1 
ATOM   925  C CG  . PRO A 1 113 ? -12.111 -5.403  -1.822  1.00 31.43 ? 112 PRO A CG  1 
ATOM   926  C CD  . PRO A 1 113 ? -12.007 -3.887  -2.004  1.00 30.32 ? 112 PRO A CD  1 
ATOM   927  N N   . GLY A 1 114 ? -12.175 -4.087  -5.933  1.00 30.49 ? 113 GLY A N   1 
ATOM   928  C CA  . GLY A 1 114 ? -12.340 -3.897  -7.388  1.00 31.16 ? 113 GLY A CA  1 
ATOM   929  C C   . GLY A 1 114 ? -11.305 -2.975  -8.015  1.00 31.23 ? 113 GLY A C   1 
ATOM   930  O O   . GLY A 1 114 ? -11.522 -2.458  -9.076  1.00 30.75 ? 113 GLY A O   1 
ATOM   931  N N   . LYS A 1 115 ? -10.196 -2.755  -7.316  1.00 30.56 ? 114 LYS A N   1 
ATOM   932  C CA  . LYS A 1 115 ? -9.087  -1.998  -7.806  1.00 31.66 ? 114 LYS A CA  1 
ATOM   933  C C   . LYS A 1 115 ? -9.375  -0.503  -8.024  1.00 31.67 ? 114 LYS A C   1 
ATOM   934  O O   . LYS A 1 115 ? -8.755  0.124   -8.903  1.00 33.99 ? 114 LYS A O   1 
ATOM   935  C CB  . LYS A 1 115 ? -8.516  -2.603  -9.117  1.00 31.45 ? 114 LYS A CB  1 
ATOM   936  C CG  . LYS A 1 115 ? -8.223  -4.076  -9.127  1.00 32.30 ? 114 LYS A CG  1 
ATOM   937  C CD  . LYS A 1 115 ? -7.737  -4.508  -10.522 1.00 33.22 ? 114 LYS A CD  1 
ATOM   938  C CE  . LYS A 1 115 ? -7.313  -5.944  -10.580 1.00 33.96 ? 114 LYS A CE  1 
ATOM   939  N NZ  . LYS A 1 115 ? -8.411  -6.882  -10.806 1.00 35.72 ? 114 LYS A NZ  1 
ATOM   940  N N   . LYS A 1 116 ? -10.243 0.099   -7.224  1.00 30.56 ? 115 LYS A N   1 
ATOM   941  C CA  . LYS A 1 116 ? -10.472 1.529   -7.343  1.00 28.76 ? 115 LYS A CA  1 
ATOM   942  C C   . LYS A 1 116 ? -9.735  2.216   -6.204  1.00 28.68 ? 115 LYS A C   1 
ATOM   943  O O   . LYS A 1 116 ? -10.016 1.975   -5.025  1.00 29.10 ? 115 LYS A O   1 
ATOM   944  C CB  . LYS A 1 116 ? -11.941 1.832   -7.365  1.00 29.23 ? 115 LYS A CB  1 
ATOM   945  C CG  . LYS A 1 116 ? -12.665 1.164   -8.572  1.00 32.02 ? 115 LYS A CG  1 
ATOM   946  C CD  . LYS A 1 116 ? -14.099 1.660   -8.785  1.00 36.90 ? 115 LYS A CD  1 
ATOM   947  C CE  . LYS A 1 116 ? -14.936 0.591   -9.521  1.00 39.91 ? 115 LYS A CE  1 
ATOM   948  N NZ  . LYS A 1 116 ? -16.472 0.810   -9.453  1.00 43.62 ? 115 LYS A NZ  1 
ATOM   949  N N   . PRO A 1 117 ? -8.750  3.056   -6.552  1.00 28.42 ? 116 PRO A N   1 
ATOM   950  C CA  . PRO A 1 117 ? -7.882  3.693   -5.552  1.00 28.18 ? 116 PRO A CA  1 
ATOM   951  C C   . PRO A 1 117 ? -8.553  4.820   -4.781  1.00 27.32 ? 116 PRO A C   1 
ATOM   952  O O   . PRO A 1 117 ? -9.374  5.533   -5.329  1.00 26.93 ? 116 PRO A O   1 
ATOM   953  C CB  . PRO A 1 117 ? -6.692  4.209   -6.356  1.00 28.26 ? 116 PRO A CB  1 
ATOM   954  C CG  . PRO A 1 117 ? -7.164  4.159   -7.855  1.00 31.69 ? 116 PRO A CG  1 
ATOM   955  C CD  . PRO A 1 117 ? -8.278  3.199   -7.946  1.00 27.83 ? 116 PRO A CD  1 
ATOM   956  N N   . PHE A 1 118 ? -8.244  4.937   -3.498  1.00 26.90 ? 117 PHE A N   1 
ATOM   957  C CA  . PHE A 1 118 ? -8.734  6.044   -2.677  1.00 26.15 ? 117 PHE A CA  1 
ATOM   958  C C   . PHE A 1 118 ? -7.695  6.706   -1.751  1.00 26.78 ? 117 PHE A C   1 
ATOM   959  O O   . PHE A 1 118 ? -7.997  7.687   -1.027  1.00 27.17 ? 117 PHE A O   1 
ATOM   960  C CB  . PHE A 1 118 ? -9.956  5.572   -1.885  1.00 26.57 ? 117 PHE A CB  1 
ATOM   961  C CG  . PHE A 1 118 ? -9.704  4.429   -0.967  1.00 25.60 ? 117 PHE A CG  1 
ATOM   962  C CD1 . PHE A 1 118 ? -9.888  3.113   -1.393  1.00 25.83 ? 117 PHE A CD1 1 
ATOM   963  C CD2 . PHE A 1 118 ? -9.319  4.663   0.340   1.00 27.01 ? 117 PHE A CD2 1 
ATOM   964  C CE1 . PHE A 1 118 ? -9.724  2.094   -0.529  1.00 24.69 ? 117 PHE A CE1 1 
ATOM   965  C CE2 . PHE A 1 118 ? -9.121  3.620   1.209   1.00 26.32 ? 117 PHE A CE2 1 
ATOM   966  C CZ  . PHE A 1 118 ? -9.336  2.336   0.774   1.00 26.00 ? 117 PHE A CZ  1 
ATOM   967  N N   . PHE A 1 119 ? -6.477  6.175   -1.748  1.00 25.90 ? 118 PHE A N   1 
ATOM   968  C CA  . PHE A 1 119 ? -5.394  6.751   -0.984  1.00 26.95 ? 118 PHE A CA  1 
ATOM   969  C C   . PHE A 1 119 ? -4.081  6.483   -1.708  1.00 27.16 ? 118 PHE A C   1 
ATOM   970  O O   . PHE A 1 119 ? -3.918  5.412   -2.284  1.00 26.31 ? 118 PHE A O   1 
ATOM   971  C CB  . PHE A 1 119 ? -5.360  6.158   0.404   1.00 27.06 ? 118 PHE A CB  1 
ATOM   972  C CG  . PHE A 1 119 ? -4.402  6.876   1.327   1.00 29.42 ? 118 PHE A CG  1 
ATOM   973  C CD1 . PHE A 1 119 ? -4.826  7.971   2.079   1.00 32.51 ? 118 PHE A CD1 1 
ATOM   974  C CD2 . PHE A 1 119 ? -3.080  6.463   1.411   1.00 30.57 ? 118 PHE A CD2 1 
ATOM   975  C CE1 . PHE A 1 119 ? -3.934  8.635   2.927   1.00 34.09 ? 118 PHE A CE1 1 
ATOM   976  C CE2 . PHE A 1 119 ? -2.177  7.113   2.223   1.00 31.86 ? 118 PHE A CE2 1 
ATOM   977  C CZ  . PHE A 1 119 ? -2.591  8.201   2.976   1.00 35.03 ? 118 PHE A CZ  1 
ATOM   978  N N   . ALA A 1 120 ? -3.173  7.456   -1.676  1.00 26.80 ? 119 ALA A N   1 
ATOM   979  C CA  . ALA A 1 120 ? -1.850  7.341   -2.303  1.00 26.58 ? 119 ALA A CA  1 
ATOM   980  C C   . ALA A 1 120 ? -0.848  7.926   -1.351  1.00 26.51 ? 119 ALA A C   1 
ATOM   981  O O   . ALA A 1 120 ? -1.128  8.900   -0.618  1.00 26.61 ? 119 ALA A O   1 
ATOM   982  C CB  . ALA A 1 120 ? -1.784  8.171   -3.625  1.00 25.68 ? 119 ALA A CB  1 
ATOM   983  N N   . GLY A 1 121 ? 0.349   7.367   -1.415  1.00 27.47 ? 120 GLY A N   1 
ATOM   984  C CA  . GLY A 1 121 ? 1.489   7.915   -0.747  1.00 28.05 ? 120 GLY A CA  1 
ATOM   985  C C   . GLY A 1 121 ? 2.774   7.482   -1.404  1.00 29.15 ? 120 GLY A C   1 
ATOM   986  O O   . GLY A 1 121 ? 2.873   6.470   -2.111  1.00 28.77 ? 120 GLY A O   1 
ATOM   987  N N   . THR A 1 122 ? 3.794   8.252   -1.121  1.00 29.43 ? 121 THR A N   1 
ATOM   988  C CA  . THR A 1 122 ? 5.088   7.983   -1.646  1.00 29.86 ? 121 THR A CA  1 
ATOM   989  C C   . THR A 1 122 ? 5.823   7.344   -0.402  1.00 29.09 ? 121 THR A C   1 
ATOM   990  O O   . THR A 1 122 ? 5.218   6.510   0.273   1.00 29.41 ? 121 THR A O   1 
ATOM   991  C CB  . THR A 1 122 ? 5.439   9.336   -2.272  1.00 31.72 ? 121 THR A CB  1 
ATOM   992  O OG1 . THR A 1 122 ? 5.419   10.372  -1.283  1.00 37.43 ? 121 THR A OG1 1 
ATOM   993  C CG2 . THR A 1 122 ? 4.849   9.632   -3.527  1.00 27.53 ? 121 THR A CG2 1 
ATOM   994  N N   . TYR A 1 123 ? 7.074   7.675   -0.101  1.00 27.92 ? 122 TYR A N   1 
ATOM   995  C CA  . TYR A 1 123 ? 7.701   7.268   1.160   1.00 28.19 ? 122 TYR A CA  1 
ATOM   996  C C   . TYR A 1 123 ? 6.812   7.672   2.357   1.00 27.56 ? 122 TYR A C   1 
ATOM   997  O O   . TYR A 1 123 ? 6.372   8.811   2.430   1.00 27.70 ? 122 TYR A O   1 
ATOM   998  C CB  . TYR A 1 123 ? 9.087   7.921   1.335   1.00 27.81 ? 122 TYR A CB  1 
ATOM   999  C CG  . TYR A 1 123 ? 9.697   7.481   2.648   1.00 29.72 ? 122 TYR A CG  1 
ATOM   1000 C CD1 . TYR A 1 123 ? 10.192  6.178   2.783   1.00 30.88 ? 122 TYR A CD1 1 
ATOM   1001 C CD2 . TYR A 1 123 ? 9.713   8.323   3.776   1.00 30.74 ? 122 TYR A CD2 1 
ATOM   1002 C CE1 . TYR A 1 123 ? 10.714  5.753   3.951   1.00 31.65 ? 122 TYR A CE1 1 
ATOM   1003 C CE2 . TYR A 1 123 ? 10.251  7.873   4.981   1.00 30.95 ? 122 TYR A CE2 1 
ATOM   1004 C CZ  . TYR A 1 123 ? 10.725  6.603   5.027   1.00 32.09 ? 122 TYR A CZ  1 
ATOM   1005 O OH  . TYR A 1 123 ? 11.203  6.096   6.154   1.00 41.40 ? 122 TYR A OH  1 
ATOM   1006 N N   . ILE A 1 124 ? 6.534   6.731   3.247   1.00 28.04 ? 123 ILE A N   1 
ATOM   1007 C CA  . ILE A 1 124 ? 5.782   6.993   4.499   1.00 27.04 ? 123 ILE A CA  1 
ATOM   1008 C C   . ILE A 1 124 ? 6.647   6.488   5.632   1.00 27.42 ? 123 ILE A C   1 
ATOM   1009 O O   . ILE A 1 124 ? 7.011   5.310   5.615   1.00 26.28 ? 123 ILE A O   1 
ATOM   1010 C CB  . ILE A 1 124 ? 4.380   6.311   4.541   1.00 27.04 ? 123 ILE A CB  1 
ATOM   1011 C CG1 . ILE A 1 124 ? 3.534   6.771   3.358   1.00 27.31 ? 123 ILE A CG1 1 
ATOM   1012 C CG2 . ILE A 1 124 ? 3.653   6.638   5.876   1.00 23.94 ? 123 ILE A CG2 1 
ATOM   1013 C CD1 . ILE A 1 124 ? 2.340   5.879   3.039   1.00 26.04 ? 123 ILE A CD1 1 
ATOM   1014 N N   . PRO A 1 125 ? 7.066   7.385   6.571   1.00 28.44 ? 124 PRO A N   1 
ATOM   1015 C CA  . PRO A 1 125 ? 7.945   6.935   7.675   1.00 29.33 ? 124 PRO A CA  1 
ATOM   1016 C C   . PRO A 1 125 ? 7.130   6.099   8.652   1.00 28.98 ? 124 PRO A C   1 
ATOM   1017 O O   . PRO A 1 125 ? 5.911   6.100   8.613   1.00 28.50 ? 124 PRO A O   1 
ATOM   1018 C CB  . PRO A 1 125 ? 8.351   8.241   8.349   1.00 29.33 ? 124 PRO A CB  1 
ATOM   1019 C CG  . PRO A 1 125 ? 7.114   9.077   8.181   1.00 29.86 ? 124 PRO A CG  1 
ATOM   1020 C CD  . PRO A 1 125 ? 6.569   8.744   6.831   1.00 29.00 ? 124 PRO A CD  1 
ATOM   1021 N N   . LYS A 1 126 ? 7.796   5.419   9.545   1.00 29.23 ? 125 LYS A N   1 
ATOM   1022 C CA  . LYS A 1 126 ? 7.071   4.568   10.479  1.00 29.92 ? 125 LYS A CA  1 
ATOM   1023 C C   . LYS A 1 126 ? 6.294   5.406   11.489  1.00 28.89 ? 125 LYS A C   1 
ATOM   1024 O O   . LYS A 1 126 ? 5.160   5.099   11.809  1.00 27.71 ? 125 LYS A O   1 
ATOM   1025 C CB  . LYS A 1 126 ? 8.065   3.716   11.231  1.00 30.48 ? 125 LYS A CB  1 
ATOM   1026 C CG  . LYS A 1 126 ? 7.491   2.795   12.270  1.00 32.92 ? 125 LYS A CG  1 
ATOM   1027 C CD  . LYS A 1 126 ? 8.619   2.484   13.203  1.00 38.04 ? 125 LYS A CD  1 
ATOM   1028 C CE  . LYS A 1 126 ? 8.403   1.291   13.983  1.00 39.87 ? 125 LYS A CE  1 
ATOM   1029 N NZ  . LYS A 1 126 ? 9.557   1.267   14.937  1.00 44.95 ? 125 LYS A NZ  1 
ATOM   1030 N N   . ASN A 1 127 ? 6.955   6.432   12.006  1.00 29.41 ? 126 ASN A N   1 
ATOM   1031 C CA  . ASN A 1 127 ? 6.379   7.325   12.995  1.00 30.23 ? 126 ASN A CA  1 
ATOM   1032 C C   . ASN A 1 127 ? 5.979   8.684   12.406  1.00 29.63 ? 126 ASN A C   1 
ATOM   1033 O O   . ASN A 1 127 ? 6.700   9.245   11.575  1.00 29.27 ? 126 ASN A O   1 
ATOM   1034 C CB  . ASN A 1 127 ? 7.382   7.548   14.125  1.00 30.71 ? 126 ASN A CB  1 
ATOM   1035 C CG  . ASN A 1 127 ? 7.602   6.289   14.964  1.00 33.80 ? 126 ASN A CG  1 
ATOM   1036 O OD1 . ASN A 1 127 ? 6.657   5.779   15.550  1.00 39.50 ? 126 ASN A OD1 1 
ATOM   1037 N ND2 . ASN A 1 127 ? 8.837   5.803   15.032  1.00 35.06 ? 126 ASN A ND2 1 
ATOM   1038 N N   . THR A 1 128 ? 4.893   9.235   12.941  1.00 29.12 ? 127 THR A N   1 
ATOM   1039 C CA  . THR A 1 128 ? 4.315   10.476  12.458  1.00 29.27 ? 127 THR A CA  1 
ATOM   1040 C C   . THR A 1 128 ? 5.246   11.635  12.730  1.00 29.70 ? 127 THR A C   1 
ATOM   1041 O O   . THR A 1 128 ? 5.896   11.698  13.760  1.00 30.54 ? 127 THR A O   1 
ATOM   1042 C CB  . THR A 1 128 ? 2.944   10.699  13.097  1.00 29.50 ? 127 THR A CB  1 
ATOM   1043 O OG1 . THR A 1 128 ? 2.050   9.721   12.566  1.00 27.79 ? 127 THR A OG1 1 
ATOM   1044 C CG2 . THR A 1 128 ? 2.362   12.155  12.804  1.00 28.21 ? 127 THR A CG2 1 
ATOM   1045 N N   . ARG A 1 129 ? 5.339   12.541  11.776  1.00 30.68 ? 128 ARG A N   1 
ATOM   1046 C CA  . ARG A 1 129 ? 6.127   13.764  11.926  1.00 31.57 ? 128 ARG A CA  1 
ATOM   1047 C C   . ARG A 1 129 ? 5.231   14.925  11.621  1.00 32.41 ? 128 ARG A C   1 
ATOM   1048 O O   . ARG A 1 129 ? 4.119   14.722  11.120  1.00 31.98 ? 128 ARG A O   1 
ATOM   1049 C CB  . ARG A 1 129 ? 7.281   13.793  10.912  1.00 32.08 ? 128 ARG A CB  1 
ATOM   1050 C CG  . ARG A 1 129 ? 8.258   12.628  11.006  1.00 32.84 ? 128 ARG A CG  1 
ATOM   1051 C CD  . ARG A 1 129 ? 9.007   12.557  9.700   1.00 34.42 ? 128 ARG A CD  1 
ATOM   1052 N NE  . ARG A 1 129 ? 10.123  11.634  9.690   1.00 34.61 ? 128 ARG A NE  1 
ATOM   1053 C CZ  . ARG A 1 129 ? 10.888  11.422  8.615   1.00 35.48 ? 128 ARG A CZ  1 
ATOM   1054 N NH1 . ARG A 1 129 ? 10.670  12.064  7.451   1.00 36.64 ? 128 ARG A NH1 1 
ATOM   1055 N NH2 . ARG A 1 129 ? 11.846  10.528  8.684   1.00 33.88 ? 128 ARG A NH2 1 
ATOM   1056 N N   . PHE A 1 130 ? 5.732   16.139  11.872  1.00 33.42 ? 129 PHE A N   1 
ATOM   1057 C CA  . PHE A 1 130 ? 4.994   17.354  11.528  1.00 35.01 ? 129 PHE A CA  1 
ATOM   1058 C C   . PHE A 1 130 ? 4.526   17.309  10.081  1.00 34.76 ? 129 PHE A C   1 
ATOM   1059 O O   . PHE A 1 130 ? 5.303   17.175  9.155   1.00 35.85 ? 129 PHE A O   1 
ATOM   1060 C CB  . PHE A 1 130 ? 5.801   18.653  11.821  1.00 34.83 ? 129 PHE A CB  1 
ATOM   1061 C CG  . PHE A 1 130 ? 5.140   19.928  11.293  1.00 37.90 ? 129 PHE A CG  1 
ATOM   1062 C CD1 . PHE A 1 130 ? 5.251   20.289  9.941   1.00 40.88 ? 129 PHE A CD1 1 
ATOM   1063 C CD2 . PHE A 1 130 ? 4.415   20.756  12.143  1.00 39.31 ? 129 PHE A CD2 1 
ATOM   1064 C CE1 . PHE A 1 130 ? 4.661   21.464  9.452   1.00 42.34 ? 129 PHE A CE1 1 
ATOM   1065 C CE2 . PHE A 1 130 ? 3.819   21.922  11.671  1.00 40.70 ? 129 PHE A CE2 1 
ATOM   1066 C CZ  . PHE A 1 130 ? 3.950   22.287  10.322  1.00 42.41 ? 129 PHE A CZ  1 
ATOM   1067 N N   . ASN A 1 131 ? 3.225   17.386  9.908   1.00 35.25 ? 130 ASN A N   1 
ATOM   1068 C CA  . ASN A 1 131 ? 2.634   17.407  8.610   1.00 36.63 ? 130 ASN A CA  1 
ATOM   1069 C C   . ASN A 1 131 ? 2.977   16.167  7.765   1.00 35.98 ? 130 ASN A C   1 
ATOM   1070 O O   . ASN A 1 131 ? 2.987   16.243  6.536   1.00 36.68 ? 130 ASN A O   1 
ATOM   1071 C CB  . ASN A 1 131 ? 3.046   18.709  7.882   1.00 38.35 ? 130 ASN A CB  1 
ATOM   1072 C CG  . ASN A 1 131 ? 2.210   18.971  6.615   1.00 42.60 ? 130 ASN A CG  1 
ATOM   1073 O OD1 . ASN A 1 131 ? 1.002   18.755  6.614   1.00 48.11 ? 130 ASN A OD1 1 
ATOM   1074 N ND2 . ASN A 1 131 ? 2.872   19.388  5.527   1.00 48.00 ? 130 ASN A ND2 1 
ATOM   1075 N N   . GLN A 1 132 ? 3.267   15.028  8.397   1.00 34.05 ? 131 GLN A N   1 
ATOM   1076 C CA  . GLN A 1 132 ? 3.536   13.798  7.624   1.00 31.83 ? 131 GLN A CA  1 
ATOM   1077 C C   . GLN A 1 132 ? 3.186   12.597  8.471   1.00 30.51 ? 131 GLN A C   1 
ATOM   1078 O O   . GLN A 1 132 ? 3.969   12.179  9.311   1.00 29.24 ? 131 GLN A O   1 
ATOM   1079 C CB  . GLN A 1 132 ? 5.003   13.753  7.196   1.00 31.94 ? 131 GLN A CB  1 
ATOM   1080 C CG  . GLN A 1 132 ? 5.341   12.592  6.296   1.00 31.27 ? 131 GLN A CG  1 
ATOM   1081 C CD  . GLN A 1 132 ? 6.777   12.592  5.891   1.00 33.48 ? 131 GLN A CD  1 
ATOM   1082 O OE1 . GLN A 1 132 ? 7.127   12.096  4.800   1.00 34.26 ? 131 GLN A OE1 1 
ATOM   1083 N NE2 . GLN A 1 132 ? 7.640   13.120  6.759   1.00 29.82 ? 131 GLN A NE2 1 
ATOM   1084 N N   . ILE A 1 133 ? 1.992   12.060  8.267   1.00 29.09 ? 132 ILE A N   1 
ATOM   1085 C CA  . ILE A 1 133 ? 1.545   10.933  9.039   1.00 28.76 ? 132 ILE A CA  1 
ATOM   1086 C C   . ILE A 1 133 ? 2.467   9.713   8.801   1.00 28.80 ? 132 ILE A C   1 
ATOM   1087 O O   . ILE A 1 133 ? 3.015   9.523   7.698   1.00 27.59 ? 132 ILE A O   1 
ATOM   1088 C CB  . ILE A 1 133 ? 0.092   10.573  8.699   1.00 29.08 ? 132 ILE A CB  1 
ATOM   1089 C CG1 . ILE A 1 133 ? -0.480  9.607   9.761   1.00 29.39 ? 132 ILE A CG1 1 
ATOM   1090 C CG2 . ILE A 1 133 ? 0.003   9.922   7.293   1.00 28.06 ? 132 ILE A CG2 1 
ATOM   1091 C CD1 . ILE A 1 133 ? -2.008  9.431   9.699   1.00 27.96 ? 132 ILE A CD1 1 
ATOM   1092 N N   . GLY A 1 134 ? 2.628   8.905   9.851   1.00 28.32 ? 133 GLY A N   1 
ATOM   1093 C CA  . GLY A 1 134 ? 3.437   7.699   9.771   1.00 28.26 ? 133 GLY A CA  1 
ATOM   1094 C C   . GLY A 1 134 ? 2.605   6.444   9.669   1.00 28.09 ? 133 GLY A C   1 
ATOM   1095 O O   . GLY A 1 134 ? 1.402   6.473   9.878   1.00 26.81 ? 133 GLY A O   1 
ATOM   1096 N N   . MET A 1 135 ? 3.259   5.335   9.331   1.00 28.34 ? 134 MET A N   1 
ATOM   1097 C CA  . MET A 1 135 ? 2.583   4.054   9.129   1.00 27.98 ? 134 MET A CA  1 
ATOM   1098 C C   . MET A 1 135 ? 1.848   3.569   10.412  1.00 28.95 ? 134 MET A C   1 
ATOM   1099 O O   . MET A 1 135 ? 0.726   3.054   10.334  1.00 29.06 ? 134 MET A O   1 
ATOM   1100 C CB  . MET A 1 135 ? 3.576   3.013   8.631   1.00 27.67 ? 134 MET A CB  1 
ATOM   1101 C CG  . MET A 1 135 ? 3.891   3.154   7.138   1.00 26.43 ? 134 MET A CG  1 
ATOM   1102 S SD  . MET A 1 135 ? 2.576   2.958   5.902   1.00 21.26 ? 134 MET A SD  1 
ATOM   1103 C CE  . MET A 1 135 ? 2.381   1.118   5.949   1.00 20.96 ? 134 MET A CE  1 
ATOM   1104 N N   . LEU A 1 136 ? 2.440   3.763   11.584  1.00 29.12 ? 135 LEU A N   1 
ATOM   1105 C CA  . LEU A 1 136 ? 1.813   3.254   12.839  1.00 29.53 ? 135 LEU A CA  1 
ATOM   1106 C C   . LEU A 1 136 ? 0.440   3.878   13.055  1.00 30.19 ? 135 LEU A C   1 
ATOM   1107 O O   . LEU A 1 136 ? -0.482  3.228   13.518  1.00 30.48 ? 135 LEU A O   1 
ATOM   1108 C CB  . LEU A 1 136 ? 2.733   3.465   14.054  1.00 28.91 ? 135 LEU A CB  1 
ATOM   1109 C CG  . LEU A 1 136 ? 3.932   2.505   14.088  1.00 30.40 ? 135 LEU A CG  1 
ATOM   1110 C CD1 . LEU A 1 136 ? 4.893   2.960   15.186  1.00 26.72 ? 135 LEU A CD1 1 
ATOM   1111 C CD2 . LEU A 1 136 ? 3.482   1.004   14.277  1.00 27.41 ? 135 LEU A CD2 1 
ATOM   1112 N N   . GLU A 1 137 ? 0.281   5.109   12.599  1.00 31.04 ? 136 GLU A N   1 
ATOM   1113 C CA  . GLU A 1 137 ? -0.967  5.839   12.722  1.00 31.95 ? 136 GLU A CA  1 
ATOM   1114 C C   . GLU A 1 137 ? -1.868  5.705   11.499  1.00 31.09 ? 136 GLU A C   1 
ATOM   1115 O O   . GLU A 1 137 ? -3.077  5.670   11.607  1.00 30.12 ? 136 GLU A O   1 
ATOM   1116 C CB  . GLU A 1 137 ? -0.558  7.277   12.930  1.00 33.28 ? 136 GLU A CB  1 
ATOM   1117 C CG  . GLU A 1 137 ? -1.572  8.239   13.409  1.00 38.33 ? 136 GLU A CG  1 
ATOM   1118 C CD  . GLU A 1 137 ? -0.882  9.478   14.042  1.00 44.86 ? 136 GLU A CD  1 
ATOM   1119 O OE1 . GLU A 1 137 ? 0.021   9.294   14.928  1.00 49.16 ? 136 GLU A OE1 1 
ATOM   1120 O OE2 . GLU A 1 137 ? -1.258  10.622  13.652  1.00 47.61 ? 136 GLU A OE2 1 
ATOM   1121 N N   . LEU A 1 138 ? -1.263  5.614   10.325  1.00 30.18 ? 137 LEU A N   1 
ATOM   1122 C CA  . LEU A 1 138 ? -2.005  5.576   9.074   1.00 30.15 ? 137 LEU A CA  1 
ATOM   1123 C C   . LEU A 1 138 ? -2.896  4.333   8.963   1.00 29.62 ? 137 LEU A C   1 
ATOM   1124 O O   . LEU A 1 138 ? -4.081  4.432   8.612   1.00 28.21 ? 137 LEU A O   1 
ATOM   1125 C CB  . LEU A 1 138 ? -1.054  5.530   7.891   1.00 29.96 ? 137 LEU A CB  1 
ATOM   1126 C CG  . LEU A 1 138 ? -1.576  5.667   6.463   1.00 33.99 ? 137 LEU A CG  1 
ATOM   1127 C CD1 . LEU A 1 138 ? -3.029  6.149   6.505   1.00 33.36 ? 137 LEU A CD1 1 
ATOM   1128 C CD2 . LEU A 1 138 ? -0.648  6.381   5.415   1.00 34.18 ? 137 LEU A CD2 1 
ATOM   1129 N N   . VAL A 1 139 ? -2.292  3.170   9.186   1.00 28.45 ? 138 VAL A N   1 
ATOM   1130 C CA  . VAL A 1 139 ? -2.958  1.905   8.954   1.00 29.39 ? 138 VAL A CA  1 
ATOM   1131 C C   . VAL A 1 139 ? -4.200  1.715   9.813   1.00 29.45 ? 138 VAL A C   1 
ATOM   1132 O O   . VAL A 1 139 ? -5.232  1.326   9.294   1.00 30.27 ? 138 VAL A O   1 
ATOM   1133 C CB  . VAL A 1 139 ? -1.961  0.679   9.086   1.00 30.05 ? 138 VAL A CB  1 
ATOM   1134 C CG1 . VAL A 1 139 ? -2.667  -0.638  8.847   1.00 28.22 ? 138 VAL A CG1 1 
ATOM   1135 C CG2 . VAL A 1 139 ? -0.800  0.850   8.083   1.00 29.92 ? 138 VAL A CG2 1 
ATOM   1136 N N   . PRO A 1 140 ? -4.120  1.976   11.120  1.00 29.97 ? 139 PRO A N   1 
ATOM   1137 C CA  . PRO A 1 140 ? -5.349  1.851   11.895  1.00 30.42 ? 139 PRO A CA  1 
ATOM   1138 C C   . PRO A 1 140 ? -6.418  2.864   11.481  1.00 30.62 ? 139 PRO A C   1 
ATOM   1139 O O   . PRO A 1 140 ? -7.584  2.544   11.442  1.00 30.48 ? 139 PRO A O   1 
ATOM   1140 C CB  . PRO A 1 140 ? -4.913  2.111   13.349  1.00 31.05 ? 139 PRO A CB  1 
ATOM   1141 C CG  . PRO A 1 140 ? -3.441  2.107   13.370  1.00 31.15 ? 139 PRO A CG  1 
ATOM   1142 C CD  . PRO A 1 140 ? -2.927  2.193   11.951  1.00 30.34 ? 139 PRO A CD  1 
ATOM   1143 N N   . ARG A 1 141 ? -6.001  4.074   11.131  1.00 31.41 ? 140 ARG A N   1 
ATOM   1144 C CA  . ARG A 1 141 ? -6.935  5.113   10.666  1.00 32.31 ? 140 ARG A CA  1 
ATOM   1145 C C   . ARG A 1 141 ? -7.671  4.653   9.431   1.00 31.00 ? 140 ARG A C   1 
ATOM   1146 O O   . ARG A 1 141 ? -8.864  4.860   9.324   1.00 31.31 ? 140 ARG A O   1 
ATOM   1147 C CB  . ARG A 1 141 ? -6.163  6.366   10.267  1.00 33.68 ? 140 ARG A CB  1 
ATOM   1148 C CG  . ARG A 1 141 ? -6.752  7.605   10.722  1.00 40.41 ? 140 ARG A CG  1 
ATOM   1149 C CD  . ARG A 1 141 ? -6.293  7.940   12.154  1.00 47.87 ? 140 ARG A CD  1 
ATOM   1150 N NE  . ARG A 1 141 ? -5.247  8.968   12.174  1.00 52.94 ? 140 ARG A NE  1 
ATOM   1151 C CZ  . ARG A 1 141 ? -4.607  9.394   13.267  1.00 57.38 ? 140 ARG A CZ  1 
ATOM   1152 N NH1 . ARG A 1 141 ? -4.865  8.876   14.473  1.00 59.37 ? 140 ARG A NH1 1 
ATOM   1153 N NH2 . ARG A 1 141 ? -3.672  10.344  13.158  1.00 59.20 ? 140 ARG A NH2 1 
ATOM   1154 N N   . ILE A 1 142 ? -6.928  4.071   8.478   1.00 29.78 ? 141 ILE A N   1 
ATOM   1155 C CA  . ILE A 1 142 ? -7.504  3.607   7.245   1.00 28.49 ? 141 ILE A CA  1 
ATOM   1156 C C   . ILE A 1 142 ? -8.471  2.471   7.532   1.00 29.00 ? 141 ILE A C   1 
ATOM   1157 O O   . ILE A 1 142 ? -9.551  2.436   6.992   1.00 27.95 ? 141 ILE A O   1 
ATOM   1158 C CB  . ILE A 1 142 ? -6.437  3.213   6.185   1.00 28.01 ? 141 ILE A CB  1 
ATOM   1159 C CG1 . ILE A 1 142 ? -5.720  4.466   5.636   1.00 26.60 ? 141 ILE A CG1 1 
ATOM   1160 C CG2 . ILE A 1 142 ? -7.093  2.481   5.035   1.00 26.94 ? 141 ILE A CG2 1 
ATOM   1161 C CD1 . ILE A 1 142 ? -6.639  5.416   4.667   1.00 26.76 ? 141 ILE A CD1 1 
ATOM   1162 N N   . LYS A 1 143 ? -8.109  1.578   8.446   1.00 29.85 ? 142 LYS A N   1 
ATOM   1163 C CA  . LYS A 1 143 ? -8.963  0.444   8.767   1.00 30.48 ? 142 LYS A CA  1 
ATOM   1164 C C   . LYS A 1 143 ? -10.300 0.940   9.318   1.00 30.44 ? 142 LYS A C   1 
ATOM   1165 O O   . LYS A 1 143 ? -11.382 0.442   8.967   1.00 28.95 ? 142 LYS A O   1 
ATOM   1166 C CB  . LYS A 1 143 ? -8.263  -0.440  9.794   1.00 31.11 ? 142 LYS A CB  1 
ATOM   1167 C CG  . LYS A 1 143 ? -8.925  -1.794  10.058  1.00 31.50 ? 142 LYS A CG  1 
ATOM   1168 C CD  . LYS A 1 143 ? -8.062  -2.595  11.073  1.00 31.20 ? 142 LYS A CD  1 
ATOM   1169 C CE  . LYS A 1 143 ? -8.756  -3.900  11.587  1.00 32.63 ? 142 LYS A CE  1 
ATOM   1170 N NZ  . LYS A 1 143 ? -10.034 -3.626  12.286  1.00 33.38 ? 142 LYS A NZ  1 
ATOM   1171 N N   . GLU A 1 144 ? -10.202 1.931   10.184  1.00 30.01 ? 143 GLU A N   1 
ATOM   1172 C CA  . GLU A 1 144 ? -11.377 2.479   10.813  1.00 30.49 ? 143 GLU A CA  1 
ATOM   1173 C C   . GLU A 1 144 ? -12.288 3.228   9.803   1.00 29.76 ? 143 GLU A C   1 
ATOM   1174 O O   . GLU A 1 144 ? -13.531 3.079   9.815   1.00 26.99 ? 143 GLU A O   1 
ATOM   1175 C CB  . GLU A 1 144 ? -10.928 3.434   11.886  1.00 31.56 ? 143 GLU A CB  1 
ATOM   1176 C CG  . GLU A 1 144 ? -12.078 4.005   12.649  1.00 38.06 ? 143 GLU A CG  1 
ATOM   1177 C CD  . GLU A 1 144 ? -11.600 4.915   13.743  1.00 47.79 ? 143 GLU A CD  1 
ATOM   1178 O OE1 . GLU A 1 144 ? -10.354 5.109   13.854  1.00 51.91 ? 143 GLU A OE1 1 
ATOM   1179 O OE2 . GLU A 1 144 ? -12.491 5.463   14.454  1.00 55.40 ? 143 GLU A OE2 1 
ATOM   1180 N N   . ILE A 1 145 ? -11.658 3.996   8.916   1.00 27.72 ? 144 ILE A N   1 
ATOM   1181 C CA  . ILE A 1 145 ? -12.431 4.689   7.892   1.00 27.93 ? 144 ILE A CA  1 
ATOM   1182 C C   . ILE A 1 145 ? -13.176 3.654   7.032   1.00 27.37 ? 144 ILE A C   1 
ATOM   1183 O O   . ILE A 1 145 ? -14.378 3.792   6.790   1.00 27.05 ? 144 ILE A O   1 
ATOM   1184 C CB  . ILE A 1 145 ? -11.533 5.608   7.011   1.00 27.54 ? 144 ILE A CB  1 
ATOM   1185 C CG1 . ILE A 1 145 ? -11.021 6.775   7.862   1.00 29.09 ? 144 ILE A CG1 1 
ATOM   1186 C CG2 . ILE A 1 145 ? -12.302 6.126   5.811   1.00 25.96 ? 144 ILE A CG2 1 
ATOM   1187 C CD1 . ILE A 1 145 ? -9.855  7.600   7.201   1.00 29.63 ? 144 ILE A CD1 1 
ATOM   1188 N N   . TRP A 1 146 ? -12.460 2.595   6.631   1.00 27.22 ? 145 TRP A N   1 
ATOM   1189 C CA  . TRP A 1 146 ? -13.028 1.488   5.820   1.00 27.52 ? 145 TRP A CA  1 
ATOM   1190 C C   . TRP A 1 146 ? -14.224 0.830   6.470   1.00 27.80 ? 145 TRP A C   1 
ATOM   1191 O O   . TRP A 1 146 ? -15.227 0.529   5.783   1.00 27.84 ? 145 TRP A O   1 
ATOM   1192 C CB  . TRP A 1 146 ? -11.978 0.411   5.555   1.00 27.89 ? 145 TRP A CB  1 
ATOM   1193 C CG  . TRP A 1 146 ? -12.460 -0.788  4.705   1.00 28.67 ? 145 TRP A CG  1 
ATOM   1194 C CD1 . TRP A 1 146 ? -12.760 -2.027  5.150   1.00 29.32 ? 145 TRP A CD1 1 
ATOM   1195 C CD2 . TRP A 1 146 ? -12.612 -0.829  3.286   1.00 29.76 ? 145 TRP A CD2 1 
ATOM   1196 N NE1 . TRP A 1 146 ? -13.092 -2.846  4.104   1.00 30.56 ? 145 TRP A NE1 1 
ATOM   1197 C CE2 . TRP A 1 146 ? -12.990 -2.136  2.942   1.00 30.61 ? 145 TRP A CE2 1 
ATOM   1198 C CE3 . TRP A 1 146 ? -12.437 0.105   2.269   1.00 31.85 ? 145 TRP A CE3 1 
ATOM   1199 C CZ2 . TRP A 1 146 ? -13.248 -2.521  1.636   1.00 32.41 ? 145 TRP A CZ2 1 
ATOM   1200 C CZ3 . TRP A 1 146 ? -12.684 -0.285  0.961   1.00 34.03 ? 145 TRP A CZ3 1 
ATOM   1201 C CH2 . TRP A 1 146 ? -13.078 -1.586  0.657   1.00 35.36 ? 145 TRP A CH2 1 
ATOM   1202 N N   . GLU A 1 147 ? -14.141 0.659   7.780   1.00 26.83 ? 146 GLU A N   1 
ATOM   1203 C CA  . GLU A 1 147 ? -15.206 -0.004  8.510   1.00 27.69 ? 146 GLU A CA  1 
ATOM   1204 C C   . GLU A 1 147 ? -16.352 0.919   8.891   1.00 27.97 ? 146 GLU A C   1 
ATOM   1205 O O   . GLU A 1 147 ? -17.531 0.521   8.910   1.00 27.77 ? 146 GLU A O   1 
ATOM   1206 C CB  . GLU A 1 147 ? -14.619 -0.578  9.771   1.00 28.21 ? 146 GLU A CB  1 
ATOM   1207 C CG  . GLU A 1 147 ? -13.730 -1.773  9.460   1.00 29.90 ? 146 GLU A CG  1 
ATOM   1208 C CD  . GLU A 1 147 ? -13.012 -2.297  10.670  1.00 33.40 ? 146 GLU A CD  1 
ATOM   1209 O OE1 . GLU A 1 147 ? -13.286 -1.782  11.768  1.00 37.92 ? 146 GLU A OE1 1 
ATOM   1210 O OE2 . GLU A 1 147 ? -12.135 -3.179  10.529  1.00 33.81 ? 146 GLU A OE2 1 
ATOM   1211 N N   . GLN A 1 148 ? -16.030 2.160   9.209   1.00 27.71 ? 147 GLN A N   1 
ATOM   1212 C CA  . GLN A 1 148 ? -17.067 3.065   9.671   1.00 28.24 ? 147 GLN A CA  1 
ATOM   1213 C C   . GLN A 1 148 ? -17.516 4.135   8.680   1.00 27.85 ? 147 GLN A C   1 
ATOM   1214 O O   . GLN A 1 148 ? -18.561 4.710   8.872   1.00 27.53 ? 147 GLN A O   1 
ATOM   1215 C CB  . GLN A 1 148 ? -16.646 3.649   10.993  1.00 28.82 ? 147 GLN A CB  1 
ATOM   1216 C CG  . GLN A 1 148 ? -16.656 2.558   12.100  1.00 35.19 ? 147 GLN A CG  1 
ATOM   1217 C CD  . GLN A 1 148 ? -15.687 2.859   13.214  1.00 43.98 ? 147 GLN A CD  1 
ATOM   1218 O OE1 . GLN A 1 148 ? -14.983 3.886   13.182  1.00 48.93 ? 147 GLN A OE1 1 
ATOM   1219 N NE2 . GLN A 1 148 ? -15.620 1.958   14.218  1.00 48.13 ? 147 GLN A NE2 1 
ATOM   1220 N N   . GLN A 1 149 ? -16.757 4.402   7.626   1.00 27.32 ? 148 GLN A N   1 
ATOM   1221 C CA  . GLN A 1 149 ? -17.210 5.315   6.594   1.00 27.69 ? 148 GLN A CA  1 
ATOM   1222 C C   . GLN A 1 149 ? -17.057 4.691   5.226   1.00 26.85 ? 148 GLN A C   1 
ATOM   1223 O O   . GLN A 1 149 ? -16.492 5.273   4.276   1.00 25.15 ? 148 GLN A O   1 
ATOM   1224 C CB  . GLN A 1 149 ? -16.468 6.638   6.684   1.00 28.64 ? 148 GLN A CB  1 
ATOM   1225 C CG  . GLN A 1 149 ? -16.616 7.273   8.056   1.00 31.57 ? 148 GLN A CG  1 
ATOM   1226 C CD  . GLN A 1 149 ? -16.057 8.653   8.072   1.00 34.50 ? 148 GLN A CD  1 
ATOM   1227 O OE1 . GLN A 1 149 ? -14.948 8.870   8.556   1.00 40.05 ? 148 GLN A OE1 1 
ATOM   1228 N NE2 . GLN A 1 149 ? -16.793 9.594   7.509   1.00 38.10 ? 148 GLN A NE2 1 
ATOM   1229 N N   . HIS A 1 150 ? -17.599 3.486   5.143   1.00 26.20 ? 149 HIS A N   1 
ATOM   1230 C CA  . HIS A 1 150 ? -17.401 2.670   3.989   1.00 25.86 ? 149 HIS A CA  1 
ATOM   1231 C C   . HIS A 1 150 ? -18.003 3.312   2.727   1.00 25.33 ? 149 HIS A C   1 
ATOM   1232 O O   . HIS A 1 150 ? -17.376 3.294   1.654   1.00 23.10 ? 149 HIS A O   1 
ATOM   1233 C CB  . HIS A 1 150 ? -17.989 1.298   4.226   1.00 26.47 ? 149 HIS A CB  1 
ATOM   1234 C CG  . HIS A 1 150 ? -17.711 0.352   3.115   1.00 28.40 ? 149 HIS A CG  1 
ATOM   1235 N ND1 . HIS A 1 150 ? -16.451 -0.163  2.884   1.00 29.33 ? 149 HIS A ND1 1 
ATOM   1236 C CD2 . HIS A 1 150 ? -18.524 -0.181  2.178   1.00 28.80 ? 149 HIS A CD2 1 
ATOM   1237 C CE1 . HIS A 1 150 ? -16.508 -0.953  1.825   1.00 31.28 ? 149 HIS A CE1 1 
ATOM   1238 N NE2 . HIS A 1 150 ? -17.756 -0.998  1.396   1.00 28.06 ? 149 HIS A NE2 1 
ATOM   1239 N N   . GLU A 1 151 ? -19.188 3.906   2.860   1.00 24.70 ? 150 GLU A N   1 
ATOM   1240 C CA  . GLU A 1 151 ? -19.842 4.536   1.727   1.00 25.51 ? 150 GLU A CA  1 
ATOM   1241 C C   . GLU A 1 151 ? -19.031 5.752   1.230   1.00 24.86 ? 150 GLU A C   1 
ATOM   1242 O O   . GLU A 1 151 ? -18.902 5.952   0.041   1.00 24.35 ? 150 GLU A O   1 
ATOM   1243 C CB  . GLU A 1 151 ? -21.291 4.891   2.041   1.00 26.30 ? 150 GLU A CB  1 
ATOM   1244 C CG  . GLU A 1 151 ? -22.190 4.848   0.784   1.00 30.52 ? 150 GLU A CG  1 
ATOM   1245 C CD  . GLU A 1 151 ? -22.188 3.454   0.022   1.00 34.64 ? 150 GLU A CD  1 
ATOM   1246 O OE1 . GLU A 1 151 ? -22.572 2.464   0.680   1.00 35.98 ? 150 GLU A OE1 1 
ATOM   1247 O OE2 . GLU A 1 151 ? -21.828 3.358   -1.212  1.00 33.72 ? 150 GLU A OE2 1 
ATOM   1248 N N   . GLU A 1 152 ? -18.409 6.488   2.135   1.00 24.10 ? 151 GLU A N   1 
ATOM   1249 C CA  . GLU A 1 152 ? -17.498 7.588   1.739   1.00 25.71 ? 151 GLU A CA  1 
ATOM   1250 C C   . GLU A 1 152 ? -16.274 7.038   0.959   1.00 24.44 ? 151 GLU A C   1 
ATOM   1251 O O   . GLU A 1 152 ? -15.893 7.557   -0.088  1.00 22.57 ? 151 GLU A O   1 
ATOM   1252 C CB  . GLU A 1 152 ? -17.065 8.367   2.996   1.00 26.93 ? 151 GLU A CB  1 
ATOM   1253 C CG  . GLU A 1 152 ? -16.846 9.844   2.815   1.00 32.83 ? 151 GLU A CG  1 
ATOM   1254 C CD  . GLU A 1 152 ? -18.072 10.575  2.285   1.00 34.75 ? 151 GLU A CD  1 
ATOM   1255 O OE1 . GLU A 1 152 ? -19.109 10.812  3.004   1.00 42.22 ? 151 GLU A OE1 1 
ATOM   1256 O OE2 . GLU A 1 152 ? -17.991 10.936  1.125   1.00 33.05 ? 151 GLU A OE2 1 
ATOM   1257 N N   . VAL A 1 153 ? -15.749 5.898   1.399   1.00 23.81 ? 152 VAL A N   1 
ATOM   1258 C CA  . VAL A 1 153 ? -14.650 5.254   0.675   1.00 23.50 ? 152 VAL A CA  1 
ATOM   1259 C C   . VAL A 1 153 ? -15.088 4.856   -0.750  1.00 23.97 ? 152 VAL A C   1 
ATOM   1260 O O   . VAL A 1 153 ? -14.417 5.233   -1.701  1.00 22.92 ? 152 VAL A O   1 
ATOM   1261 C CB  . VAL A 1 153 ? -14.038 4.071   1.415   1.00 23.30 ? 152 VAL A CB  1 
ATOM   1262 C CG1 . VAL A 1 153 ? -12.953 3.431   0.527   1.00 23.95 ? 152 VAL A CG1 1 
ATOM   1263 C CG2 . VAL A 1 153 ? -13.450 4.525   2.802   1.00 22.14 ? 152 VAL A CG2 1 
ATOM   1264 N N   . LEU A 1 154 ? -16.226 4.169   -0.891  1.00 23.16 ? 153 LEU A N   1 
ATOM   1265 C CA  . LEU A 1 154 ? -16.694 3.748   -2.195  1.00 23.97 ? 153 LEU A CA  1 
ATOM   1266 C C   . LEU A 1 154 ? -16.975 4.947   -3.129  1.00 23.88 ? 153 LEU A C   1 
ATOM   1267 O O   . LEU A 1 154 ? -16.708 4.894   -4.317  1.00 22.41 ? 153 LEU A O   1 
ATOM   1268 C CB  . LEU A 1 154 ? -17.951 2.883   -2.089  1.00 23.75 ? 153 LEU A CB  1 
ATOM   1269 C CG  . LEU A 1 154 ? -17.770 1.520   -1.394  1.00 25.56 ? 153 LEU A CG  1 
ATOM   1270 C CD1 . LEU A 1 154 ? -18.990 0.693   -1.575  1.00 25.64 ? 153 LEU A CD1 1 
ATOM   1271 C CD2 . LEU A 1 154 ? -16.543 0.777   -1.898  1.00 28.11 ? 153 LEU A CD2 1 
ATOM   1272 N N   . ASP A 1 155 ? -17.540 6.026   -2.574  1.00 24.17 ? 154 ASP A N   1 
ATOM   1273 C CA  . ASP A 1 155 ? -17.807 7.214   -3.356  1.00 23.57 ? 154 ASP A CA  1 
ATOM   1274 C C   . ASP A 1 155 ? -16.504 7.834   -3.844  1.00 24.35 ? 154 ASP A C   1 
ATOM   1275 O O   . ASP A 1 155 ? -16.361 8.198   -5.008  1.00 24.46 ? 154 ASP A O   1 
ATOM   1276 C CB  . ASP A 1 155 ? -18.574 8.222   -2.518  1.00 23.99 ? 154 ASP A CB  1 
ATOM   1277 C CG  . ASP A 1 155 ? -18.910 9.464   -3.302  1.00 24.45 ? 154 ASP A CG  1 
ATOM   1278 O OD1 . ASP A 1 155 ? -19.969 9.473   -3.933  1.00 23.88 ? 154 ASP A OD1 1 
ATOM   1279 O OD2 . ASP A 1 155 ? -18.064 10.384  -3.351  1.00 25.62 ? 154 ASP A OD2 1 
ATOM   1280 N N   . SER A 1 156 ? -15.541 7.944   -2.945  1.00 24.62 ? 155 SER A N   1 
ATOM   1281 C CA  . SER A 1 156 ? -14.254 8.493   -3.286  1.00 26.29 ? 155 SER A CA  1 
ATOM   1282 C C   . SER A 1 156 ? -13.519 7.649   -4.371  1.00 26.34 ? 155 SER A C   1 
ATOM   1283 O O   . SER A 1 156 ? -12.974 8.195   -5.349  1.00 24.08 ? 155 SER A O   1 
ATOM   1284 C CB  . SER A 1 156 ? -13.423 8.668   -2.020  1.00 26.72 ? 155 SER A CB  1 
ATOM   1285 O OG  . SER A 1 156 ? -12.071 8.901   -2.365  1.00 30.95 ? 155 SER A OG  1 
ATOM   1286 N N   . ALA A 1 157 ? -13.583 6.323   -4.225  1.00 25.37 ? 156 ALA A N   1 
ATOM   1287 C CA  . ALA A 1 157 ? -12.954 5.397   -5.156  1.00 25.31 ? 156 ALA A CA  1 
ATOM   1288 C C   . ALA A 1 157 ? -13.614 5.470   -6.503  1.00 26.14 ? 156 ALA A C   1 
ATOM   1289 O O   . ALA A 1 157 ? -12.954 5.396   -7.525  1.00 25.73 ? 156 ALA A O   1 
ATOM   1290 C CB  . ALA A 1 157 ? -13.055 3.939   -4.615  1.00 25.16 ? 156 ALA A CB  1 
ATOM   1291 N N   . GLU A 1 158 ? -14.938 5.589   -6.499  1.00 26.19 ? 157 GLU A N   1 
ATOM   1292 C CA  . GLU A 1 158 ? -15.683 5.675   -7.737  1.00 26.80 ? 157 GLU A CA  1 
ATOM   1293 C C   . GLU A 1 158 ? -15.413 6.961   -8.512  1.00 26.02 ? 157 GLU A C   1 
ATOM   1294 O O   . GLU A 1 158 ? -15.470 6.968   -9.714  1.00 24.84 ? 157 GLU A O   1 
ATOM   1295 C CB  . GLU A 1 158 ? -17.172 5.581   -7.440  1.00 27.24 ? 157 GLU A CB  1 
ATOM   1296 C CG  . GLU A 1 158 ? -18.004 5.362   -8.670  1.00 32.70 ? 157 GLU A CG  1 
ATOM   1297 C CD  . GLU A 1 158 ? -17.839 3.941   -9.272  1.00 36.81 ? 157 GLU A CD  1 
ATOM   1298 O OE1 . GLU A 1 158 ? -17.263 3.014   -8.649  1.00 40.18 ? 157 GLU A OE1 1 
ATOM   1299 O OE2 . GLU A 1 158 ? -18.342 3.751   -10.388 1.00 43.76 ? 157 GLU A OE2 1 
ATOM   1300 N N   . LYS A 1 159 ? -15.161 8.063   -7.836  1.00 26.85 ? 158 LYS A N   1 
ATOM   1301 C CA  . LYS A 1 159 ? -14.952 9.322   -8.528  1.00 26.71 ? 158 LYS A CA  1 
ATOM   1302 C C   . LYS A 1 159 ? -13.548 9.879   -8.448  1.00 27.50 ? 158 LYS A C   1 
ATOM   1303 O O   . LYS A 1 159 ? -13.311 11.037  -8.812  1.00 26.21 ? 158 LYS A O   1 
ATOM   1304 C CB  . LYS A 1 159 ? -15.901 10.346  -7.965  1.00 27.40 ? 158 LYS A CB  1 
ATOM   1305 C CG  . LYS A 1 159 ? -17.251 9.806   -7.725  1.00 28.78 ? 158 LYS A CG  1 
ATOM   1306 C CD  . LYS A 1 159 ? -18.200 10.881  -7.411  1.00 30.95 ? 158 LYS A CD  1 
ATOM   1307 C CE  . LYS A 1 159 ? -19.064 10.530  -6.300  1.00 30.12 ? 158 LYS A CE  1 
ATOM   1308 N NZ  . LYS A 1 159 ? -20.371 11.156  -6.259  1.00 22.50 ? 158 LYS A NZ  1 
ATOM   1309 N N   . ILE A 1 160 ? -12.626 9.060   -7.976  1.00 28.26 ? 159 ILE A N   1 
ATOM   1310 C CA  . ILE A 1 160 ? -11.227 9.444   -7.757  1.00 29.98 ? 159 ILE A CA  1 
ATOM   1311 C C   . ILE A 1 160 ? -11.059 10.802  -7.052  1.00 30.51 ? 159 ILE A C   1 
ATOM   1312 O O   . ILE A 1 160 ? -10.291 11.671  -7.486  1.00 31.62 ? 159 ILE A O   1 
ATOM   1313 C CB  . ILE A 1 160 ? -10.336 9.260   -9.060  1.00 29.75 ? 159 ILE A CB  1 
ATOM   1314 C CG1 . ILE A 1 160 ? -8.853  9.365   -8.671  1.00 33.73 ? 159 ILE A CG1 1 
ATOM   1315 C CG2 . ILE A 1 160 ? -10.729 10.215  -10.204 1.00 29.93 ? 159 ILE A CG2 1 
ATOM   1316 C CD1 . ILE A 1 160 ? -7.942  8.249   -9.296  1.00 33.87 ? 159 ILE A CD1 1 
ATOM   1317 N N   . THR A 1 161 ? -11.797 10.963  -5.957  1.00 31.23 ? 160 THR A N   1 
ATOM   1318 C CA  . THR A 1 161 ? -11.767 12.181  -5.141  1.00 31.65 ? 160 THR A CA  1 
ATOM   1319 C C   . THR A 1 161 ? -10.645 12.051  -4.103  1.00 31.66 ? 160 THR A C   1 
ATOM   1320 O O   . THR A 1 161 ? -10.136 10.977  -3.863  1.00 31.48 ? 160 THR A O   1 
ATOM   1321 C CB  . THR A 1 161 ? -13.110 12.451  -4.380  1.00 31.43 ? 160 THR A CB  1 
ATOM   1322 O OG1 . THR A 1 161 ? -13.248 11.550  -3.255  1.00 32.12 ? 160 THR A OG1 1 
ATOM   1323 C CG2 . THR A 1 161 ? -14.323 12.345  -5.308  1.00 32.08 ? 160 THR A CG2 1 
ATOM   1324 N N   . SER A 1 162 ? -10.329 13.159  -3.454  1.00 31.05 ? 161 SER A N   1 
ATOM   1325 C CA  . SER A 1 162 ? -9.326  13.243  -2.404  1.00 30.89 ? 161 SER A CA  1 
ATOM   1326 C C   . SER A 1 162 ? -9.899  13.254  -1.005  1.00 29.40 ? 161 SER A C   1 
ATOM   1327 O O   . SER A 1 162 ? -9.192  13.604  -0.056  1.00 27.68 ? 161 SER A O   1 
ATOM   1328 C CB  . SER A 1 162 ? -8.516  14.544  -2.614  1.00 31.50 ? 161 SER A CB  1 
ATOM   1329 O OG  . SER A 1 162 ? -7.676  14.305  -3.727  1.00 36.52 ? 161 SER A OG  1 
ATOM   1330 N N   . THR A 1 163 ? -11.174 12.904  -0.844  1.00 29.00 ? 162 THR A N   1 
ATOM   1331 C CA  . THR A 1 163 ? -11.828 13.049  0.462   1.00 27.67 ? 162 THR A CA  1 
ATOM   1332 C C   . THR A 1 163 ? -11.182 12.164  1.511   1.00 26.33 ? 162 THR A C   1 
ATOM   1333 O O   . THR A 1 163 ? -11.004 12.589  2.659   1.00 25.66 ? 162 THR A O   1 
ATOM   1334 C CB  . THR A 1 163 ? -13.374 12.772  0.401   1.00 29.28 ? 162 THR A CB  1 
ATOM   1335 O OG1 . THR A 1 163 ? -13.538 11.448  -0.057  1.00 33.69 ? 162 THR A OG1 1 
ATOM   1336 C CG2 . THR A 1 163 ? -14.058 13.662  -0.590  1.00 24.06 ? 162 THR A CG2 1 
ATOM   1337 N N   . ILE A 1 164 ? -10.807 10.929  1.159   1.00 25.79 ? 163 ILE A N   1 
ATOM   1338 C CA  . ILE A 1 164 ? -10.139 10.094  2.144   1.00 24.80 ? 163 ILE A CA  1 
ATOM   1339 C C   . ILE A 1 164 ? -8.715  10.615  2.422   1.00 25.75 ? 163 ILE A C   1 
ATOM   1340 O O   . ILE A 1 164 ? -8.251  10.654  3.569   1.00 24.28 ? 163 ILE A O   1 
ATOM   1341 C CB  . ILE A 1 164 ? -10.075 8.638   1.703   1.00 24.75 ? 163 ILE A CB  1 
ATOM   1342 C CG1 . ILE A 1 164 ? -11.466 8.125   1.225   1.00 25.51 ? 163 ILE A CG1 1 
ATOM   1343 C CG2 . ILE A 1 164 ? -9.531  7.797   2.846   1.00 23.71 ? 163 ILE A CG2 1 
ATOM   1344 C CD1 . ILE A 1 164 ? -12.669 8.246   2.230   1.00 24.07 ? 163 ILE A CD1 1 
ATOM   1345 N N   . GLN A 1 165 ? -8.003  10.958  1.350   1.00 26.93 ? 164 GLN A N   1 
ATOM   1346 C CA  . GLN A 1 165 ? -6.670  11.568  1.462   1.00 27.88 ? 164 GLN A CA  1 
ATOM   1347 C C   . GLN A 1 165 ? -6.702  12.770  2.473   1.00 28.72 ? 164 GLN A C   1 
ATOM   1348 O O   . GLN A 1 165 ? -5.889  12.831  3.406   1.00 27.93 ? 164 GLN A O   1 
ATOM   1349 C CB  . GLN A 1 165 ? -6.182  12.034  0.081   1.00 27.19 ? 164 GLN A CB  1 
ATOM   1350 C CG  . GLN A 1 165 ? -4.668  12.267  -0.006  1.00 27.57 ? 164 GLN A CG  1 
ATOM   1351 C CD  . GLN A 1 165 ? -3.891  10.917  -0.043  1.00 28.08 ? 164 GLN A CD  1 
ATOM   1352 O OE1 . GLN A 1 165 ? -4.325  9.932   -0.660  1.00 27.09 ? 164 GLN A OE1 1 
ATOM   1353 N NE2 . GLN A 1 165 ? -2.786  10.876  0.647   1.00 29.24 ? 164 GLN A NE2 1 
ATOM   1354 N N   . GLU A 1 166 ? -7.709  13.633  2.326   1.00 29.82 ? 165 GLU A N   1 
ATOM   1355 C CA  . GLU A 1 166 ? -7.916  14.809  3.172   1.00 32.10 ? 165 GLU A CA  1 
ATOM   1356 C C   . GLU A 1 166 ? -8.326  14.450  4.611   1.00 33.34 ? 165 GLU A C   1 
ATOM   1357 O O   . GLU A 1 166 ? -7.829  15.097  5.538   1.00 33.00 ? 165 GLU A O   1 
ATOM   1358 C CB  . GLU A 1 166 ? -8.927  15.787  2.544   1.00 32.84 ? 165 GLU A CB  1 
ATOM   1359 C CG  . GLU A 1 166 ? -8.345  16.549  1.321   1.00 38.12 ? 165 GLU A CG  1 
ATOM   1360 C CD  . GLU A 1 166 ? -7.109  17.486  1.690   1.00 45.53 ? 165 GLU A CD  1 
ATOM   1361 O OE1 . GLU A 1 166 ? -7.044  17.975  2.851   1.00 50.45 ? 165 GLU A OE1 1 
ATOM   1362 O OE2 . GLU A 1 166 ? -6.204  17.741  0.846   1.00 49.20 ? 165 GLU A OE2 1 
ATOM   1363 N N   . MET A 1 167 ? -9.194  13.447  4.808   1.00 33.51 ? 166 MET A N   1 
ATOM   1364 C CA  . MET A 1 167 ? -9.485  12.947  6.177   1.00 34.97 ? 166 MET A CA  1 
ATOM   1365 C C   . MET A 1 167 ? -8.210  12.583  6.924   1.00 35.60 ? 166 MET A C   1 
ATOM   1366 O O   . MET A 1 167 ? -8.067  12.924  8.079   1.00 34.54 ? 166 MET A O   1 
ATOM   1367 C CB  . MET A 1 167 ? -10.354 11.693  6.200   1.00 34.01 ? 166 MET A CB  1 
ATOM   1368 C CG  . MET A 1 167 ? -11.732 11.838  5.616   1.00 38.60 ? 166 MET A CG  1 
ATOM   1369 S SD  . MET A 1 167 ? -12.752 10.320  5.840   1.00 36.85 ? 166 MET A SD  1 
ATOM   1370 C CE  . MET A 1 167 ? -14.059 10.813  4.721   1.00 35.10 ? 166 MET A CE  1 
ATOM   1371 N N   . ILE A 1 168 ? -7.321  11.845  6.261   1.00 37.24 ? 167 ILE A N   1 
ATOM   1372 C CA  . ILE A 1 168 ? -6.086  11.383  6.869   1.00 39.51 ? 167 ILE A CA  1 
ATOM   1373 C C   . ILE A 1 168 ? -5.192  12.584  7.103   1.00 42.22 ? 167 ILE A C   1 
ATOM   1374 O O   . ILE A 1 168 ? -4.627  12.736  8.172   1.00 42.77 ? 167 ILE A O   1 
ATOM   1375 C CB  . ILE A 1 168 ? -5.371  10.292  6.014   1.00 39.29 ? 167 ILE A CB  1 
ATOM   1376 C CG1 . ILE A 1 168 ? -5.997  8.936   6.300   1.00 39.60 ? 167 ILE A CG1 1 
ATOM   1377 C CG2 . ILE A 1 168 ? -3.857  10.257  6.303   1.00 38.01 ? 167 ILE A CG2 1 
ATOM   1378 C CD1 . ILE A 1 168 ? -7.371  8.848   5.813   1.00 44.20 ? 167 ILE A CD1 1 
ATOM   1379 N N   . LYS A 1 169 ? -5.105  13.464  6.124   1.00 45.50 ? 168 LYS A N   1 
ATOM   1380 C CA  . LYS A 1 169 ? -4.359  14.701  6.299   1.00 48.74 ? 168 LYS A CA  1 
ATOM   1381 C C   . LYS A 1 169 ? -4.794  15.461  7.565   1.00 50.84 ? 168 LYS A C   1 
ATOM   1382 O O   . LYS A 1 169 ? -3.949  15.842  8.345   1.00 50.96 ? 168 LYS A O   1 
ATOM   1383 C CB  . LYS A 1 169 ? -4.453  15.592  5.056   1.00 49.15 ? 168 LYS A CB  1 
ATOM   1384 C CG  . LYS A 1 169 ? -3.468  16.737  5.061   1.00 52.02 ? 168 LYS A CG  1 
ATOM   1385 C CD  . LYS A 1 169 ? -3.515  17.592  3.784   1.00 55.09 ? 168 LYS A CD  1 
ATOM   1386 C CE  . LYS A 1 169 ? -2.956  19.021  4.061   1.00 56.06 ? 168 LYS A CE  1 
ATOM   1387 N NZ  . LYS A 1 169 ? -2.200  19.553  2.886   1.00 58.09 ? 168 LYS A NZ  1 
ATOM   1388 N N   . GLU A 1 170 ? -6.094  15.652  7.773   1.00 54.26 ? 169 GLU A N   1 
ATOM   1389 C CA  . GLU A 1 170 ? -6.622  16.314  8.986   1.00 57.11 ? 169 GLU A CA  1 
ATOM   1390 C C   . GLU A 1 170 ? -6.355  15.555  10.278  1.00 58.78 ? 169 GLU A C   1 
ATOM   1391 O O   . GLU A 1 170 ? -6.158  16.191  11.310  1.00 59.34 ? 169 GLU A O   1 
ATOM   1392 C CB  . GLU A 1 170 ? -8.138  16.544  8.886   1.00 57.89 ? 169 GLU A CB  1 
ATOM   1393 C CG  . GLU A 1 170 ? -8.533  17.774  8.066   1.00 61.40 ? 169 GLU A CG  1 
ATOM   1394 C CD  . GLU A 1 170 ? -9.947  17.679  7.405   1.00 66.76 ? 169 GLU A CD  1 
ATOM   1395 O OE1 . GLU A 1 170 ? -10.691 16.663  7.606   1.00 68.98 ? 169 GLU A OE1 1 
ATOM   1396 O OE2 . GLU A 1 170 ? -10.301 18.640  6.661   1.00 68.26 ? 169 GLU A OE2 1 
ATOM   1397 N N   . SER A 1 171 ? -6.367  14.216  10.225  1.00 60.68 ? 170 SER A N   1 
ATOM   1398 C CA  . SER A 1 171 ? -6.067  13.338  11.387  1.00 62.14 ? 170 SER A CA  1 
ATOM   1399 C C   . SER A 1 171 ? -4.978  13.886  12.342  1.00 63.76 ? 170 SER A C   1 
ATOM   1400 O O   . SER A 1 171 ? -5.076  13.710  13.582  1.00 64.26 ? 170 SER A O   1 
ATOM   1401 C CB  . SER A 1 171 ? -5.647  11.925  10.914  1.00 62.02 ? 170 SER A CB  1 
ATOM   1402 O OG  . SER A 1 171 ? -6.766  11.094  10.659  1.00 61.96 ? 170 SER A OG  1 
ATOM   1403 N N   . SER A 1 172 ? -3.932  14.479  11.735  1.00 65.23 ? 171 SER A N   1 
ATOM   1404 C CA  . SER A 1 172 ? -2.925  15.385  12.371  1.00 66.04 ? 171 SER A CA  1 
ATOM   1405 C C   . SER A 1 172 ? -1.495  14.920  12.053  1.00 66.44 ? 171 SER A C   1 
ATOM   1406 O O   . SER A 1 172 ? -0.688  15.679  11.500  1.00 66.91 ? 171 SER A O   1 
ATOM   1407 C CB  . SER A 1 172 ? -3.115  15.575  13.903  1.00 66.43 ? 171 SER A CB  1 
ATOM   1408 O OG  . SER A 1 172 ? -4.312  16.290  14.218  1.00 66.32 ? 171 SER A OG  1 
HETATM 1409 O O   . HOH B 2 .   ? -9.127  10.160  -1.300  1.00 26.34 ? 173 HOH A O   1 
HETATM 1410 O O   . HOH B 2 .   ? 13.896  -3.900  -9.453  1.00 25.45 ? 174 HOH A O   1 
HETATM 1411 O O   . HOH B 2 .   ? 0.401   10.389  1.151   1.00 27.12 ? 175 HOH A O   1 
HETATM 1412 O O   . HOH B 2 .   ? 12.850  -10.616 3.414   1.00 23.79 ? 176 HOH A O   1 
HETATM 1413 O O   . HOH B 2 .   ? 1.748   -14.261 1.199   1.00 26.23 ? 177 HOH A O   1 
HETATM 1414 O O   . HOH B 2 .   ? 2.754   10.413  5.126   1.00 26.61 ? 178 HOH A O   1 
HETATM 1415 O O   . HOH B 2 .   ? -10.438 5.776   -7.855  1.00 29.37 ? 179 HOH A O   1 
HETATM 1416 O O   . HOH B 2 .   ? -19.558 12.383  -0.109  1.00 40.21 ? 180 HOH A O   1 
HETATM 1417 O O   . HOH B 2 .   ? -11.300 14.237  -9.152  1.00 40.06 ? 181 HOH A O   1 
HETATM 1418 O O   . HOH B 2 .   ? 7.011   2.292   -15.176 1.00 27.92 ? 182 HOH A O   1 
HETATM 1419 O O   . HOH B 2 .   ? 4.788   10.683  3.297   1.00 29.55 ? 183 HOH A O   1 
HETATM 1420 O O   . HOH B 2 .   ? -2.529  16.304  -10.254 1.00 30.59 ? 184 HOH A O   1 
HETATM 1421 O O   . HOH B 2 .   ? 9.446   1.925   -15.785 1.00 37.86 ? 185 HOH A O   1 
HETATM 1422 O O   . HOH B 2 .   ? 9.117   -12.146 -10.126 1.00 24.46 ? 186 HOH A O   1 
HETATM 1423 O O   . HOH B 2 .   ? -1.266  -7.818  4.517   1.00 30.23 ? 187 HOH A O   1 
HETATM 1424 O O   . HOH B 2 .   ? 3.354   10.496  0.816   1.00 32.27 ? 188 HOH A O   1 
HETATM 1425 O O   . HOH B 2 .   ? -8.104  0.642   13.379  1.00 33.37 ? 189 HOH A O   1 
HETATM 1426 O O   . HOH B 2 .   ? 16.676  -5.793  -4.339  1.00 40.80 ? 190 HOH A O   1 
HETATM 1427 O O   . HOH B 2 .   ? -15.170 -3.422  -3.936  1.00 28.31 ? 191 HOH A O   1 
HETATM 1428 O O   . HOH B 2 .   ? 5.660   5.554   -13.788 1.00 30.84 ? 192 HOH A O   1 
HETATM 1429 O O   . HOH B 2 .   ? 0.262   9.964   3.981   1.00 37.10 ? 193 HOH A O   1 
HETATM 1430 O O   . HOH B 2 .   ? 20.345  7.531   4.091   1.00 34.64 ? 194 HOH A O   1 
HETATM 1431 O O   . HOH B 2 .   ? -2.072  -12.495 -6.127  1.00 32.06 ? 195 HOH A O   1 
HETATM 1432 O O   . HOH B 2 .   ? -15.850 11.368  -2.483  1.00 34.86 ? 196 HOH A O   1 
HETATM 1433 O O   . HOH B 2 .   ? -14.543 -1.569  -6.077  1.00 27.36 ? 197 HOH A O   1 
HETATM 1434 O O   . HOH B 2 .   ? -1.672  -9.634  2.733   1.00 23.97 ? 198 HOH A O   1 
HETATM 1435 O O   . HOH B 2 .   ? 16.774  -3.672  6.805   1.00 28.44 ? 199 HOH A O   1 
HETATM 1436 O O   . HOH B 2 .   ? -11.451 15.608  -4.306  1.00 32.31 ? 200 HOH A O   1 
HETATM 1437 O O   . HOH B 2 .   ? 13.164  9.917   6.391   1.00 28.30 ? 201 HOH A O   1 
HETATM 1438 O O   . HOH B 2 .   ? 2.812   -11.083 -10.592 1.00 30.74 ? 202 HOH A O   1 
HETATM 1439 O O   . HOH B 2 .   ? 5.210   -10.622 -9.501  1.00 26.75 ? 203 HOH A O   1 
HETATM 1440 O O   . HOH B 2 .   ? -8.853  9.454   10.774  1.00 46.51 ? 204 HOH A O   1 
HETATM 1441 O O   . HOH B 2 .   ? -4.707  -1.996  -13.040 1.00 35.84 ? 205 HOH A O   1 
HETATM 1442 O O   . HOH B 2 .   ? 4.133   -8.480  -8.054  1.00 25.44 ? 206 HOH A O   1 
HETATM 1443 O O   . HOH B 2 .   ? 7.030   -14.574 7.026   1.00 46.39 ? 207 HOH A O   1 
HETATM 1444 O O   . HOH B 2 .   ? -19.153 2.089   7.270   1.00 27.60 ? 208 HOH A O   1 
HETATM 1445 O O   . HOH B 2 .   ? -19.596 6.763   4.920   1.00 22.35 ? 209 HOH A O   1 
HETATM 1446 O O   . HOH B 2 .   ? 10.625  5.894   9.743   1.00 36.06 ? 210 HOH A O   1 
HETATM 1447 O O   . HOH B 2 .   ? 5.928   -7.030  -10.044 1.00 26.00 ? 211 HOH A O   1 
HETATM 1448 O O   . HOH B 2 .   ? 14.156  -14.304 0.283   1.00 30.31 ? 212 HOH A O   1 
HETATM 1449 O O   . HOH B 2 .   ? -20.936 5.341   -2.199  1.00 24.87 ? 213 HOH A O   1 
HETATM 1450 O O   . HOH B 2 .   ? 9.747   7.381   11.547  1.00 36.95 ? 214 HOH A O   1 
HETATM 1451 O O   . HOH B 2 .   ? 14.056  -2.767  -0.960  1.00 35.32 ? 215 HOH A O   1 
HETATM 1452 O O   . HOH B 2 .   ? 14.863  -6.761  -8.966  1.00 38.56 ? 216 HOH A O   1 
HETATM 1453 O O   . HOH B 2 .   ? 0.894   -4.662  15.253  1.00 32.97 ? 217 HOH A O   1 
HETATM 1454 O O   . HOH B 2 .   ? -1.259  11.856  4.797   1.00 36.01 ? 218 HOH A O   1 
HETATM 1455 O O   . HOH B 2 .   ? 18.820  0.998   11.528  1.00 36.17 ? 219 HOH A O   1 
HETATM 1456 O O   . HOH B 2 .   ? 16.640  -11.174 -3.348  1.00 32.81 ? 220 HOH A O   1 
HETATM 1457 O O   . HOH B 2 .   ? 16.968  5.907   -5.480  1.00 40.38 ? 221 HOH A O   1 
HETATM 1458 O O   . HOH B 2 .   ? 6.717   -9.141  -11.411 1.00 28.16 ? 222 HOH A O   1 
HETATM 1459 O O   . HOH B 2 .   ? 15.481  -16.837 -0.331  1.00 29.76 ? 223 HOH A O   1 
HETATM 1460 O O   . HOH B 2 .   ? -1.897  -9.106  12.560  1.00 42.80 ? 224 HOH A O   1 
HETATM 1461 O O   . HOH B 2 .   ? 7.529   5.272   -16.877 1.00 31.91 ? 225 HOH A O   1 
HETATM 1462 O O   . HOH B 2 .   ? -3.699  -11.306 3.591   1.00 44.29 ? 226 HOH A O   1 
HETATM 1463 O O   . HOH B 2 .   ? 20.633  -1.781  -4.867  1.00 37.46 ? 227 HOH A O   1 
HETATM 1464 O O   . HOH B 2 .   ? 13.718  -6.840  -11.243 1.00 39.02 ? 228 HOH A O   1 
HETATM 1465 O O   . HOH B 2 .   ? 17.128  2.751   12.420  1.00 48.34 ? 229 HOH A O   1 
HETATM 1466 O O   . HOH B 2 .   ? -3.264  12.708  3.170   1.00 41.02 ? 230 HOH A O   1 
HETATM 1467 O O   . HOH B 2 .   ? 19.965  0.483   -3.970  1.00 45.66 ? 231 HOH A O   1 
HETATM 1468 O O   . HOH B 2 .   ? 0.156   9.449   -17.344 1.00 32.69 ? 232 HOH A O   1 
HETATM 1469 O O   . HOH B 2 .   ? 14.589  -18.967 1.268   1.00 30.14 ? 233 HOH A O   1 
HETATM 1470 O O   . HOH B 2 .   ? -5.165  15.448  -1.813  1.00 39.11 ? 234 HOH A O   1 
HETATM 1471 O O   . HOH B 2 .   ? 16.755  -1.079  -10.191 1.00 41.11 ? 235 HOH A O   1 
HETATM 1472 O O   . HOH B 2 .   ? 12.876  -6.359  2.604   1.00 29.26 ? 236 HOH A O   1 
HETATM 1473 O O   . HOH B 2 .   ? -24.344 1.022   0.878   1.00 32.25 ? 237 HOH A O   1 
HETATM 1474 O O   . HOH B 2 .   ? 12.917  -9.033  5.660   1.00 39.31 ? 238 HOH A O   1 
HETATM 1475 O O   . HOH B 2 .   ? 8.961   3.803   6.650   1.00 24.87 ? 239 HOH A O   1 
HETATM 1476 O O   . HOH B 2 .   ? 3.550   -12.659 9.496   1.00 47.20 ? 240 HOH A O   1 
HETATM 1477 O O   . HOH B 2 .   ? -6.695  0.106   -10.369 1.00 37.45 ? 241 HOH A O   1 
HETATM 1478 O O   . HOH B 2 .   ? -16.259 -1.975  5.796   1.00 31.68 ? 242 HOH A O   1 
HETATM 1479 O O   . HOH B 2 .   ? -12.349 14.903  3.500   1.00 33.93 ? 243 HOH A O   1 
HETATM 1480 O O   . HOH B 2 .   ? 9.479   9.184   -1.743  1.00 50.67 ? 244 HOH A O   1 
HETATM 1481 O O   . HOH B 2 .   ? -12.257 16.888  1.958   1.00 33.70 ? 245 HOH A O   1 
# 
